data_2M0Z
#
_entry.id   2M0Z
#
loop_
_entity.id
_entity.type
_entity.pdbx_description
1 polymer 'Tyrosine-protein phosphatase non-receptor type 13'
2 non-polymer "3,3'-(E)-diazene-1,2-diylbis{6-[(chloroacetyl)amino]benzenesulfonic acid}"
#
_entity_poly.entity_id   1
_entity_poly.type   'polypeptide(L)'
_entity_poly.pdbx_seq_one_letter_code
;GPKPGDIFEVELAKNDNSLGICVTGGVNTSVRHGGIYVKAVIPQGAAESDGRIHKGDRVLAVNGVSLEGATHKQAVCTLR
NTGQVVHLLLEKGQSPT
;
_entity_poly.pdbx_strand_id   A
#
loop_
_chem_comp.id
_chem_comp.type
_chem_comp.name
_chem_comp.formula
33B non-polymer '3,3'-(E)-diazene-1,2-diylbis{6-[(chloroacetyl)amino]benzenesulfonic acid}' 'C16 H14 Cl2 N4 O8 S2'
#
# COMPACT_ATOMS: atom_id res chain seq x y z
N GLY A 1 11.79 3.17 -17.21
CA GLY A 1 11.20 3.05 -15.88
C GLY A 1 11.54 1.72 -15.35
N PRO A 2 11.04 1.41 -14.16
CA PRO A 2 11.21 0.09 -13.57
C PRO A 2 10.43 -0.90 -14.42
N LYS A 3 10.88 -2.18 -14.42
CA LYS A 3 10.28 -3.21 -15.26
C LYS A 3 9.00 -3.69 -14.59
N PRO A 4 8.11 -4.31 -15.39
CA PRO A 4 6.94 -4.97 -14.86
C PRO A 4 7.39 -6.18 -14.07
N GLY A 5 6.92 -6.31 -12.81
CA GLY A 5 7.29 -7.46 -12.01
C GLY A 5 8.48 -7.09 -11.19
N ASP A 6 8.79 -5.77 -11.11
CA ASP A 6 9.97 -5.33 -10.37
C ASP A 6 9.50 -5.10 -8.97
N ILE A 7 10.26 -5.58 -7.99
CA ILE A 7 9.93 -5.38 -6.61
C ILE A 7 10.68 -4.14 -6.25
N PHE A 8 10.01 -3.17 -5.62
CA PHE A 8 10.62 -1.92 -5.34
C PHE A 8 10.15 -1.50 -3.99
N GLU A 9 10.96 -0.70 -3.31
CA GLU A 9 10.66 -0.30 -1.98
C GLU A 9 10.29 1.15 -2.06
N VAL A 10 9.30 1.57 -1.28
CA VAL A 10 8.93 2.95 -1.20
C VAL A 10 8.92 3.26 0.24
N GLU A 11 9.58 4.35 0.63
CA GLU A 11 9.49 4.79 1.98
C GLU A 11 8.61 5.98 1.94
N LEU A 12 7.44 5.85 2.55
CA LEU A 12 6.42 6.84 2.38
C LEU A 12 6.43 7.65 3.61
N ALA A 13 6.68 8.96 3.46
CA ALA A 13 6.76 9.85 4.59
C ALA A 13 5.42 10.48 4.72
N LYS A 14 4.99 10.68 5.96
CA LYS A 14 3.68 11.27 6.23
C LYS A 14 3.92 12.70 6.59
N ASN A 15 4.93 13.30 5.95
CA ASN A 15 5.40 14.62 6.28
C ASN A 15 4.40 15.58 5.75
N ASP A 16 4.05 15.43 4.45
CA ASP A 16 3.19 16.40 3.75
C ASP A 16 1.86 16.46 4.43
N ASN A 17 1.15 15.33 4.55
CA ASN A 17 -0.15 15.37 5.16
C ASN A 17 -0.40 13.99 5.69
N SER A 18 -1.56 13.84 6.40
CA SER A 18 -2.10 12.59 6.91
C SER A 18 -2.01 11.50 5.85
N LEU A 19 -2.01 10.21 6.32
CA LEU A 19 -1.72 9.05 5.47
C LEU A 19 -2.66 9.06 4.32
N GLY A 20 -3.97 9.05 4.64
CA GLY A 20 -5.01 9.11 3.64
C GLY A 20 -4.90 7.94 2.71
N ILE A 21 -4.75 6.72 3.26
CA ILE A 21 -4.65 5.54 2.43
C ILE A 21 -5.67 4.58 3.00
N CYS A 22 -6.11 3.60 2.21
CA CYS A 22 -6.91 2.50 2.72
C CYS A 22 -6.53 1.39 1.82
N VAL A 23 -6.84 0.16 2.18
CA VAL A 23 -6.33 -0.96 1.45
C VAL A 23 -7.42 -1.99 1.46
N THR A 24 -7.26 -3.01 0.63
CA THR A 24 -8.19 -4.06 0.50
C THR A 24 -7.33 -5.26 0.22
N GLY A 25 -7.88 -6.48 0.30
CA GLY A 25 -7.08 -7.68 0.04
C GLY A 25 -7.01 -8.44 1.29
N GLY A 26 -6.21 -9.52 1.31
CA GLY A 26 -6.06 -10.32 2.50
C GLY A 26 -6.34 -11.75 2.16
N VAL A 27 -7.25 -12.37 2.95
CA VAL A 27 -7.54 -13.81 2.98
C VAL A 27 -8.32 -14.27 1.74
N ASN A 28 -8.29 -13.48 0.66
CA ASN A 28 -9.17 -13.65 -0.51
C ASN A 28 -10.38 -12.91 -0.22
N THR A 29 -10.15 -11.62 -0.15
CA THR A 29 -11.15 -10.62 -0.08
C THR A 29 -11.57 -10.43 -1.55
N SER A 30 -12.30 -9.33 -1.85
CA SER A 30 -12.82 -9.03 -3.18
C SER A 30 -11.77 -9.30 -4.29
N VAL A 31 -10.49 -8.96 -4.04
CA VAL A 31 -9.47 -9.13 -5.05
C VAL A 31 -9.01 -10.59 -5.03
N ARG A 32 -8.80 -11.18 -6.24
CA ARG A 32 -8.52 -12.61 -6.39
C ARG A 32 -7.13 -12.91 -5.88
N HIS A 33 -6.15 -12.06 -6.21
CA HIS A 33 -4.74 -12.34 -5.88
C HIS A 33 -4.54 -12.14 -4.39
N GLY A 34 -5.58 -11.65 -3.71
CA GLY A 34 -5.56 -11.40 -2.26
C GLY A 34 -4.59 -10.30 -1.91
N GLY A 35 -3.94 -9.69 -2.93
CA GLY A 35 -2.91 -8.69 -2.70
C GLY A 35 -3.48 -7.56 -1.95
N ILE A 36 -2.63 -6.89 -1.15
CA ILE A 36 -3.07 -5.79 -0.37
C ILE A 36 -3.03 -4.59 -1.28
N TYR A 37 -4.12 -4.36 -2.01
CA TYR A 37 -4.15 -3.29 -2.98
C TYR A 37 -4.59 -2.09 -2.27
N VAL A 38 -4.04 -0.93 -2.64
CA VAL A 38 -4.51 0.33 -2.13
C VAL A 38 -5.92 0.51 -2.66
N LYS A 39 -6.83 0.91 -1.77
CA LYS A 39 -8.24 0.88 -2.03
C LYS A 39 -8.64 2.28 -2.29
N ALA A 40 -8.15 3.21 -1.48
CA ALA A 40 -8.56 4.57 -1.60
C ALA A 40 -7.39 5.36 -1.25
N VAL A 41 -7.30 6.55 -1.84
CA VAL A 41 -6.26 7.46 -1.49
C VAL A 41 -6.94 8.80 -1.41
N ILE A 42 -6.68 9.53 -0.31
CA ILE A 42 -7.22 10.86 -0.14
C ILE A 42 -6.49 11.74 -1.15
N PRO A 43 -7.23 12.64 -1.84
CA PRO A 43 -6.63 13.55 -2.79
C PRO A 43 -5.57 14.36 -2.09
N GLN A 44 -4.34 14.31 -2.62
CA GLN A 44 -3.17 14.93 -2.03
C GLN A 44 -2.94 14.45 -0.59
N GLY A 45 -3.30 13.17 -0.29
CA GLY A 45 -2.91 12.53 0.94
C GLY A 45 -1.48 12.16 0.77
N ALA A 46 -0.86 11.51 1.77
CA ALA A 46 0.60 11.32 1.77
C ALA A 46 1.00 10.51 0.55
N ALA A 47 0.24 9.43 0.26
CA ALA A 47 0.58 8.54 -0.86
C ALA A 47 0.52 9.33 -2.16
N GLU A 48 -0.60 10.05 -2.39
CA GLU A 48 -0.85 10.73 -3.65
C GLU A 48 0.10 11.91 -3.78
N SER A 49 0.38 12.62 -2.68
CA SER A 49 1.25 13.77 -2.68
C SER A 49 2.66 13.30 -3.04
N ASP A 50 3.03 12.12 -2.53
CA ASP A 50 4.36 11.56 -2.81
C ASP A 50 4.37 11.11 -4.27
N GLY A 51 3.20 10.65 -4.75
CA GLY A 51 3.00 10.38 -6.18
C GLY A 51 3.46 9.00 -6.53
N ARG A 52 4.14 8.33 -5.61
CA ARG A 52 4.69 7.04 -5.90
C ARG A 52 3.62 6.01 -5.69
N ILE A 53 2.82 6.16 -4.64
CA ILE A 53 1.82 5.17 -4.34
C ILE A 53 0.50 5.79 -4.75
N HIS A 54 -0.35 4.99 -5.41
CA HIS A 54 -1.65 5.45 -5.82
C HIS A 54 -2.55 4.31 -5.53
N LYS A 55 -3.84 4.49 -5.86
CA LYS A 55 -4.82 3.45 -5.67
C LYS A 55 -4.49 2.32 -6.60
N GLY A 56 -4.78 1.11 -6.17
CA GLY A 56 -4.64 -0.03 -7.03
C GLY A 56 -3.23 -0.54 -6.97
N ASP A 57 -2.34 0.14 -6.21
CA ASP A 57 -0.97 -0.34 -6.10
C ASP A 57 -1.01 -1.43 -5.08
N ARG A 58 -0.06 -2.39 -5.10
CA ARG A 58 -0.19 -3.54 -4.22
C ARG A 58 0.98 -3.58 -3.32
N VAL A 59 0.68 -3.68 -2.02
CA VAL A 59 1.67 -3.73 -1.01
C VAL A 59 1.79 -5.20 -0.67
N LEU A 60 3.00 -5.61 -0.29
CA LEU A 60 3.19 -6.97 0.17
C LEU A 60 3.69 -6.90 1.57
N ALA A 61 4.66 -6.00 1.82
CA ALA A 61 5.22 -5.94 3.15
C ALA A 61 5.21 -4.53 3.61
N VAL A 62 5.29 -4.42 4.94
CA VAL A 62 5.22 -3.17 5.63
C VAL A 62 6.25 -3.29 6.70
N ASN A 63 7.33 -2.51 6.57
CA ASN A 63 8.49 -2.51 7.49
C ASN A 63 8.95 -3.92 7.82
N GLY A 64 8.92 -4.83 6.82
CA GLY A 64 9.51 -6.14 6.98
C GLY A 64 8.47 -7.10 7.46
N VAL A 65 7.20 -6.67 7.55
CA VAL A 65 6.16 -7.52 8.05
C VAL A 65 5.38 -7.91 6.85
N SER A 66 5.32 -9.21 6.58
CA SER A 66 4.51 -9.72 5.51
C SER A 66 3.07 -9.50 5.89
N LEU A 67 2.41 -8.59 5.18
CA LEU A 67 1.01 -8.26 5.48
C LEU A 67 0.11 -9.28 4.82
N GLU A 68 0.67 -10.06 3.87
CA GLU A 68 -0.08 -11.10 3.20
C GLU A 68 -0.55 -12.12 4.22
N GLY A 69 -1.74 -12.70 3.98
CA GLY A 69 -2.36 -13.60 4.93
C GLY A 69 -3.28 -12.84 5.82
N ALA A 70 -2.89 -11.61 6.23
CA ALA A 70 -3.69 -10.83 7.17
C ALA A 70 -4.93 -10.36 6.46
N THR A 71 -5.93 -9.88 7.22
CA THR A 71 -7.17 -9.50 6.61
C THR A 71 -7.07 -8.04 6.22
N HIS A 72 -8.12 -7.55 5.52
CA HIS A 72 -8.14 -6.20 5.03
C HIS A 72 -8.14 -5.26 6.20
N LYS A 73 -8.89 -5.59 7.30
CA LYS A 73 -8.90 -4.73 8.48
C LYS A 73 -7.50 -4.56 9.04
N GLN A 74 -6.69 -5.66 9.19
CA GLN A 74 -5.33 -5.51 9.72
C GLN A 74 -4.55 -4.65 8.78
N ALA A 75 -4.74 -4.84 7.47
CA ALA A 75 -3.97 -4.10 6.46
C ALA A 75 -4.19 -2.61 6.65
N VAL A 76 -5.45 -2.18 6.90
CA VAL A 76 -5.74 -0.77 7.09
C VAL A 76 -5.13 -0.36 8.42
N CYS A 77 -5.48 -1.09 9.49
CA CYS A 77 -5.04 -0.71 10.88
C CYS A 77 -3.51 -0.65 10.92
N THR A 78 -2.84 -1.41 10.04
CA THR A 78 -1.39 -1.45 10.02
C THR A 78 -0.92 -0.07 9.61
N LEU A 79 -1.39 0.42 8.43
CA LEU A 79 -0.99 1.75 7.93
C LEU A 79 -1.33 2.77 9.00
N ARG A 80 -2.60 2.77 9.42
CA ARG A 80 -3.12 3.62 10.50
C ARG A 80 -2.19 3.60 11.74
N ASN A 81 -1.54 2.46 12.05
CA ASN A 81 -0.72 2.35 13.28
C ASN A 81 0.76 2.62 12.94
N THR A 82 1.12 2.84 11.65
CA THR A 82 2.53 3.03 11.32
C THR A 82 2.90 4.48 11.55
N GLY A 83 4.21 4.77 11.48
CA GLY A 83 4.72 6.06 11.86
C GLY A 83 4.94 6.92 10.65
N GLN A 84 5.95 7.80 10.77
CA GLN A 84 6.16 8.89 9.87
C GLN A 84 6.79 8.34 8.64
N VAL A 85 7.90 7.60 8.79
CA VAL A 85 8.55 7.02 7.67
C VAL A 85 8.30 5.57 7.83
N VAL A 86 7.77 4.94 6.79
CA VAL A 86 7.41 3.56 6.88
C VAL A 86 7.98 2.98 5.65
N HIS A 87 8.47 1.75 5.74
CA HIS A 87 9.12 1.12 4.64
C HIS A 87 8.07 0.26 4.02
N LEU A 88 7.68 0.55 2.80
CA LEU A 88 6.61 -0.19 2.16
C LEU A 88 7.23 -0.91 1.03
N LEU A 89 6.86 -2.17 0.85
CA LEU A 89 7.42 -2.98 -0.20
C LEU A 89 6.32 -3.24 -1.16
N LEU A 90 6.55 -2.95 -2.45
CA LEU A 90 5.50 -3.10 -3.43
C LEU A 90 6.13 -3.80 -4.61
N GLU A 91 5.31 -4.48 -5.42
CA GLU A 91 5.82 -5.21 -6.56
C GLU A 91 4.99 -4.76 -7.72
N LYS A 92 5.65 -4.53 -8.87
CA LYS A 92 4.97 -4.02 -10.03
C LYS A 92 4.01 -5.03 -10.57
N GLY A 93 2.96 -4.51 -11.17
CA GLY A 93 1.89 -5.30 -11.72
C GLY A 93 0.67 -4.84 -11.00
N GLN A 94 0.54 -3.52 -10.90
CA GLN A 94 -0.54 -2.92 -10.17
C GLN A 94 -1.50 -2.41 -11.18
N SER A 95 -2.69 -2.01 -10.70
CA SER A 95 -3.73 -1.47 -11.54
C SER A 95 -3.28 -0.12 -12.03
N PRO A 96 -3.93 0.39 -13.09
CA PRO A 96 -3.67 1.71 -13.62
C PRO A 96 -4.05 2.74 -12.57
N THR A 97 -3.71 3.98 -12.85
CA THR A 97 -3.87 5.04 -11.92
C THR A 97 -5.23 5.69 -12.28
C1 33B B . -10.79 3.98 2.63
C2 33B B . -11.56 3.19 3.69
O2 33B B . -12.09 2.11 3.40
N3 33B B . -11.61 3.77 4.94
C4 33B B . -12.55 3.40 6.08
C5 33B B . -13.55 2.39 5.93
C6 33B B . -12.49 4.11 7.37
S6 33B B . -11.27 5.40 7.72
C7 33B B . -14.47 2.13 6.94
C8 33B B . -13.45 3.80 8.36
C9 33B B . -14.44 2.83 8.15
N10 33B B . -15.47 2.54 9.20
N11 33B B . -15.23 1.95 10.30
C12 33B B . -13.87 1.45 10.68
C13 33B B . -13.03 2.22 11.46
C14 33B B . -13.44 0.20 10.21
C15 33B B . -11.75 1.79 11.81
C16 33B B . -12.16 -0.30 10.52
C17 33B B . -11.26 0.52 11.37
S17 33B B . -11.70 -1.91 9.84
N18 33B B . -9.84 0.03 11.75
C19 33B B . -8.92 0.70 12.54
O19 33B B . -9.17 1.78 13.06
C20 33B B . -7.52 0.05 12.78
O61 33B B . -10.07 4.90 7.12
O62 33B B . -11.86 6.56 7.04
O63 33B B . -11.24 5.48 9.17
O71 33B B . -10.72 -2.40 10.76
O72 33B B . -12.96 -2.65 9.86
O73 33B B . -11.22 -1.58 8.53
HN3 33B B . -10.96 4.52 5.11
H5 33B B . -13.67 1.84 5.02
H7 33B B . -15.22 1.39 6.79
H8 33B B . -13.43 4.33 9.30
H1 33B B . -10.84 3.46 1.66
H13 33B B . -13.37 3.19 11.82
H14 33B B . -14.10 -0.38 9.59
H15 33B B . -11.18 2.46 12.41
HN18 33B B . -9.57 -0.87 11.39
H20 33B B . -6.78 0.76 12.38
H1A 33B B . -11.31 4.97 2.51
H20A 33B B . -7.34 -0.02 13.88
N GLY A 1 13.51 1.89 -13.69
CA GLY A 1 12.23 1.95 -12.99
C GLY A 1 11.77 0.56 -12.74
N PRO A 2 10.75 0.44 -11.89
CA PRO A 2 10.17 -0.84 -11.53
C PRO A 2 9.51 -1.46 -12.76
N LYS A 3 10.02 -2.61 -13.21
CA LYS A 3 9.47 -3.33 -14.34
C LYS A 3 8.42 -4.27 -13.74
N PRO A 4 7.54 -4.86 -14.57
CA PRO A 4 6.47 -5.75 -14.09
C PRO A 4 7.06 -6.91 -13.30
N GLY A 5 6.73 -6.98 -11.99
CA GLY A 5 7.16 -8.11 -11.17
C GLY A 5 8.40 -7.69 -10.44
N ASP A 6 8.72 -6.38 -10.46
CA ASP A 6 9.92 -5.90 -9.82
C ASP A 6 9.48 -5.42 -8.48
N ILE A 7 10.27 -5.74 -7.45
CA ILE A 7 9.95 -5.37 -6.10
C ILE A 7 10.75 -4.11 -5.85
N PHE A 8 10.13 -3.12 -5.21
CA PHE A 8 10.82 -1.89 -4.94
C PHE A 8 10.29 -1.40 -3.64
N GLU A 9 11.07 -0.55 -2.95
CA GLU A 9 10.64 -0.03 -1.67
C GLU A 9 10.20 1.37 -1.94
N VAL A 10 9.16 1.80 -1.25
CA VAL A 10 8.73 3.18 -1.29
C VAL A 10 8.80 3.61 0.13
N GLU A 11 9.48 4.74 0.39
CA GLU A 11 9.49 5.28 1.71
C GLU A 11 8.45 6.33 1.71
N LEU A 12 7.39 6.11 2.50
CA LEU A 12 6.28 6.99 2.50
C LEU A 12 6.40 7.78 3.74
N ALA A 13 6.48 9.10 3.58
CA ALA A 13 6.57 9.98 4.70
C ALA A 13 5.18 10.43 5.01
N LYS A 14 4.85 10.41 6.29
CA LYS A 14 3.59 10.93 6.81
C LYS A 14 3.84 12.37 7.16
N ASN A 15 4.67 13.06 6.34
CA ASN A 15 5.02 14.45 6.60
C ASN A 15 3.74 15.28 6.62
N ASP A 16 2.77 14.95 5.72
CA ASP A 16 1.48 15.65 5.72
C ASP A 16 0.68 15.14 6.91
N ASN A 17 -0.49 15.73 7.16
CA ASN A 17 -1.33 15.30 8.25
C ASN A 17 -2.05 14.09 7.78
N SER A 18 -2.64 14.19 6.58
CA SER A 18 -3.55 13.18 6.12
C SER A 18 -2.77 11.97 5.68
N LEU A 19 -2.99 10.82 6.36
CA LEU A 19 -2.38 9.57 5.97
C LEU A 19 -3.12 9.16 4.71
N GLY A 20 -4.45 9.03 4.89
CA GLY A 20 -5.40 8.87 3.82
C GLY A 20 -5.04 7.75 2.89
N ILE A 21 -4.76 6.56 3.44
CA ILE A 21 -4.53 5.42 2.59
C ILE A 21 -5.55 4.40 3.07
N CYS A 22 -5.96 3.50 2.18
CA CYS A 22 -6.76 2.37 2.59
C CYS A 22 -6.41 1.34 1.59
N VAL A 23 -6.72 0.09 1.90
CA VAL A 23 -6.20 -1.01 1.17
C VAL A 23 -7.29 -2.05 1.25
N THR A 24 -7.15 -3.09 0.45
CA THR A 24 -8.11 -4.13 0.39
C THR A 24 -7.30 -5.35 0.04
N GLY A 25 -7.89 -6.54 0.16
CA GLY A 25 -7.16 -7.77 -0.11
C GLY A 25 -7.11 -8.52 1.16
N GLY A 26 -6.33 -9.61 1.19
CA GLY A 26 -6.19 -10.38 2.40
C GLY A 26 -6.66 -11.77 2.13
N VAL A 27 -7.62 -12.23 2.95
CA VAL A 27 -8.06 -13.63 3.06
C VAL A 27 -8.89 -14.10 1.86
N ASN A 28 -8.77 -13.40 0.70
CA ASN A 28 -9.65 -13.62 -0.47
C ASN A 28 -10.82 -12.72 -0.33
N THR A 29 -10.48 -11.43 -0.41
CA THR A 29 -11.43 -10.36 -0.50
C THR A 29 -11.80 -10.30 -1.98
N SER A 30 -12.47 -9.23 -2.44
CA SER A 30 -12.98 -9.13 -3.79
C SER A 30 -11.87 -9.28 -4.83
N VAL A 31 -10.60 -8.95 -4.46
CA VAL A 31 -9.49 -9.16 -5.37
C VAL A 31 -9.13 -10.65 -5.32
N ARG A 32 -8.99 -11.26 -6.53
CA ARG A 32 -8.81 -12.70 -6.66
C ARG A 32 -7.56 -13.15 -5.93
N HIS A 33 -6.40 -12.54 -6.24
CA HIS A 33 -5.12 -13.04 -5.72
C HIS A 33 -4.96 -12.64 -4.26
N GLY A 34 -6.01 -12.02 -3.69
CA GLY A 34 -6.00 -11.59 -2.28
C GLY A 34 -4.87 -10.61 -2.01
N GLY A 35 -4.25 -10.06 -3.08
CA GLY A 35 -3.13 -9.14 -2.92
C GLY A 35 -3.62 -7.92 -2.21
N ILE A 36 -2.76 -7.28 -1.41
CA ILE A 36 -3.15 -6.11 -0.68
C ILE A 36 -3.07 -4.95 -1.65
N TYR A 37 -4.21 -4.57 -2.25
CA TYR A 37 -4.19 -3.49 -3.22
C TYR A 37 -4.57 -2.26 -2.51
N VAL A 38 -3.95 -1.14 -2.91
CA VAL A 38 -4.35 0.15 -2.44
C VAL A 38 -5.66 0.41 -3.14
N LYS A 39 -6.67 0.82 -2.36
CA LYS A 39 -8.03 0.84 -2.83
C LYS A 39 -8.37 2.25 -3.14
N ALA A 40 -7.90 3.17 -2.29
CA ALA A 40 -8.32 4.53 -2.38
C ALA A 40 -7.23 5.32 -1.79
N VAL A 41 -7.19 6.59 -2.16
CA VAL A 41 -6.25 7.52 -1.61
C VAL A 41 -7.02 8.81 -1.54
N ILE A 42 -6.81 9.58 -0.43
CA ILE A 42 -7.48 10.88 -0.28
C ILE A 42 -6.81 11.80 -1.28
N PRO A 43 -7.59 12.70 -1.88
CA PRO A 43 -7.05 13.83 -2.61
C PRO A 43 -6.09 14.58 -1.71
N GLN A 44 -4.79 14.53 -2.05
CA GLN A 44 -3.75 15.17 -1.30
C GLN A 44 -3.46 14.39 -0.04
N GLY A 45 -3.81 13.06 0.03
CA GLY A 45 -3.34 12.23 1.13
C GLY A 45 -1.84 12.06 0.98
N ALA A 46 -1.19 11.39 1.97
CA ALA A 46 0.27 11.25 2.01
C ALA A 46 0.71 10.49 0.80
N ALA A 47 -0.03 9.42 0.44
CA ALA A 47 0.33 8.55 -0.69
C ALA A 47 0.32 9.35 -1.97
N GLU A 48 -0.77 10.13 -2.22
CA GLU A 48 -0.91 10.85 -3.50
C GLU A 48 0.17 11.92 -3.58
N SER A 49 0.50 12.53 -2.43
CA SER A 49 1.49 13.59 -2.38
C SER A 49 2.84 12.99 -2.76
N ASP A 50 3.08 11.74 -2.29
CA ASP A 50 4.33 11.03 -2.55
C ASP A 50 4.41 10.73 -4.03
N GLY A 51 3.27 10.33 -4.63
CA GLY A 51 3.16 10.15 -6.07
C GLY A 51 3.50 8.73 -6.43
N ARG A 52 4.26 8.03 -5.58
CA ARG A 52 4.67 6.68 -5.90
C ARG A 52 3.51 5.77 -5.64
N ILE A 53 2.75 6.02 -4.57
CA ILE A 53 1.67 5.14 -4.22
C ILE A 53 0.38 5.84 -4.61
N HIS A 54 -0.47 5.13 -5.35
CA HIS A 54 -1.78 5.61 -5.65
C HIS A 54 -2.63 4.43 -5.55
N LYS A 55 -3.91 4.58 -5.86
CA LYS A 55 -4.78 3.44 -5.95
C LYS A 55 -4.35 2.64 -7.13
N GLY A 56 -4.49 1.32 -7.06
CA GLY A 56 -4.06 0.46 -8.16
C GLY A 56 -2.75 -0.16 -7.77
N ASP A 57 -1.99 0.52 -6.87
CA ASP A 57 -0.71 0.01 -6.41
C ASP A 57 -1.02 -1.05 -5.43
N ARG A 58 -0.09 -2.03 -5.23
CA ARG A 58 -0.40 -3.10 -4.32
C ARG A 58 0.80 -3.31 -3.46
N VAL A 59 0.55 -3.58 -2.18
CA VAL A 59 1.58 -3.65 -1.19
C VAL A 59 1.77 -5.11 -0.88
N LEU A 60 3.00 -5.50 -0.50
CA LEU A 60 3.22 -6.83 0.03
C LEU A 60 3.65 -6.68 1.45
N ALA A 61 4.59 -5.76 1.72
CA ALA A 61 5.10 -5.65 3.05
C ALA A 61 5.07 -4.24 3.51
N VAL A 62 5.16 -4.11 4.84
CA VAL A 62 5.10 -2.86 5.51
C VAL A 62 6.15 -2.96 6.56
N ASN A 63 7.25 -2.22 6.35
CA ASN A 63 8.43 -2.23 7.23
C ASN A 63 8.87 -3.65 7.54
N GLY A 64 8.79 -4.55 6.56
CA GLY A 64 9.30 -5.89 6.71
C GLY A 64 8.25 -6.78 7.31
N VAL A 65 6.99 -6.31 7.41
CA VAL A 65 5.95 -7.11 7.92
C VAL A 65 5.22 -7.56 6.72
N SER A 66 5.20 -8.87 6.49
CA SER A 66 4.48 -9.42 5.38
C SER A 66 3.01 -9.29 5.68
N LEU A 67 2.35 -8.43 4.92
CA LEU A 67 0.92 -8.20 5.10
C LEU A 67 0.18 -9.19 4.26
N GLU A 68 0.88 -10.03 3.48
CA GLU A 68 0.19 -11.04 2.70
C GLU A 68 -0.47 -11.99 3.70
N GLY A 69 -1.65 -12.50 3.37
CA GLY A 69 -2.37 -13.37 4.28
C GLY A 69 -3.18 -12.57 5.29
N ALA A 70 -2.68 -11.38 5.72
CA ALA A 70 -3.35 -10.59 6.75
C ALA A 70 -4.64 -10.07 6.17
N THR A 71 -5.56 -9.65 7.04
CA THR A 71 -6.86 -9.29 6.59
C THR A 71 -6.82 -7.87 6.08
N HIS A 72 -7.93 -7.45 5.42
CA HIS A 72 -8.03 -6.13 4.84
C HIS A 72 -7.93 -5.10 5.92
N LYS A 73 -8.64 -5.33 7.06
CA LYS A 73 -8.57 -4.37 8.15
C LYS A 73 -7.17 -4.26 8.69
N GLN A 74 -6.41 -5.40 8.90
CA GLN A 74 -5.04 -5.29 9.47
C GLN A 74 -4.18 -4.52 8.52
N ALA A 75 -4.40 -4.69 7.21
CA ALA A 75 -3.59 -3.99 6.21
C ALA A 75 -3.72 -2.48 6.43
N VAL A 76 -4.94 -2.03 6.82
CA VAL A 76 -5.16 -0.62 7.12
C VAL A 76 -4.50 -0.33 8.46
N CYS A 77 -4.89 -1.12 9.53
CA CYS A 77 -4.45 -0.79 10.95
C CYS A 77 -2.91 -0.68 10.98
N THR A 78 -2.27 -1.44 10.08
CA THR A 78 -0.82 -1.55 10.12
C THR A 78 -0.25 -0.22 9.73
N LEU A 79 -0.66 0.32 8.55
CA LEU A 79 -0.15 1.60 8.05
C LEU A 79 -0.36 2.65 9.12
N ARG A 80 -1.61 2.81 9.55
CA ARG A 80 -1.96 3.75 10.63
C ARG A 80 -1.00 3.63 11.83
N ASN A 81 -0.71 2.41 12.32
CA ASN A 81 0.13 2.26 13.53
C ASN A 81 1.63 2.34 13.19
N THR A 82 2.01 2.60 11.91
CA THR A 82 3.44 2.72 11.59
C THR A 82 3.89 4.13 11.94
N GLY A 83 5.22 4.38 11.83
CA GLY A 83 5.81 5.65 12.20
C GLY A 83 5.60 6.64 11.08
N GLN A 84 6.38 7.74 11.12
CA GLN A 84 6.21 8.83 10.20
C GLN A 84 6.92 8.48 8.94
N VAL A 85 8.04 7.75 9.03
CA VAL A 85 8.73 7.31 7.84
C VAL A 85 8.62 5.83 7.89
N VAL A 86 8.14 5.23 6.81
CA VAL A 86 7.88 3.83 6.81
C VAL A 86 8.48 3.34 5.53
N HIS A 87 8.91 2.08 5.52
CA HIS A 87 9.35 1.47 4.30
C HIS A 87 8.21 0.62 3.89
N LEU A 88 7.71 0.83 2.68
CA LEU A 88 6.61 0.08 2.19
C LEU A 88 7.16 -0.66 1.05
N LEU A 89 6.79 -1.94 0.92
CA LEU A 89 7.37 -2.76 -0.09
C LEU A 89 6.28 -3.05 -1.05
N LEU A 90 6.51 -2.76 -2.33
CA LEU A 90 5.48 -2.89 -3.30
C LEU A 90 6.08 -3.64 -4.44
N GLU A 91 5.24 -4.35 -5.19
CA GLU A 91 5.69 -5.14 -6.30
C GLU A 91 4.93 -4.64 -7.46
N LYS A 92 5.62 -4.40 -8.57
CA LYS A 92 5.04 -3.86 -9.73
C LYS A 92 4.08 -4.88 -10.32
N GLY A 93 3.00 -4.36 -10.83
CA GLY A 93 1.94 -5.18 -11.37
C GLY A 93 0.71 -4.51 -10.93
N GLN A 94 0.60 -3.23 -11.29
CA GLN A 94 -0.50 -2.44 -10.87
C GLN A 94 -1.53 -2.58 -11.93
N SER A 95 -2.80 -2.80 -11.54
CA SER A 95 -3.86 -2.85 -12.48
C SER A 95 -4.50 -1.49 -12.40
N PRO A 96 -5.04 -0.99 -13.52
CA PRO A 96 -5.84 0.22 -13.52
C PRO A 96 -7.16 -0.10 -12.86
N THR A 97 -7.28 0.08 -11.54
CA THR A 97 -8.47 -0.25 -10.87
C THR A 97 -9.37 1.00 -10.96
C1 33B B . -10.50 4.15 2.94
C2 33B B . -11.06 3.05 2.01
O2 33B B . -10.92 3.18 0.79
N3 33B B . -11.70 1.91 2.48
C4 33B B . -12.39 1.63 3.85
C5 33B B . -12.49 2.60 4.89
C6 33B B . -13.08 0.33 4.08
S6 33B B . -13.05 -1.04 2.90
C7 33B B . -13.27 2.36 6.03
C8 33B B . -13.84 0.16 5.25
C9 33B B . -13.96 1.16 6.21
N10 33B B . -14.92 0.95 7.36
N11 33B B . -14.59 0.69 8.55
C12 33B B . -13.19 0.54 9.08
C13 33B B . -12.79 -0.68 9.64
C14 33B B . -12.32 1.63 9.10
C15 33B B . -11.54 -0.82 10.23
C16 33B B . -11.04 1.55 9.67
C17 33B B . -10.63 0.27 10.30
S17 33B B . -10.05 3.05 9.68
N18 33B B . -9.26 0.14 11.02
C19 33B B . -8.85 -0.95 11.77
O19 33B B . -9.58 -1.90 12.05
C20 33B B . -7.40 -0.88 12.30
O61 33B B . -12.68 -0.46 1.66
O62 33B B . -12.08 -1.95 3.48
O63 33B B . -14.42 -1.51 2.95
O71 33B B . -10.11 3.52 8.32
O72 33B B . -10.76 3.90 10.62
O73 33B B . -8.74 2.64 10.12
HN3 33B B . -11.78 1.14 1.83
H5 33B B . -12.03 3.56 4.86
H7 33B B . -13.35 3.14 6.77
H8 33B B . -14.37 -0.77 5.38
H1 33B B . -10.12 4.94 2.25
H13 33B B . -13.46 -1.52 9.64
H14 33B B . -12.64 2.57 8.70
H15 33B B . -11.31 -1.80 10.64
HN18 33B B . -8.65 0.93 10.94
H20 33B B . -6.89 -0.01 11.86
H1A 33B B . -11.26 4.66 3.54
H20A 33B B . -7.42 -0.76 13.40
N GLY A 1 12.48 3.21 -12.96
CA GLY A 1 11.34 3.43 -12.07
C GLY A 1 10.69 2.13 -11.83
N PRO A 2 9.59 2.17 -11.08
CA PRO A 2 8.82 0.99 -10.74
C PRO A 2 8.18 0.45 -12.02
N LYS A 3 8.77 -0.62 -12.60
CA LYS A 3 8.27 -1.20 -13.83
C LYS A 3 7.10 -2.08 -13.43
N PRO A 4 6.22 -2.43 -14.39
CA PRO A 4 5.06 -3.28 -14.11
C PRO A 4 5.52 -4.64 -13.63
N GLY A 5 5.19 -4.99 -12.37
CA GLY A 5 5.52 -6.29 -11.84
C GLY A 5 6.86 -6.20 -11.15
N ASP A 6 7.34 -4.96 -10.92
CA ASP A 6 8.60 -4.75 -10.27
C ASP A 6 8.26 -4.56 -8.83
N ILE A 7 9.09 -5.11 -7.93
CA ILE A 7 8.90 -4.96 -6.53
C ILE A 7 9.70 -3.75 -6.18
N PHE A 8 9.10 -2.80 -5.49
CA PHE A 8 9.76 -1.57 -5.19
C PHE A 8 9.43 -1.25 -3.79
N GLU A 9 10.38 -0.63 -3.08
CA GLU A 9 10.20 -0.29 -1.75
C GLU A 9 9.95 1.18 -1.76
N VAL A 10 9.01 1.64 -0.95
CA VAL A 10 8.71 3.03 -0.89
C VAL A 10 8.79 3.39 0.52
N GLU A 11 9.51 4.46 0.79
CA GLU A 11 9.53 4.98 2.11
C GLU A 11 8.59 6.12 2.08
N LEU A 12 7.56 6.04 2.90
CA LEU A 12 6.50 6.97 2.85
C LEU A 12 6.65 7.82 4.07
N ALA A 13 6.79 9.14 3.87
CA ALA A 13 6.93 10.03 4.97
C ALA A 13 5.58 10.63 5.24
N LYS A 14 5.22 10.67 6.52
CA LYS A 14 3.97 11.24 6.99
C LYS A 14 4.27 12.65 7.42
N ASN A 15 5.19 13.32 6.71
CA ASN A 15 5.65 14.67 7.10
C ASN A 15 4.45 15.62 7.11
N ASP A 16 3.38 15.31 6.32
CA ASP A 16 2.15 16.10 6.40
C ASP A 16 1.32 15.49 7.51
N ASN A 17 0.03 15.21 7.26
CA ASN A 17 -0.83 14.71 8.36
C ASN A 17 -1.50 13.45 7.90
N SER A 18 -2.14 13.48 6.74
CA SER A 18 -2.97 12.37 6.34
C SER A 18 -2.09 11.33 5.71
N LEU A 19 -2.34 10.03 5.99
CA LEU A 19 -1.60 8.97 5.34
C LEU A 19 -2.11 8.94 3.93
N GLY A 20 -3.42 8.70 3.85
CA GLY A 20 -4.16 8.96 2.67
C GLY A 20 -4.23 7.70 1.88
N ILE A 21 -4.09 6.55 2.55
CA ILE A 21 -4.21 5.30 1.87
C ILE A 21 -5.28 4.56 2.57
N CYS A 22 -5.86 3.58 1.85
CA CYS A 22 -6.67 2.57 2.46
C CYS A 22 -6.52 1.43 1.52
N VAL A 23 -6.89 0.21 1.94
CA VAL A 23 -6.40 -0.96 1.28
C VAL A 23 -7.53 -1.98 1.34
N THR A 24 -7.37 -3.05 0.53
CA THR A 24 -8.36 -4.09 0.40
C THR A 24 -7.56 -5.37 0.25
N GLY A 25 -8.20 -6.54 0.40
CA GLY A 25 -7.52 -7.81 0.16
C GLY A 25 -7.43 -8.54 1.45
N GLY A 26 -6.54 -9.56 1.52
CA GLY A 26 -6.29 -10.23 2.76
C GLY A 26 -6.47 -11.70 2.61
N VAL A 27 -7.31 -12.27 3.53
CA VAL A 27 -7.52 -13.71 3.81
C VAL A 27 -8.00 -14.56 2.63
N ASN A 28 -7.87 -14.07 1.40
CA ASN A 28 -8.56 -14.63 0.21
C ASN A 28 -9.86 -13.96 0.17
N THR A 29 -9.75 -12.67 -0.04
CA THR A 29 -10.83 -11.77 -0.21
C THR A 29 -11.12 -11.80 -1.70
N SER A 30 -11.91 -10.85 -2.20
CA SER A 30 -12.36 -10.82 -3.57
C SER A 30 -11.17 -10.79 -4.55
N VAL A 31 -9.96 -10.38 -4.08
CA VAL A 31 -8.79 -10.41 -4.92
C VAL A 31 -8.17 -11.79 -4.80
N ARG A 32 -7.88 -12.41 -5.96
CA ARG A 32 -7.44 -13.80 -6.05
C ARG A 32 -6.04 -13.93 -5.48
N HIS A 33 -5.21 -12.90 -5.68
CA HIS A 33 -3.82 -12.90 -5.23
C HIS A 33 -3.82 -12.75 -3.71
N GLY A 34 -4.98 -12.32 -3.13
CA GLY A 34 -5.10 -12.07 -1.68
C GLY A 34 -4.19 -10.95 -1.26
N GLY A 35 -3.58 -10.26 -2.25
CA GLY A 35 -2.61 -9.23 -1.97
C GLY A 35 -3.34 -8.06 -1.40
N ILE A 36 -2.62 -7.19 -0.71
CA ILE A 36 -3.23 -6.07 -0.09
C ILE A 36 -3.16 -4.96 -1.11
N TYR A 37 -4.23 -4.77 -1.89
CA TYR A 37 -4.17 -3.81 -2.97
C TYR A 37 -4.51 -2.49 -2.42
N VAL A 38 -3.90 -1.44 -2.98
CA VAL A 38 -4.26 -0.10 -2.64
C VAL A 38 -5.66 0.12 -3.18
N LYS A 39 -6.57 0.61 -2.30
CA LYS A 39 -7.97 0.69 -2.64
C LYS A 39 -8.31 2.11 -2.91
N ALA A 40 -7.80 2.99 -2.05
CA ALA A 40 -8.20 4.37 -2.12
C ALA A 40 -6.98 5.14 -1.90
N VAL A 41 -6.89 6.29 -2.58
CA VAL A 41 -5.82 7.20 -2.35
C VAL A 41 -6.52 8.51 -2.08
N ILE A 42 -6.30 9.08 -0.90
CA ILE A 42 -6.92 10.33 -0.53
C ILE A 42 -6.21 11.41 -1.35
N PRO A 43 -6.99 12.34 -1.94
CA PRO A 43 -6.45 13.42 -2.73
C PRO A 43 -5.50 14.24 -1.89
N GLN A 44 -4.23 14.34 -2.34
CA GLN A 44 -3.19 15.10 -1.67
C GLN A 44 -2.86 14.48 -0.33
N GLY A 45 -3.16 13.17 -0.16
CA GLY A 45 -2.67 12.45 0.99
C GLY A 45 -1.20 12.20 0.76
N ALA A 46 -0.52 11.62 1.78
CA ALA A 46 0.93 11.48 1.74
C ALA A 46 1.30 10.58 0.61
N ALA A 47 0.47 9.55 0.35
CA ALA A 47 0.72 8.61 -0.73
C ALA A 47 0.74 9.35 -2.05
N GLU A 48 -0.29 10.17 -2.29
CA GLU A 48 -0.46 10.83 -3.57
C GLU A 48 0.61 11.90 -3.75
N SER A 49 0.99 12.56 -2.65
CA SER A 49 2.01 13.61 -2.70
C SER A 49 3.34 12.95 -3.01
N ASP A 50 3.56 11.74 -2.44
CA ASP A 50 4.77 10.96 -2.72
C ASP A 50 4.71 10.55 -4.17
N GLY A 51 3.56 10.03 -4.60
CA GLY A 51 3.32 9.75 -6.01
C GLY A 51 3.81 8.39 -6.39
N ARG A 52 4.73 7.80 -5.61
CA ARG A 52 5.35 6.54 -6.01
C ARG A 52 4.31 5.46 -5.83
N ILE A 53 3.49 5.58 -4.79
CA ILE A 53 2.39 4.67 -4.60
C ILE A 53 1.18 5.32 -5.25
N HIS A 54 0.40 4.54 -6.01
CA HIS A 54 -0.76 5.07 -6.68
C HIS A 54 -1.79 3.98 -6.65
N LYS A 55 -3.01 4.28 -7.15
CA LYS A 55 -4.04 3.26 -7.26
C LYS A 55 -3.57 2.28 -8.29
N GLY A 56 -3.74 0.96 -8.04
CA GLY A 56 -3.31 -0.04 -9.00
C GLY A 56 -2.15 -0.76 -8.39
N ASP A 57 -1.52 -0.15 -7.37
CA ASP A 57 -0.37 -0.76 -6.71
C ASP A 57 -0.87 -1.78 -5.75
N ARG A 58 0.00 -2.77 -5.45
CA ARG A 58 -0.33 -3.81 -4.52
C ARG A 58 0.69 -3.70 -3.45
N VAL A 59 0.29 -3.77 -2.18
CA VAL A 59 1.20 -3.75 -1.09
C VAL A 59 1.34 -5.19 -0.70
N LEU A 60 2.55 -5.61 -0.29
CA LEU A 60 2.72 -6.95 0.20
C LEU A 60 3.18 -6.85 1.60
N ALA A 61 4.17 -5.99 1.86
CA ALA A 61 4.74 -5.94 3.19
C ALA A 61 4.78 -4.55 3.66
N VAL A 62 4.98 -4.45 4.97
CA VAL A 62 5.06 -3.20 5.67
C VAL A 62 6.12 -3.43 6.67
N ASN A 63 7.26 -2.75 6.52
CA ASN A 63 8.42 -2.89 7.42
C ASN A 63 8.83 -4.36 7.53
N GLY A 64 8.64 -5.15 6.45
CA GLY A 64 9.09 -6.53 6.44
C GLY A 64 8.08 -7.42 7.11
N VAL A 65 6.86 -6.90 7.39
CA VAL A 65 5.84 -7.70 7.99
C VAL A 65 5.00 -8.17 6.84
N SER A 66 4.83 -9.50 6.73
CA SER A 66 3.95 -10.07 5.73
C SER A 66 2.55 -9.61 6.07
N LEU A 67 2.03 -8.64 5.30
CA LEU A 67 0.72 -8.10 5.57
C LEU A 67 -0.27 -8.90 4.79
N GLU A 68 0.20 -9.58 3.72
CA GLU A 68 -0.65 -10.46 2.95
C GLU A 68 -1.16 -11.55 3.86
N GLY A 69 -2.40 -12.01 3.62
CA GLY A 69 -3.05 -12.94 4.52
C GLY A 69 -3.78 -12.18 5.59
N ALA A 70 -3.24 -11.01 6.04
CA ALA A 70 -3.87 -10.26 7.12
C ALA A 70 -5.14 -9.69 6.59
N THR A 71 -6.03 -9.30 7.49
CA THR A 71 -7.34 -8.90 7.06
C THR A 71 -7.28 -7.49 6.48
N HIS A 72 -8.39 -7.08 5.83
CA HIS A 72 -8.49 -5.77 5.22
C HIS A 72 -8.41 -4.76 6.34
N LYS A 73 -9.11 -5.03 7.48
CA LYS A 73 -9.00 -4.18 8.66
C LYS A 73 -7.56 -4.06 9.08
N GLN A 74 -6.84 -5.20 9.23
CA GLN A 74 -5.49 -5.19 9.79
C GLN A 74 -4.58 -4.42 8.89
N ALA A 75 -4.78 -4.56 7.57
CA ALA A 75 -3.97 -3.86 6.58
C ALA A 75 -4.07 -2.37 6.81
N VAL A 76 -5.28 -1.90 7.17
CA VAL A 76 -5.48 -0.49 7.45
C VAL A 76 -4.83 -0.20 8.81
N CYS A 77 -5.20 -1.00 9.88
CA CYS A 77 -4.71 -0.72 11.30
C CYS A 77 -3.19 -0.61 11.29
N THR A 78 -2.55 -1.31 10.33
CA THR A 78 -1.11 -1.39 10.28
C THR A 78 -0.60 -0.01 9.96
N LEU A 79 -1.07 0.56 8.81
CA LEU A 79 -0.61 1.85 8.34
C LEU A 79 -0.84 2.88 9.42
N ARG A 80 -2.08 3.00 9.86
CA ARG A 80 -2.46 3.90 10.98
C ARG A 80 -1.55 3.78 12.20
N ASN A 81 -0.91 2.62 12.46
CA ASN A 81 -0.11 2.46 13.68
C ASN A 81 1.37 2.63 13.34
N THR A 82 1.69 2.97 12.08
CA THR A 82 3.09 3.14 11.71
C THR A 82 3.53 4.56 12.08
N GLY A 83 4.85 4.79 12.00
CA GLY A 83 5.43 6.04 12.43
C GLY A 83 5.48 6.96 11.25
N GLN A 84 6.48 7.88 11.26
CA GLN A 84 6.54 8.94 10.29
C GLN A 84 7.11 8.39 9.04
N VAL A 85 8.17 7.57 9.14
CA VAL A 85 8.82 7.05 7.97
C VAL A 85 8.56 5.59 8.01
N VAL A 86 7.95 5.04 6.95
CA VAL A 86 7.55 3.66 6.96
C VAL A 86 8.12 3.07 5.73
N HIS A 87 8.49 1.79 5.78
CA HIS A 87 8.97 1.10 4.61
C HIS A 87 7.80 0.32 4.11
N LEU A 88 7.34 0.65 2.92
CA LEU A 88 6.21 -0.04 2.35
C LEU A 88 6.77 -0.80 1.22
N LEU A 89 6.39 -2.07 1.09
CA LEU A 89 6.94 -2.89 0.05
C LEU A 89 5.80 -3.18 -0.85
N LEU A 90 5.95 -2.87 -2.13
CA LEU A 90 4.86 -2.95 -3.04
C LEU A 90 5.34 -3.64 -4.23
N GLU A 91 4.42 -4.20 -5.01
CA GLU A 91 4.74 -4.77 -6.28
C GLU A 91 3.85 -4.04 -7.21
N LYS A 92 4.41 -3.60 -8.34
CA LYS A 92 3.64 -2.87 -9.30
C LYS A 92 2.59 -3.75 -9.90
N GLY A 93 1.51 -3.11 -10.29
CA GLY A 93 0.41 -3.78 -10.87
C GLY A 93 0.34 -3.30 -12.25
N GLN A 94 -0.75 -3.60 -12.94
CA GLN A 94 -0.91 -3.18 -14.30
C GLN A 94 -1.20 -1.71 -14.30
N SER A 95 -0.89 -1.08 -15.41
CA SER A 95 -1.30 0.28 -15.67
C SER A 95 -2.76 0.17 -16.13
N PRO A 96 -3.50 1.30 -16.14
CA PRO A 96 -4.90 1.32 -16.58
C PRO A 96 -4.99 0.77 -17.99
N THR A 97 -5.50 -0.46 -18.11
CA THR A 97 -5.57 -1.15 -19.35
C THR A 97 -7.06 -1.47 -19.54
C1 33B B . -10.24 4.65 2.95
C2 33B B . -11.11 3.49 3.42
O2 33B B . -11.39 2.58 2.63
N3 33B B . -11.58 3.53 4.73
C4 33B B . -12.34 2.40 5.45
C5 33B B . -12.54 1.14 4.83
C6 33B B . -12.89 2.59 6.81
S6 33B B . -12.74 4.09 7.77
C7 33B B . -13.25 0.13 5.47
C8 33B B . -13.62 1.53 7.38
C9 33B B . -13.80 0.32 6.73
N10 33B B . -14.60 -0.79 7.35
N11 33B B . -14.34 -1.32 8.48
C12 33B B . -13.19 -0.95 9.38
C13 33B B . -11.87 -0.94 8.90
C14 33B B . -13.44 -0.67 10.72
C15 33B B . -10.80 -0.67 9.74
C16 33B B . -12.40 -0.41 11.64
C17 33B B . -11.00 -0.42 11.14
S17 33B B . -12.84 -0.06 13.35
N18 33B B . -9.82 -0.25 12.10
C19 33B B . -8.49 -0.25 11.72
O19 33B B . -8.11 0.00 10.58
C20 33B B . -7.47 -0.62 12.80
O61 33B B . -14.12 4.56 7.83
O62 33B B . -12.22 3.59 9.02
O63 33B B . -11.84 4.93 7.04
O71 33B B . -11.81 -0.71 14.11
O72 33B B . -12.84 1.38 13.39
O73 33B B . -14.15 -0.68 13.48
HN3 33B B . -11.41 4.38 5.25
H5 33B B . -12.16 0.90 3.86
H7 33B B . -13.39 -0.81 4.98
H8 33B B . -14.05 1.66 8.37
H1 33B B . -10.24 4.70 1.85
H13 33B B . -11.67 -1.16 7.86
H14 33B B . -14.46 -0.68 11.06
H15 33B B . -9.82 -0.70 9.31
HN18 33B B . -10.01 -0.16 13.09
H20 33B B . -6.71 0.17 12.87
H1A 33B B . -10.67 5.61 3.33
H20A 33B B . -7.97 -0.68 13.80
N GLY A 1 12.01 1.72 -17.60
CA GLY A 1 11.14 2.18 -16.52
C GLY A 1 10.86 1.03 -15.62
N PRO A 2 10.06 1.30 -14.57
CA PRO A 2 9.66 0.30 -13.62
C PRO A 2 8.75 -0.68 -14.32
N LYS A 3 9.07 -1.98 -14.27
CA LYS A 3 8.21 -2.96 -14.93
C LYS A 3 7.07 -3.22 -13.97
N PRO A 4 5.95 -3.69 -14.50
CA PRO A 4 4.88 -4.18 -13.66
C PRO A 4 5.38 -5.45 -12.98
N GLY A 5 5.01 -5.63 -11.72
CA GLY A 5 5.41 -6.85 -11.00
C GLY A 5 6.79 -6.63 -10.45
N ASP A 6 7.24 -5.37 -10.48
CA ASP A 6 8.55 -5.02 -9.95
C ASP A 6 8.31 -4.70 -8.53
N ILE A 7 9.16 -5.18 -7.64
CA ILE A 7 8.98 -4.99 -6.24
C ILE A 7 9.79 -3.77 -5.93
N PHE A 8 9.20 -2.81 -5.23
CA PHE A 8 9.88 -1.58 -4.97
C PHE A 8 9.59 -1.19 -3.57
N GLU A 9 10.56 -0.48 -2.95
CA GLU A 9 10.44 -0.09 -1.59
C GLU A 9 10.07 1.36 -1.65
N VAL A 10 9.11 1.77 -0.81
CA VAL A 10 8.74 3.16 -0.74
C VAL A 10 8.86 3.53 0.69
N GLU A 11 9.48 4.68 0.96
CA GLU A 11 9.45 5.21 2.28
C GLU A 11 8.53 6.37 2.22
N LEU A 12 7.37 6.20 2.85
CA LEU A 12 6.31 7.12 2.74
C LEU A 12 6.33 7.91 3.99
N ALA A 13 6.48 9.24 3.86
CA ALA A 13 6.54 10.09 5.01
C ALA A 13 5.13 10.46 5.33
N LYS A 14 4.76 10.30 6.60
CA LYS A 14 3.45 10.60 7.13
C LYS A 14 3.46 12.07 7.52
N ASN A 15 4.23 12.89 6.77
CA ASN A 15 4.45 14.30 7.14
C ASN A 15 3.18 15.07 6.91
N ASP A 16 2.23 14.47 6.16
CA ASP A 16 0.91 15.03 5.99
C ASP A 16 0.13 14.65 7.24
N ASN A 17 -1.18 14.57 7.15
CA ASN A 17 -2.00 14.17 8.26
C ASN A 17 -2.68 12.93 7.80
N SER A 18 -3.08 12.95 6.51
CA SER A 18 -3.77 11.84 5.94
C SER A 18 -2.74 10.76 5.66
N LEU A 19 -3.18 9.48 5.71
CA LEU A 19 -2.28 8.34 5.49
C LEU A 19 -1.95 8.30 4.03
N GLY A 20 -2.78 8.97 3.23
CA GLY A 20 -2.64 8.97 1.80
C GLY A 20 -3.16 7.70 1.19
N ILE A 21 -3.00 6.58 1.88
CA ILE A 21 -3.29 5.31 1.29
C ILE A 21 -4.53 4.80 1.99
N CYS A 22 -5.25 3.87 1.32
CA CYS A 22 -6.22 3.05 1.99
C CYS A 22 -6.11 1.77 1.24
N VAL A 23 -6.48 0.64 1.86
CA VAL A 23 -6.12 -0.63 1.28
C VAL A 23 -7.31 -1.55 1.30
N THR A 24 -7.20 -2.57 0.45
CA THR A 24 -8.21 -3.55 0.28
C THR A 24 -7.43 -4.81 0.02
N GLY A 25 -8.06 -6.00 0.10
CA GLY A 25 -7.34 -7.23 -0.21
C GLY A 25 -6.84 -7.80 1.08
N GLY A 26 -7.20 -9.07 1.39
CA GLY A 26 -6.59 -9.78 2.47
C GLY A 26 -6.78 -11.28 2.24
N VAL A 27 -7.55 -11.94 3.17
CA VAL A 27 -7.60 -13.43 3.38
C VAL A 27 -8.23 -14.21 2.22
N ASN A 28 -8.30 -13.66 1.01
CA ASN A 28 -9.18 -14.18 -0.07
C ASN A 28 -10.50 -13.51 0.10
N THR A 29 -10.40 -12.22 -0.10
CA THR A 29 -11.50 -11.34 -0.28
C THR A 29 -11.68 -11.35 -1.79
N SER A 30 -12.45 -10.41 -2.35
CA SER A 30 -12.71 -10.29 -3.79
C SER A 30 -11.46 -10.57 -4.66
N VAL A 31 -10.24 -10.22 -4.18
CA VAL A 31 -9.06 -10.43 -4.98
C VAL A 31 -8.45 -11.79 -4.61
N ARG A 32 -8.12 -12.56 -5.66
CA ARG A 32 -7.76 -13.98 -5.57
C ARG A 32 -6.48 -14.18 -4.79
N HIS A 33 -5.36 -13.56 -5.21
CA HIS A 33 -4.07 -13.85 -4.56
C HIS A 33 -3.98 -13.06 -3.28
N GLY A 34 -5.06 -12.37 -2.91
CA GLY A 34 -5.12 -11.65 -1.67
C GLY A 34 -4.16 -10.52 -1.74
N GLY A 35 -3.96 -9.95 -2.95
CA GLY A 35 -3.09 -8.80 -3.09
C GLY A 35 -3.66 -7.70 -2.28
N ILE A 36 -2.85 -7.13 -1.36
CA ILE A 36 -3.33 -6.05 -0.55
C ILE A 36 -3.18 -4.82 -1.42
N TYR A 37 -4.21 -4.50 -2.19
CA TYR A 37 -4.08 -3.46 -3.17
C TYR A 37 -4.35 -2.18 -2.51
N VAL A 38 -3.65 -1.14 -2.97
CA VAL A 38 -3.98 0.19 -2.61
C VAL A 38 -5.34 0.46 -3.22
N LYS A 39 -6.28 0.90 -2.39
CA LYS A 39 -7.66 0.99 -2.76
C LYS A 39 -7.87 2.35 -3.30
N ALA A 40 -7.22 3.31 -2.67
CA ALA A 40 -7.46 4.67 -2.99
C ALA A 40 -6.21 5.37 -2.69
N VAL A 41 -6.03 6.50 -3.36
CA VAL A 41 -5.01 7.42 -2.99
C VAL A 41 -5.82 8.57 -2.47
N ILE A 42 -5.66 8.89 -1.19
CA ILE A 42 -6.42 9.95 -0.57
C ILE A 42 -5.95 11.25 -1.22
N PRO A 43 -6.92 12.08 -1.67
CA PRO A 43 -6.63 13.30 -2.39
C PRO A 43 -5.79 14.20 -1.52
N GLN A 44 -4.62 14.59 -2.06
CA GLN A 44 -3.68 15.50 -1.41
C GLN A 44 -3.06 14.84 -0.21
N GLY A 45 -3.26 13.53 -0.02
CA GLY A 45 -2.75 12.88 1.18
C GLY A 45 -1.26 12.70 1.04
N ALA A 46 -0.65 12.02 2.04
CA ALA A 46 0.80 11.84 2.10
C ALA A 46 1.25 11.04 0.89
N ALA A 47 0.38 10.11 0.44
CA ALA A 47 0.69 9.25 -0.68
C ALA A 47 0.74 10.06 -1.93
N GLU A 48 -0.27 10.94 -2.13
CA GLU A 48 -0.34 11.76 -3.35
C GLU A 48 0.88 12.65 -3.43
N SER A 49 1.35 13.14 -2.25
CA SER A 49 2.47 14.05 -2.19
C SER A 49 3.70 13.32 -2.69
N ASP A 50 3.83 12.04 -2.32
CA ASP A 50 4.97 11.23 -2.75
C ASP A 50 4.76 10.88 -4.22
N GLY A 51 3.55 10.40 -4.56
CA GLY A 51 3.19 10.14 -5.95
C GLY A 51 3.71 8.81 -6.42
N ARG A 52 4.70 8.22 -5.71
CA ARG A 52 5.35 7.00 -6.19
C ARG A 52 4.39 5.87 -6.02
N ILE A 53 3.57 5.92 -4.97
CA ILE A 53 2.58 4.89 -4.72
C ILE A 53 1.37 5.28 -5.54
N HIS A 54 0.77 4.31 -6.24
CA HIS A 54 -0.34 4.58 -7.13
C HIS A 54 -1.50 3.83 -6.61
N LYS A 55 -2.72 4.20 -7.06
CA LYS A 55 -3.89 3.39 -6.79
C LYS A 55 -3.69 2.09 -7.54
N GLY A 56 -4.01 0.97 -6.87
CA GLY A 56 -3.98 -0.30 -7.53
C GLY A 56 -2.64 -0.93 -7.30
N ASP A 57 -1.66 -0.16 -6.75
CA ASP A 57 -0.34 -0.72 -6.45
C ASP A 57 -0.56 -1.73 -5.36
N ARG A 58 0.19 -2.86 -5.40
CA ARG A 58 -0.12 -3.96 -4.53
C ARG A 58 0.89 -3.94 -3.41
N VAL A 59 0.41 -3.81 -2.16
CA VAL A 59 1.28 -3.77 -1.02
C VAL A 59 1.45 -5.22 -0.59
N LEU A 60 2.65 -5.59 -0.17
CA LEU A 60 2.86 -6.93 0.32
C LEU A 60 3.31 -6.82 1.74
N ALA A 61 4.27 -5.93 2.01
CA ALA A 61 4.82 -5.84 3.33
C ALA A 61 4.84 -4.43 3.77
N VAL A 62 5.08 -4.29 5.06
CA VAL A 62 5.18 -3.03 5.71
C VAL A 62 6.28 -3.21 6.68
N ASN A 63 7.44 -2.60 6.39
CA ASN A 63 8.66 -2.73 7.21
C ASN A 63 8.98 -4.20 7.46
N GLY A 64 8.77 -5.05 6.45
CA GLY A 64 9.13 -6.45 6.57
C GLY A 64 8.12 -7.17 7.44
N VAL A 65 6.90 -6.60 7.59
CA VAL A 65 5.83 -7.30 8.26
C VAL A 65 5.00 -7.83 7.14
N SER A 66 4.88 -9.15 7.08
CA SER A 66 4.12 -9.80 6.04
C SER A 66 2.67 -9.52 6.24
N LEU A 67 2.11 -8.64 5.39
CA LEU A 67 0.70 -8.35 5.41
C LEU A 67 0.05 -9.28 4.45
N GLU A 68 0.84 -10.06 3.70
CA GLU A 68 0.28 -11.06 2.83
C GLU A 68 -0.39 -12.09 3.71
N GLY A 69 -1.53 -12.62 3.26
CA GLY A 69 -2.30 -13.56 4.07
C GLY A 69 -3.15 -12.83 5.09
N ALA A 70 -2.72 -11.62 5.54
CA ALA A 70 -3.42 -10.91 6.62
C ALA A 70 -4.76 -10.46 6.13
N THR A 71 -5.56 -9.93 7.05
CA THR A 71 -6.87 -9.50 6.73
C THR A 71 -6.76 -8.11 6.13
N HIS A 72 -7.76 -7.71 5.33
CA HIS A 72 -7.74 -6.41 4.69
C HIS A 72 -7.84 -5.37 5.76
N LYS A 73 -8.66 -5.65 6.81
CA LYS A 73 -8.74 -4.74 7.94
C LYS A 73 -7.37 -4.60 8.60
N GLN A 74 -6.57 -5.71 8.73
CA GLN A 74 -5.24 -5.62 9.36
C GLN A 74 -4.35 -4.73 8.52
N ALA A 75 -4.50 -4.80 7.18
CA ALA A 75 -3.72 -3.96 6.29
C ALA A 75 -4.00 -2.49 6.61
N VAL A 76 -5.26 -2.16 6.98
CA VAL A 76 -5.61 -0.80 7.35
C VAL A 76 -4.94 -0.50 8.66
N CYS A 77 -5.17 -1.39 9.69
CA CYS A 77 -4.67 -1.15 11.10
C CYS A 77 -3.16 -0.87 11.02
N THR A 78 -2.52 -1.44 10.00
CA THR A 78 -1.09 -1.39 9.89
C THR A 78 -0.70 0.03 9.58
N LEU A 79 -1.24 0.61 8.48
CA LEU A 79 -0.91 1.97 8.06
C LEU A 79 -1.12 2.91 9.22
N ARG A 80 -2.35 2.90 9.76
CA ARG A 80 -2.71 3.67 10.95
C ARG A 80 -1.65 3.51 12.07
N ASN A 81 -1.17 2.28 12.30
CA ASN A 81 -0.25 1.97 13.42
C ASN A 81 1.16 2.44 13.09
N THR A 82 1.49 2.75 11.82
CA THR A 82 2.88 3.01 11.47
C THR A 82 3.26 4.40 11.96
N GLY A 83 4.58 4.65 12.03
CA GLY A 83 5.11 5.89 12.57
C GLY A 83 5.08 6.92 11.50
N GLN A 84 6.08 7.84 11.53
CA GLN A 84 6.06 8.96 10.65
C GLN A 84 6.66 8.55 9.36
N VAL A 85 7.75 7.80 9.40
CA VAL A 85 8.34 7.33 8.16
C VAL A 85 8.04 5.89 8.12
N VAL A 86 7.47 5.42 7.02
CA VAL A 86 6.98 4.08 6.94
C VAL A 86 7.69 3.45 5.81
N HIS A 87 8.11 2.19 5.98
CA HIS A 87 8.66 1.45 4.88
C HIS A 87 7.53 0.64 4.36
N LEU A 88 7.12 0.90 3.13
CA LEU A 88 6.07 0.14 2.52
C LEU A 88 6.72 -0.60 1.42
N LEU A 89 6.37 -1.87 1.27
CA LEU A 89 6.95 -2.68 0.25
C LEU A 89 5.83 -3.00 -0.67
N LEU A 90 5.99 -2.67 -1.96
CA LEU A 90 4.90 -2.83 -2.88
C LEU A 90 5.41 -3.54 -4.06
N GLU A 91 4.49 -4.16 -4.80
CA GLU A 91 4.80 -4.84 -5.99
C GLU A 91 3.99 -4.13 -7.03
N LYS A 92 4.64 -3.71 -8.11
CA LYS A 92 3.98 -3.02 -9.18
C LYS A 92 2.97 -3.89 -9.82
N GLY A 93 1.98 -3.26 -10.38
CA GLY A 93 0.95 -3.92 -11.07
C GLY A 93 -0.26 -3.19 -10.70
N GLN A 94 -0.27 -1.87 -11.02
CA GLN A 94 -1.41 -1.09 -10.71
C GLN A 94 -2.40 -1.37 -11.77
N SER A 95 -3.63 -1.68 -11.38
CA SER A 95 -4.62 -2.06 -12.32
C SER A 95 -5.55 -0.86 -12.47
N PRO A 96 -6.13 -0.71 -13.66
CA PRO A 96 -7.22 0.23 -13.87
C PRO A 96 -8.47 -0.37 -13.27
N THR A 97 -8.63 -0.33 -11.93
CA THR A 97 -9.78 -0.91 -11.31
C THR A 97 -10.40 0.21 -10.44
C1 33B B . -9.80 5.19 2.19
C2 33B B . -10.54 4.73 3.48
O2 33B B . -11.70 4.31 3.39
N3 33B B . -9.87 4.81 4.70
C4 33B B . -10.52 4.74 6.10
C5 33B B . -11.93 4.66 6.25
C6 33B B . -9.71 4.84 7.33
S6 33B B . -7.92 4.93 7.30
C7 33B B . -12.53 4.71 7.50
C8 33B B . -10.38 4.91 8.58
C9 33B B . -11.79 4.85 8.67
N10 33B B . -12.52 5.04 9.97
N11 33B B . -12.32 4.48 11.10
C12 33B B . -11.27 3.46 11.49
C13 33B B . -10.84 2.43 10.62
C14 33B B . -10.80 3.48 12.81
C15 33B B . -9.92 1.46 11.06
C16 33B B . -9.92 2.51 13.31
C17 33B B . -9.43 1.45 12.41
S17 33B B . -9.50 2.61 15.08
N18 33B B . -8.47 0.38 12.93
C19 33B B . -7.95 -0.66 12.23
O19 33B B . -8.10 -0.82 11.02
C20 33B B . -7.18 -1.68 13.09
O61 33B B . -7.68 6.24 6.75
O62 33B B . -7.54 4.79 8.69
O63 33B B . -7.55 3.83 6.43
O71 33B B . -8.83 1.37 15.38
O72 33B B . -8.69 3.79 15.17
O73 33B B . -10.81 2.74 15.70
HN3 33B B . -8.88 4.94 4.65
H5 33B B . -12.60 4.60 5.41
H7 33B B . -13.61 4.68 7.54
H8 33B B . -9.80 5.02 9.49
H1 33B B . -10.07 4.54 1.33
H13 33B B . -11.20 2.37 9.61
H14 33B B . -11.15 4.26 13.47
H15 33B B . -9.63 0.70 10.34
HN18 33B B . -8.21 0.47 13.89
H20 33B B . -6.37 -1.18 13.67
H1A 33B B . -10.16 6.21 1.96
H20A 33B B . -7.91 -2.10 13.82
N GLY A 1 12.30 3.17 -15.42
CA GLY A 1 11.50 2.94 -14.21
C GLY A 1 11.41 1.47 -13.97
N PRO A 2 10.87 1.11 -12.80
CA PRO A 2 10.75 -0.28 -12.37
C PRO A 2 9.85 -1.01 -13.34
N LYS A 3 10.24 -2.24 -13.70
CA LYS A 3 9.54 -3.03 -14.69
C LYS A 3 8.38 -3.67 -13.96
N PRO A 4 7.41 -4.21 -14.72
CA PRO A 4 6.31 -4.98 -14.18
C PRO A 4 6.88 -6.17 -13.43
N GLY A 5 6.74 -6.18 -12.09
CA GLY A 5 7.25 -7.29 -11.32
C GLY A 5 8.52 -6.89 -10.64
N ASP A 6 8.85 -5.59 -10.61
CA ASP A 6 10.03 -5.17 -9.87
C ASP A 6 9.56 -4.81 -8.53
N ILE A 7 10.32 -5.21 -7.52
CA ILE A 7 10.01 -4.91 -6.15
C ILE A 7 10.83 -3.70 -5.85
N PHE A 8 10.27 -2.76 -5.11
CA PHE A 8 10.97 -1.57 -4.75
C PHE A 8 10.37 -1.14 -3.48
N GLU A 9 11.11 -0.31 -2.72
CA GLU A 9 10.59 0.17 -1.47
C GLU A 9 10.13 1.55 -1.75
N VAL A 10 9.08 1.94 -1.08
CA VAL A 10 8.64 3.28 -1.13
C VAL A 10 8.77 3.74 0.27
N GLU A 11 9.55 4.81 0.47
CA GLU A 11 9.69 5.34 1.77
C GLU A 11 8.78 6.48 1.80
N LEU A 12 7.70 6.34 2.55
CA LEU A 12 6.66 7.30 2.53
C LEU A 12 6.83 8.09 3.76
N ALA A 13 7.00 9.40 3.60
CA ALA A 13 7.13 10.26 4.73
C ALA A 13 5.75 10.68 5.08
N LYS A 14 5.43 10.62 6.37
CA LYS A 14 4.14 11.02 6.89
C LYS A 14 4.13 12.53 7.03
N ASN A 15 4.83 13.25 6.11
CA ASN A 15 5.05 14.71 6.22
C ASN A 15 3.73 15.40 6.39
N ASP A 16 2.67 14.85 5.76
CA ASP A 16 1.32 15.33 5.99
C ASP A 16 0.98 15.01 7.44
N ASN A 17 0.41 13.81 7.68
CA ASN A 17 0.03 13.37 9.04
C ASN A 17 -0.86 12.19 8.79
N SER A 18 -1.58 12.27 7.68
CA SER A 18 -2.48 11.25 7.29
C SER A 18 -1.71 10.38 6.36
N LEU A 19 -2.02 9.06 6.32
CA LEU A 19 -1.47 8.23 5.26
C LEU A 19 -2.23 8.63 4.03
N GLY A 20 -3.57 8.50 4.14
CA GLY A 20 -4.46 8.93 3.11
C GLY A 20 -4.61 7.80 2.17
N ILE A 21 -4.59 6.57 2.70
CA ILE A 21 -4.64 5.39 1.87
C ILE A 21 -5.71 4.53 2.50
N CYS A 22 -6.25 3.58 1.72
CA CYS A 22 -6.99 2.48 2.30
C CYS A 22 -6.68 1.37 1.38
N VAL A 23 -6.92 0.15 1.84
CA VAL A 23 -6.39 -0.99 1.19
C VAL A 23 -7.46 -2.03 1.24
N THR A 24 -7.26 -3.10 0.48
CA THR A 24 -8.14 -4.19 0.46
C THR A 24 -7.21 -5.34 0.20
N GLY A 25 -7.69 -6.55 0.39
CA GLY A 25 -6.88 -7.71 0.21
C GLY A 25 -7.03 -8.48 1.45
N GLY A 26 -6.38 -9.65 1.51
CA GLY A 26 -6.38 -10.39 2.73
C GLY A 26 -6.85 -11.77 2.44
N VAL A 27 -7.82 -12.22 3.26
CA VAL A 27 -8.25 -13.61 3.41
C VAL A 27 -8.99 -14.18 2.20
N ASN A 28 -8.83 -13.56 1.01
CA ASN A 28 -9.62 -13.89 -0.20
C ASN A 28 -10.84 -13.05 -0.17
N THR A 29 -10.57 -11.77 -0.28
CA THR A 29 -11.57 -10.76 -0.43
C THR A 29 -11.71 -10.57 -1.93
N SER A 30 -12.38 -9.48 -2.36
CA SER A 30 -12.70 -9.19 -3.74
C SER A 30 -11.51 -9.37 -4.67
N VAL A 31 -10.28 -8.94 -4.26
CA VAL A 31 -9.15 -8.96 -5.16
C VAL A 31 -8.65 -10.40 -5.28
N ARG A 32 -8.41 -10.82 -6.55
CA ARG A 32 -8.15 -12.20 -6.92
C ARG A 32 -6.95 -12.77 -6.18
N HIS A 33 -5.77 -12.12 -6.26
CA HIS A 33 -4.55 -12.72 -5.68
C HIS A 33 -4.56 -12.57 -4.17
N GLY A 34 -5.67 -12.07 -3.58
CA GLY A 34 -5.75 -11.80 -2.12
C GLY A 34 -4.67 -10.83 -1.65
N GLY A 35 -3.89 -10.25 -2.61
CA GLY A 35 -2.81 -9.37 -2.28
C GLY A 35 -3.39 -8.12 -1.77
N ILE A 36 -2.60 -7.34 -1.04
CA ILE A 36 -3.11 -6.13 -0.47
C ILE A 36 -3.04 -5.08 -1.55
N TYR A 37 -4.18 -4.68 -2.09
CA TYR A 37 -4.21 -3.71 -3.16
C TYR A 37 -4.63 -2.43 -2.56
N VAL A 38 -4.05 -1.33 -3.07
CA VAL A 38 -4.42 -0.01 -2.70
C VAL A 38 -5.78 0.23 -3.29
N LYS A 39 -6.70 0.74 -2.47
CA LYS A 39 -8.08 0.80 -2.84
C LYS A 39 -8.47 2.24 -2.96
N ALA A 40 -7.95 3.09 -2.09
CA ALA A 40 -8.38 4.46 -2.09
C ALA A 40 -7.19 5.27 -1.81
N VAL A 41 -7.14 6.47 -2.41
CA VAL A 41 -6.12 7.42 -2.13
C VAL A 41 -6.85 8.72 -1.87
N ILE A 42 -6.68 9.25 -0.65
CA ILE A 42 -7.35 10.46 -0.23
C ILE A 42 -6.69 11.62 -0.98
N PRO A 43 -7.50 12.60 -1.43
CA PRO A 43 -6.99 13.78 -2.11
C PRO A 43 -6.02 14.50 -1.21
N GLN A 44 -4.78 14.63 -1.70
CA GLN A 44 -3.72 15.32 -1.06
C GLN A 44 -3.29 14.56 0.18
N GLY A 45 -3.52 13.22 0.20
CA GLY A 45 -2.96 12.39 1.23
C GLY A 45 -1.51 12.20 0.92
N ALA A 46 -0.78 11.56 1.85
CA ALA A 46 0.67 11.44 1.77
C ALA A 46 1.03 10.64 0.54
N ALA A 47 0.24 9.58 0.27
CA ALA A 47 0.51 8.67 -0.85
C ALA A 47 0.42 9.43 -2.14
N GLU A 48 -0.69 10.21 -2.31
CA GLU A 48 -0.94 10.93 -3.56
C GLU A 48 0.18 11.90 -3.80
N SER A 49 0.63 12.58 -2.73
CA SER A 49 1.65 13.60 -2.85
C SER A 49 2.97 12.94 -3.23
N ASP A 50 3.26 11.74 -2.68
CA ASP A 50 4.50 11.02 -3.03
C ASP A 50 4.39 10.56 -4.48
N GLY A 51 3.17 10.15 -4.88
CA GLY A 51 2.87 9.84 -6.28
C GLY A 51 3.24 8.43 -6.59
N ARG A 52 4.11 7.81 -5.78
CA ARG A 52 4.63 6.51 -6.11
C ARG A 52 3.56 5.48 -5.88
N ILE A 53 2.79 5.66 -4.80
CA ILE A 53 1.74 4.74 -4.47
C ILE A 53 0.49 5.33 -5.04
N HIS A 54 -0.18 4.59 -5.96
CA HIS A 54 -1.39 5.06 -6.59
C HIS A 54 -2.43 4.05 -6.26
N LYS A 55 -3.68 4.37 -6.56
CA LYS A 55 -4.78 3.45 -6.46
C LYS A 55 -4.55 2.39 -7.52
N GLY A 56 -4.79 1.11 -7.18
CA GLY A 56 -4.58 0.06 -8.17
C GLY A 56 -3.30 -0.65 -7.83
N ASP A 57 -2.35 0.05 -7.14
CA ASP A 57 -1.05 -0.53 -6.77
C ASP A 57 -1.29 -1.54 -5.71
N ARG A 58 -0.29 -2.39 -5.42
CA ARG A 58 -0.45 -3.39 -4.40
C ARG A 58 0.72 -3.30 -3.50
N VAL A 59 0.47 -3.44 -2.20
CA VAL A 59 1.47 -3.37 -1.20
C VAL A 59 1.64 -4.80 -0.77
N LEU A 60 2.86 -5.21 -0.46
CA LEU A 60 3.06 -6.56 0.02
C LEU A 60 3.48 -6.47 1.45
N ALA A 61 4.43 -5.59 1.76
CA ALA A 61 4.93 -5.54 3.11
C ALA A 61 4.94 -4.13 3.59
N VAL A 62 5.10 -4.04 4.91
CA VAL A 62 5.12 -2.79 5.61
C VAL A 62 6.20 -2.96 6.61
N ASN A 63 7.35 -2.33 6.35
CA ASN A 63 8.58 -2.48 7.17
C ASN A 63 8.86 -3.95 7.49
N GLY A 64 8.71 -4.83 6.47
CA GLY A 64 9.08 -6.22 6.62
C GLY A 64 7.98 -6.99 7.31
N VAL A 65 6.76 -6.41 7.39
CA VAL A 65 5.68 -7.11 8.00
C VAL A 65 4.95 -7.73 6.86
N SER A 66 4.91 -9.06 6.84
CA SER A 66 4.20 -9.76 5.82
C SER A 66 2.73 -9.65 6.13
N LEU A 67 2.05 -8.84 5.32
CA LEU A 67 0.60 -8.64 5.47
C LEU A 67 -0.14 -9.81 4.86
N GLU A 68 0.54 -10.76 4.17
CA GLU A 68 -0.20 -11.85 3.53
C GLU A 68 -0.93 -12.64 4.60
N GLY A 69 -2.15 -13.10 4.26
CA GLY A 69 -2.95 -13.90 5.17
C GLY A 69 -3.74 -13.00 6.10
N ALA A 70 -3.26 -11.75 6.33
CA ALA A 70 -3.93 -10.86 7.28
C ALA A 70 -5.23 -10.40 6.68
N THR A 71 -6.11 -9.85 7.52
CA THR A 71 -7.42 -9.42 7.07
C THR A 71 -7.28 -8.05 6.44
N HIS A 72 -8.32 -7.66 5.67
CA HIS A 72 -8.32 -6.40 4.93
C HIS A 72 -8.20 -5.27 5.91
N LYS A 73 -9.00 -5.34 7.01
CA LYS A 73 -9.01 -4.25 7.97
C LYS A 73 -7.68 -4.18 8.67
N GLN A 74 -6.97 -5.35 8.85
CA GLN A 74 -5.68 -5.36 9.51
C GLN A 74 -4.69 -4.60 8.68
N ALA A 75 -4.82 -4.71 7.34
CA ALA A 75 -3.93 -4.01 6.40
C ALA A 75 -4.08 -2.52 6.64
N VAL A 76 -5.30 -2.06 7.00
CA VAL A 76 -5.55 -0.65 7.27
C VAL A 76 -4.88 -0.33 8.59
N CYS A 77 -5.21 -1.14 9.67
CA CYS A 77 -4.67 -0.85 11.08
C CYS A 77 -3.13 -0.75 10.99
N THR A 78 -2.56 -1.48 10.02
CA THR A 78 -1.12 -1.59 9.92
C THR A 78 -0.59 -0.24 9.51
N LEU A 79 -1.09 0.29 8.36
CA LEU A 79 -0.63 1.59 7.83
C LEU A 79 -0.81 2.65 8.90
N ARG A 80 -2.06 2.79 9.41
CA ARG A 80 -2.36 3.75 10.50
C ARG A 80 -1.34 3.69 11.65
N ASN A 81 -0.83 2.49 12.02
CA ASN A 81 0.07 2.39 13.18
C ASN A 81 1.51 2.56 12.76
N THR A 82 1.79 2.93 11.49
CA THR A 82 3.18 3.08 11.08
C THR A 82 3.77 4.35 11.68
N GLY A 83 5.12 4.44 11.66
CA GLY A 83 5.83 5.59 12.21
C GLY A 83 5.82 6.70 11.19
N GLN A 84 6.79 7.64 11.33
CA GLN A 84 6.75 8.87 10.55
C GLN A 84 7.33 8.61 9.19
N VAL A 85 8.39 7.77 9.12
CA VAL A 85 8.90 7.35 7.85
C VAL A 85 8.60 5.90 7.83
N VAL A 86 7.99 5.43 6.74
CA VAL A 86 7.55 4.09 6.66
C VAL A 86 8.24 3.51 5.48
N HIS A 87 8.66 2.25 5.56
CA HIS A 87 9.12 1.57 4.37
C HIS A 87 7.98 0.73 3.97
N LEU A 88 7.48 0.97 2.77
CA LEU A 88 6.38 0.23 2.24
C LEU A 88 6.96 -0.50 1.11
N LEU A 89 6.64 -1.78 1.00
CA LEU A 89 7.26 -2.59 0.00
C LEU A 89 6.20 -2.86 -1.00
N LEU A 90 6.49 -2.57 -2.28
CA LEU A 90 5.48 -2.72 -3.29
C LEU A 90 6.15 -3.41 -4.42
N GLU A 91 5.32 -4.09 -5.23
CA GLU A 91 5.79 -4.75 -6.41
C GLU A 91 5.05 -4.05 -7.49
N LYS A 92 5.73 -3.70 -8.58
CA LYS A 92 5.13 -3.02 -9.68
C LYS A 92 3.99 -3.87 -10.23
N GLY A 93 2.90 -3.23 -10.62
CA GLY A 93 1.79 -3.94 -11.17
C GLY A 93 0.56 -3.35 -10.59
N GLN A 94 0.27 -2.08 -10.95
CA GLN A 94 -0.98 -1.49 -10.58
C GLN A 94 -1.99 -2.11 -11.49
N SER A 95 -3.11 -2.62 -10.94
CA SER A 95 -4.10 -3.25 -11.76
C SER A 95 -5.01 -2.14 -12.23
N PRO A 96 -5.62 -2.33 -13.40
CA PRO A 96 -6.61 -1.40 -13.92
C PRO A 96 -7.93 -1.64 -13.19
N THR A 97 -7.97 -1.36 -11.88
CA THR A 97 -9.16 -1.59 -11.12
C THR A 97 -9.64 -0.19 -10.69
C1 33B B . -10.88 3.88 2.69
C2 33B B . -11.60 2.78 3.48
O2 33B B . -11.84 1.73 2.95
N3 33B B . -11.97 3.13 4.78
C4 33B B . -12.76 2.32 5.89
C5 33B B . -13.13 3.11 7.01
C6 33B B . -13.24 0.87 5.90
S6 33B B . -12.84 -0.44 4.71
C7 33B B . -13.93 2.64 8.03
C8 33B B . -14.05 0.47 7.01
C9 33B B . -14.40 1.33 8.04
N10 33B B . -15.33 0.86 9.15
N11 33B B . -14.97 0.44 10.29
C12 33B B . -13.55 0.34 10.80
C13 33B B . -13.05 -0.88 11.27
C14 33B B . -12.73 1.47 10.87
C15 33B B . -11.76 -0.98 11.80
C16 33B B . -11.43 1.44 11.37
C17 33B B . -10.89 0.15 11.86
S17 33B B . -10.53 3.02 11.39
N18 33B B . -9.45 0.03 12.41
C19 33B B . -8.88 -1.11 12.96
O19 33B B . -9.54 -2.11 13.34
C20 33B B . -7.36 -1.10 13.10
O61 33B B . -11.42 -0.37 4.52
O62 33B B . -13.28 -1.66 5.36
O63 33B B . -13.66 -0.10 3.57
O71 33B B . -9.24 2.72 11.96
O72 33B B . -10.49 3.39 10.00
O73 33B B . -11.39 3.85 12.22
HN3 33B B . -11.72 4.07 5.04
H5 33B B . -12.82 4.15 7.05
H7 33B B . -14.20 3.32 8.82
H8 33B B . -14.45 -0.54 7.05
H1 33B B . -10.93 3.65 1.61
H13 33B B . -13.68 -1.76 11.25
H14 33B B . -13.12 2.43 10.53
H15 33B B . -11.46 -1.97 12.13
HN18 33B B . -8.89 0.85 12.35
H20 33B B . -6.95 -0.14 12.72
H1A 33B B . -11.43 4.84 2.84
H20A 33B B . -7.07 -1.18 14.16
N GLY A 1 7.57 5.06 -15.96
CA GLY A 1 6.73 4.27 -15.04
C GLY A 1 7.33 2.90 -14.93
N PRO A 2 7.24 2.32 -13.71
CA PRO A 2 7.80 1.00 -13.41
C PRO A 2 6.99 -0.03 -14.15
N LYS A 3 7.46 -1.29 -14.20
CA LYS A 3 6.77 -2.32 -14.96
C LYS A 3 5.92 -3.07 -13.95
N PRO A 4 4.80 -3.67 -14.41
CA PRO A 4 3.85 -4.34 -13.55
C PRO A 4 4.49 -5.56 -12.91
N GLY A 5 4.34 -5.72 -11.59
CA GLY A 5 4.81 -6.90 -10.91
C GLY A 5 6.23 -6.69 -10.47
N ASP A 6 6.72 -5.43 -10.53
CA ASP A 6 8.10 -5.15 -10.13
C ASP A 6 8.03 -4.79 -8.67
N ILE A 7 8.98 -5.26 -7.87
CA ILE A 7 8.94 -5.02 -6.45
C ILE A 7 9.84 -3.84 -6.23
N PHE A 8 9.33 -2.85 -5.48
CA PHE A 8 10.07 -1.64 -5.24
C PHE A 8 9.86 -1.28 -3.80
N GLU A 9 10.86 -0.65 -3.16
CA GLU A 9 10.77 -0.32 -1.76
C GLU A 9 10.47 1.15 -1.68
N VAL A 10 9.59 1.54 -0.75
CA VAL A 10 9.24 2.94 -0.61
C VAL A 10 9.24 3.23 0.84
N GLU A 11 9.84 4.35 1.20
CA GLU A 11 9.69 4.87 2.50
C GLU A 11 8.76 6.04 2.33
N LEU A 12 7.57 5.93 2.88
CA LEU A 12 6.54 6.88 2.64
C LEU A 12 6.39 7.66 3.90
N ALA A 13 6.50 9.00 3.81
CA ALA A 13 6.40 9.86 4.95
C ALA A 13 4.96 10.31 5.04
N LYS A 14 4.41 10.23 6.26
CA LYS A 14 3.02 10.57 6.53
C LYS A 14 3.04 11.90 7.19
N ASN A 15 3.98 12.74 6.75
CA ASN A 15 4.13 14.06 7.36
C ASN A 15 3.01 14.90 6.80
N ASP A 16 1.86 14.78 7.42
CA ASP A 16 0.67 15.47 7.06
C ASP A 16 -0.26 15.04 8.15
N ASN A 17 -1.53 15.35 8.06
CA ASN A 17 -2.48 14.93 9.09
C ASN A 17 -3.03 13.59 8.65
N SER A 18 -3.42 13.51 7.38
CA SER A 18 -4.03 12.30 6.87
C SER A 18 -2.91 11.49 6.28
N LEU A 19 -2.96 10.15 6.50
CA LEU A 19 -2.08 9.25 5.79
C LEU A 19 -2.66 9.21 4.41
N GLY A 20 -3.93 8.82 4.36
CA GLY A 20 -4.73 8.96 3.20
C GLY A 20 -4.44 7.84 2.27
N ILE A 21 -4.26 6.65 2.81
CA ILE A 21 -4.08 5.49 2.00
C ILE A 21 -5.08 4.52 2.55
N CYS A 22 -5.66 3.68 1.69
CA CYS A 22 -6.46 2.58 2.20
C CYS A 22 -6.17 1.49 1.26
N VAL A 23 -6.48 0.28 1.65
CA VAL A 23 -6.01 -0.87 0.97
C VAL A 23 -7.16 -1.82 0.99
N THR A 24 -7.06 -2.88 0.20
CA THR A 24 -8.11 -3.83 0.08
C THR A 24 -7.40 -5.13 -0.12
N GLY A 25 -8.09 -6.26 0.02
CA GLY A 25 -7.47 -7.54 -0.20
C GLY A 25 -6.86 -7.99 1.08
N GLY A 26 -7.12 -9.25 1.45
CA GLY A 26 -6.40 -9.90 2.51
C GLY A 26 -6.61 -11.37 2.35
N VAL A 27 -7.55 -11.92 3.15
CA VAL A 27 -7.81 -13.36 3.34
C VAL A 27 -8.35 -14.08 2.10
N ASN A 28 -8.16 -13.54 0.87
CA ASN A 28 -8.85 -14.02 -0.36
C ASN A 28 -10.11 -13.27 -0.45
N THR A 29 -9.93 -11.98 -0.67
CA THR A 29 -10.98 -11.06 -0.95
C THR A 29 -11.21 -11.18 -2.47
N SER A 30 -11.95 -10.24 -3.07
CA SER A 30 -12.29 -10.28 -4.48
C SER A 30 -11.03 -10.43 -5.34
N VAL A 31 -9.86 -9.95 -4.85
CA VAL A 31 -8.65 -10.06 -5.61
C VAL A 31 -8.10 -11.46 -5.36
N ARG A 32 -7.91 -12.23 -6.44
CA ARG A 32 -7.60 -13.65 -6.32
C ARG A 32 -6.11 -13.80 -6.10
N HIS A 33 -5.35 -12.73 -6.42
CA HIS A 33 -3.89 -12.69 -6.20
C HIS A 33 -3.65 -12.62 -4.69
N GLY A 34 -4.75 -12.34 -3.94
CA GLY A 34 -4.75 -12.30 -2.46
C GLY A 34 -3.89 -11.17 -1.94
N GLY A 35 -3.19 -10.47 -2.84
CA GLY A 35 -2.30 -9.43 -2.46
C GLY A 35 -3.11 -8.30 -1.97
N ILE A 36 -2.53 -7.51 -1.07
CA ILE A 36 -3.20 -6.38 -0.54
C ILE A 36 -2.97 -5.30 -1.58
N TYR A 37 -4.04 -4.66 -2.07
CA TYR A 37 -3.86 -3.66 -3.11
C TYR A 37 -4.19 -2.36 -2.52
N VAL A 38 -3.49 -1.31 -2.96
CA VAL A 38 -3.82 0.03 -2.59
C VAL A 38 -5.05 0.37 -3.40
N LYS A 39 -6.09 0.88 -2.73
CA LYS A 39 -7.36 1.04 -3.37
C LYS A 39 -7.68 2.48 -3.40
N ALA A 40 -7.27 3.21 -2.35
CA ALA A 40 -7.75 4.54 -2.18
C ALA A 40 -6.57 5.35 -1.88
N VAL A 41 -6.49 6.51 -2.50
CA VAL A 41 -5.49 7.45 -2.16
C VAL A 41 -6.21 8.76 -2.20
N ILE A 42 -6.07 9.56 -1.13
CA ILE A 42 -6.75 10.86 -1.06
C ILE A 42 -6.06 11.73 -2.08
N PRO A 43 -6.80 12.65 -2.71
CA PRO A 43 -6.18 13.75 -3.44
C PRO A 43 -5.28 14.49 -2.48
N GLN A 44 -3.97 14.45 -2.74
CA GLN A 44 -2.95 15.05 -1.90
C GLN A 44 -2.83 14.31 -0.59
N GLY A 45 -3.19 13.00 -0.52
CA GLY A 45 -2.83 12.19 0.63
C GLY A 45 -1.34 11.95 0.53
N ALA A 46 -0.76 11.28 1.55
CA ALA A 46 0.69 11.15 1.65
C ALA A 46 1.22 10.41 0.45
N ALA A 47 0.54 9.30 0.07
CA ALA A 47 0.98 8.45 -1.02
C ALA A 47 0.99 9.25 -2.30
N GLU A 48 -0.12 9.97 -2.60
CA GLU A 48 -0.26 10.66 -3.88
C GLU A 48 0.74 11.78 -3.94
N SER A 49 0.99 12.44 -2.79
CA SER A 49 1.88 13.59 -2.72
C SER A 49 3.28 13.12 -3.04
N ASP A 50 3.67 11.96 -2.45
CA ASP A 50 5.02 11.42 -2.69
C ASP A 50 5.06 10.92 -4.13
N GLY A 51 3.91 10.42 -4.62
CA GLY A 51 3.73 10.09 -6.04
C GLY A 51 4.20 8.69 -6.31
N ARG A 52 4.97 8.14 -5.40
CA ARG A 52 5.64 6.88 -5.62
C ARG A 52 4.63 5.77 -5.43
N ILE A 53 3.70 5.94 -4.47
CA ILE A 53 2.67 4.94 -4.26
C ILE A 53 1.41 5.52 -4.84
N HIS A 54 0.60 4.68 -5.49
CA HIS A 54 -0.67 5.09 -6.00
C HIS A 54 -1.54 3.92 -5.81
N LYS A 55 -2.81 4.07 -6.19
CA LYS A 55 -3.73 2.98 -6.21
C LYS A 55 -3.27 2.03 -7.29
N GLY A 56 -3.47 0.73 -7.11
CA GLY A 56 -3.12 -0.21 -8.16
C GLY A 56 -1.84 -0.88 -7.75
N ASP A 57 -1.13 -0.26 -6.77
CA ASP A 57 0.10 -0.82 -6.25
C ASP A 57 -0.33 -1.89 -5.27
N ARG A 58 0.48 -2.97 -5.18
CA ARG A 58 0.13 -4.10 -4.33
C ARG A 58 1.10 -4.05 -3.19
N VAL A 59 0.59 -4.00 -1.94
CA VAL A 59 1.45 -3.89 -0.79
C VAL A 59 1.66 -5.29 -0.30
N LEU A 60 2.88 -5.60 0.14
CA LEU A 60 3.13 -6.91 0.66
C LEU A 60 3.59 -6.75 2.07
N ALA A 61 4.56 -5.86 2.31
CA ALA A 61 5.11 -5.76 3.64
C ALA A 61 5.12 -4.37 4.08
N VAL A 62 5.34 -4.23 5.38
CA VAL A 62 5.39 -2.97 6.06
C VAL A 62 6.51 -3.14 7.03
N ASN A 63 7.68 -2.60 6.68
CA ASN A 63 8.92 -2.72 7.45
C ASN A 63 9.18 -4.17 7.84
N GLY A 64 8.95 -5.09 6.90
CA GLY A 64 9.26 -6.48 7.11
C GLY A 64 8.15 -7.15 7.86
N VAL A 65 6.97 -6.51 7.97
CA VAL A 65 5.86 -7.16 8.61
C VAL A 65 5.06 -7.65 7.47
N SER A 66 4.94 -8.96 7.38
CA SER A 66 4.20 -9.58 6.34
C SER A 66 2.75 -9.34 6.59
N LEU A 67 2.13 -8.54 5.72
CA LEU A 67 0.69 -8.34 5.75
C LEU A 67 0.09 -9.40 4.86
N GLU A 68 0.90 -10.38 4.42
CA GLU A 68 0.38 -11.45 3.63
C GLU A 68 -0.43 -12.31 4.57
N GLY A 69 -1.60 -12.81 4.08
CA GLY A 69 -2.47 -13.64 4.92
C GLY A 69 -3.32 -12.76 5.81
N ALA A 70 -2.86 -11.51 6.10
CA ALA A 70 -3.55 -10.63 7.02
C ALA A 70 -4.87 -10.24 6.45
N THR A 71 -5.72 -9.71 7.32
CA THR A 71 -7.02 -9.28 6.93
C THR A 71 -6.86 -7.89 6.34
N HIS A 72 -7.81 -7.51 5.45
CA HIS A 72 -7.73 -6.24 4.74
C HIS A 72 -7.77 -5.11 5.74
N LYS A 73 -8.61 -5.29 6.81
CA LYS A 73 -8.68 -4.31 7.89
C LYS A 73 -7.31 -4.06 8.49
N GLN A 74 -6.52 -5.15 8.71
CA GLN A 74 -5.23 -5.03 9.34
C GLN A 74 -4.33 -4.25 8.45
N ALA A 75 -4.40 -4.50 7.13
CA ALA A 75 -3.55 -3.81 6.17
C ALA A 75 -3.74 -2.30 6.30
N VAL A 76 -4.99 -1.83 6.52
CA VAL A 76 -5.22 -0.40 6.65
C VAL A 76 -4.70 0.04 7.99
N CYS A 77 -5.22 -0.61 9.06
CA CYS A 77 -5.01 -0.09 10.44
C CYS A 77 -3.50 -0.12 10.77
N THR A 78 -2.77 -1.03 10.10
CA THR A 78 -1.32 -1.17 10.33
C THR A 78 -0.68 0.16 9.97
N LEU A 79 -0.95 0.68 8.75
CA LEU A 79 -0.36 1.95 8.29
C LEU A 79 -0.67 3.04 9.28
N ARG A 80 -1.96 3.23 9.56
CA ARG A 80 -2.39 4.19 10.59
C ARG A 80 -1.59 4.03 11.91
N ASN A 81 -1.24 2.79 12.30
CA ASN A 81 -0.57 2.55 13.58
C ASN A 81 0.95 2.63 13.39
N THR A 82 1.47 2.70 12.14
CA THR A 82 2.91 2.74 11.94
C THR A 82 3.36 4.19 12.16
N GLY A 83 4.68 4.43 12.02
CA GLY A 83 5.27 5.70 12.36
C GLY A 83 5.03 6.69 11.26
N GLN A 84 5.75 7.82 11.31
CA GLN A 84 5.56 8.87 10.34
C GLN A 84 6.30 8.46 9.12
N VAL A 85 7.45 7.80 9.30
CA VAL A 85 8.21 7.34 8.18
C VAL A 85 8.18 5.87 8.34
N VAL A 86 7.79 5.13 7.30
CA VAL A 86 7.63 3.72 7.42
C VAL A 86 8.19 3.18 6.17
N HIS A 87 8.71 1.95 6.22
CA HIS A 87 9.22 1.31 5.04
C HIS A 87 8.11 0.46 4.56
N LEU A 88 7.69 0.65 3.33
CA LEU A 88 6.62 -0.12 2.78
C LEU A 88 7.19 -0.85 1.63
N LEU A 89 6.78 -2.09 1.46
CA LEU A 89 7.28 -2.89 0.39
C LEU A 89 6.14 -3.13 -0.50
N LEU A 90 6.28 -2.76 -1.78
CA LEU A 90 5.16 -2.82 -2.68
C LEU A 90 5.61 -3.50 -3.91
N GLU A 91 4.65 -4.06 -4.62
CA GLU A 91 4.86 -4.69 -5.85
C GLU A 91 3.95 -3.97 -6.77
N LYS A 92 4.46 -3.57 -7.92
CA LYS A 92 3.69 -2.87 -8.92
C LYS A 92 2.56 -3.77 -9.37
N GLY A 93 1.46 -3.18 -9.76
CA GLY A 93 0.32 -3.88 -10.26
C GLY A 93 -0.10 -3.08 -11.41
N GLN A 94 -1.39 -3.06 -11.71
CA GLN A 94 -1.88 -2.19 -12.73
C GLN A 94 -3.20 -1.74 -12.22
N SER A 95 -3.84 -0.80 -12.91
CA SER A 95 -5.13 -0.33 -12.47
C SER A 95 -6.14 -1.33 -13.05
N PRO A 96 -6.84 -2.08 -12.17
CA PRO A 96 -7.66 -3.20 -12.57
C PRO A 96 -8.85 -2.68 -13.33
N THR A 97 -9.01 -3.09 -14.56
CA THR A 97 -10.14 -2.73 -15.32
C THR A 97 -10.37 -3.99 -16.17
C1 33B B . -8.30 4.07 4.57
C2 33B B . -9.59 3.47 5.15
O2 33B B . -9.95 2.34 4.80
N3 33B B . -10.29 4.27 6.03
C4 33B B . -11.39 3.80 6.99
C5 33B B . -11.72 2.42 7.13
C6 33B B . -12.12 4.76 7.84
S6 33B B . -11.88 6.56 7.74
C7 33B B . -12.71 1.99 8.04
C8 33B B . -13.09 4.28 8.72
C9 33B B . -13.39 2.92 8.85
N10 33B B . -14.49 2.50 9.78
N11 33B B . -14.47 1.53 10.62
C12 33B B . -13.36 0.55 10.88
C13 33B B . -12.08 0.97 11.27
C14 33B B . -13.63 -0.80 10.79
C15 33B B . -11.09 0.03 11.63
C16 33B B . -12.71 -1.79 11.14
C17 33B B . -11.35 -1.37 11.62
S17 33B B . -13.26 -3.51 11.01
N18 33B B . -10.33 -2.44 12.13
C19 33B B . -9.03 -2.30 12.69
O19 33B B . -8.46 -3.29 13.13
C20 33B B . -8.31 -0.97 12.75
O61 33B B . -12.79 6.93 6.68
O62 33B B . -12.26 7.01 9.07
O63 33B B . -10.49 6.69 7.44
O71 33B B . -12.28 -4.28 11.70
O72 33B B . -14.54 -3.48 11.66
O73 33B B . -13.33 -3.74 9.57
HN3 33B B . -10.05 5.25 6.05
H5 33B B . -11.22 1.64 6.57
H7 33B B . -12.92 0.94 8.12
H8 33B B . -13.65 4.98 9.33
H1 33B B . -8.08 5.03 5.09
H13 33B B . -11.86 2.03 11.32
H14 33B B . -14.63 -1.11 10.48
H15 33B B . -10.16 0.46 11.92
HN18 33B B . -10.68 -3.38 12.08
H20 33B B . -8.93 -0.18 13.23
H1A 33B B . -7.44 3.41 4.74
H20A 33B B . -7.44 -1.10 13.44
N GLY A 1 12.05 2.00 -17.31
CA GLY A 1 11.66 1.88 -15.90
C GLY A 1 11.56 0.43 -15.57
N PRO A 2 11.18 0.14 -14.32
CA PRO A 2 11.16 -1.20 -13.79
C PRO A 2 10.12 -2.02 -14.52
N LYS A 3 10.27 -3.34 -14.50
CA LYS A 3 9.37 -4.21 -15.22
C LYS A 3 8.12 -4.34 -14.40
N PRO A 4 7.02 -4.75 -15.03
CA PRO A 4 5.83 -5.12 -14.30
C PRO A 4 6.16 -6.33 -13.49
N GLY A 5 5.82 -6.33 -12.21
CA GLY A 5 6.14 -7.46 -11.35
C GLY A 5 7.37 -7.14 -10.56
N ASP A 6 8.19 -6.14 -11.00
CA ASP A 6 9.42 -5.81 -10.25
C ASP A 6 9.02 -5.31 -8.90
N ILE A 7 9.84 -5.68 -7.90
CA ILE A 7 9.61 -5.30 -6.55
C ILE A 7 10.38 -4.06 -6.38
N PHE A 8 9.74 -3.04 -5.83
CA PHE A 8 10.40 -1.80 -5.60
C PHE A 8 10.08 -1.43 -4.21
N GLU A 9 11.02 -0.78 -3.54
CA GLU A 9 10.84 -0.44 -2.17
C GLU A 9 10.48 1.00 -2.18
N VAL A 10 9.48 1.36 -1.39
CA VAL A 10 9.07 2.73 -1.32
C VAL A 10 9.12 3.09 0.11
N GLU A 11 9.77 4.21 0.43
CA GLU A 11 9.66 4.78 1.72
C GLU A 11 8.69 5.88 1.54
N LEU A 12 7.53 5.75 2.15
CA LEU A 12 6.47 6.67 1.96
C LEU A 12 6.47 7.52 3.16
N ALA A 13 6.55 8.83 2.96
CA ALA A 13 6.53 9.74 4.07
C ALA A 13 5.10 10.05 4.32
N LYS A 14 4.63 9.73 5.53
CA LYS A 14 3.29 10.04 5.97
C LYS A 14 3.35 11.37 6.66
N ASN A 15 4.26 12.21 6.12
CA ASN A 15 4.62 13.57 6.56
C ASN A 15 3.93 13.95 7.82
N ASP A 16 2.75 14.58 7.72
CA ASP A 16 2.02 14.95 8.89
C ASP A 16 0.61 15.11 8.42
N ASN A 17 -0.30 15.49 9.33
CA ASN A 17 -1.67 15.81 9.03
C ASN A 17 -2.42 14.52 8.75
N SER A 18 -2.97 14.41 7.55
CA SER A 18 -3.81 13.29 7.19
C SER A 18 -2.92 12.25 6.58
N LEU A 19 -3.07 10.97 7.02
CA LEU A 19 -2.33 9.89 6.36
C LEU A 19 -3.02 9.68 5.03
N GLY A 20 -4.32 9.35 5.10
CA GLY A 20 -5.20 9.41 3.95
C GLY A 20 -4.88 8.31 2.98
N ILE A 21 -4.63 7.09 3.48
CA ILE A 21 -4.38 5.96 2.62
C ILE A 21 -5.35 4.92 3.12
N CYS A 22 -5.75 3.96 2.24
CA CYS A 22 -6.51 2.84 2.71
C CYS A 22 -6.23 1.76 1.71
N VAL A 23 -6.57 0.53 2.05
CA VAL A 23 -6.14 -0.60 1.31
C VAL A 23 -7.28 -1.59 1.36
N THR A 24 -7.19 -2.61 0.52
CA THR A 24 -8.23 -3.60 0.38
C THR A 24 -7.50 -4.88 0.10
N GLY A 25 -8.20 -6.03 0.20
CA GLY A 25 -7.59 -7.30 -0.08
C GLY A 25 -6.90 -7.78 1.15
N GLY A 26 -7.10 -9.06 1.47
CA GLY A 26 -6.30 -9.73 2.45
C GLY A 26 -6.53 -11.22 2.32
N VAL A 27 -7.43 -11.76 3.18
CA VAL A 27 -7.68 -13.21 3.43
C VAL A 27 -8.17 -14.03 2.22
N ASN A 28 -7.95 -13.58 0.98
CA ASN A 28 -8.56 -14.20 -0.24
C ASN A 28 -9.86 -13.55 -0.43
N THR A 29 -9.74 -12.29 -0.73
CA THR A 29 -10.83 -11.42 -1.01
C THR A 29 -11.06 -11.58 -2.53
N SER A 30 -11.86 -10.69 -3.14
CA SER A 30 -12.13 -10.75 -4.57
C SER A 30 -10.83 -10.66 -5.37
N VAL A 31 -9.73 -10.13 -4.77
CA VAL A 31 -8.47 -10.12 -5.46
C VAL A 31 -7.84 -11.50 -5.24
N ARG A 32 -7.48 -12.16 -6.37
CA ARG A 32 -7.09 -13.57 -6.42
C ARG A 32 -6.03 -13.90 -5.41
N HIS A 33 -4.88 -13.22 -5.47
CA HIS A 33 -3.71 -13.63 -4.71
C HIS A 33 -3.83 -13.09 -3.31
N GLY A 34 -4.99 -12.49 -2.97
CA GLY A 34 -5.18 -11.87 -1.67
C GLY A 34 -4.22 -10.73 -1.54
N GLY A 35 -3.80 -10.16 -2.69
CA GLY A 35 -2.84 -9.08 -2.69
C GLY A 35 -3.48 -7.91 -2.05
N ILE A 36 -2.72 -7.18 -1.23
CA ILE A 36 -3.26 -6.02 -0.61
C ILE A 36 -3.10 -4.93 -1.62
N TYR A 37 -4.20 -4.32 -2.05
CA TYR A 37 -4.13 -3.31 -3.08
C TYR A 37 -4.56 -2.05 -2.44
N VAL A 38 -3.96 -0.92 -2.87
CA VAL A 38 -4.39 0.37 -2.41
C VAL A 38 -5.80 0.60 -2.94
N LYS A 39 -6.70 1.10 -2.06
CA LYS A 39 -8.12 1.12 -2.35
C LYS A 39 -8.51 2.53 -2.59
N ALA A 40 -8.09 3.40 -1.68
CA ALA A 40 -8.50 4.77 -1.74
C ALA A 40 -7.33 5.52 -1.34
N VAL A 41 -7.15 6.69 -1.95
CA VAL A 41 -6.07 7.55 -1.60
C VAL A 41 -6.69 8.90 -1.54
N ILE A 42 -6.41 9.64 -0.48
CA ILE A 42 -6.89 10.98 -0.36
C ILE A 42 -6.06 11.82 -1.32
N PRO A 43 -6.73 12.67 -2.13
CA PRO A 43 -6.05 13.59 -3.02
C PRO A 43 -5.21 14.52 -2.20
N GLN A 44 -3.87 14.40 -2.35
CA GLN A 44 -2.90 15.17 -1.60
C GLN A 44 -2.86 14.73 -0.15
N GLY A 45 -3.32 13.47 0.15
CA GLY A 45 -2.97 12.85 1.42
C GLY A 45 -1.55 12.35 1.28
N ALA A 46 -1.08 11.49 2.22
CA ALA A 46 0.34 11.11 2.28
C ALA A 46 0.78 10.50 0.99
N ALA A 47 0.04 9.49 0.51
CA ALA A 47 0.49 8.70 -0.64
C ALA A 47 0.48 9.55 -1.87
N GLU A 48 -0.60 10.31 -2.08
CA GLU A 48 -0.77 11.08 -3.32
C GLU A 48 0.20 12.25 -3.32
N SER A 49 0.40 12.90 -2.15
CA SER A 49 1.26 14.08 -2.08
C SER A 49 2.69 13.63 -2.38
N ASP A 50 3.10 12.52 -1.74
CA ASP A 50 4.45 11.99 -1.93
C ASP A 50 4.52 11.45 -3.35
N GLY A 51 3.37 10.93 -3.84
CA GLY A 51 3.19 10.58 -5.24
C GLY A 51 3.76 9.22 -5.53
N ARG A 52 4.52 8.66 -4.59
CA ARG A 52 5.25 7.43 -4.85
C ARG A 52 4.29 6.27 -5.00
N ILE A 53 3.22 6.25 -4.17
CA ILE A 53 2.29 5.17 -4.20
C ILE A 53 0.97 5.75 -4.62
N HIS A 54 0.23 5.03 -5.47
CA HIS A 54 -1.05 5.51 -5.93
C HIS A 54 -2.02 4.39 -5.75
N LYS A 55 -3.30 4.69 -6.05
CA LYS A 55 -4.39 3.76 -5.90
C LYS A 55 -4.19 2.63 -6.90
N GLY A 56 -4.55 1.39 -6.51
CA GLY A 56 -4.50 0.28 -7.42
C GLY A 56 -3.18 -0.42 -7.31
N ASP A 57 -2.25 0.12 -6.48
CA ASP A 57 -0.90 -0.45 -6.42
C ASP A 57 -0.91 -1.58 -5.44
N ARG A 58 0.03 -2.53 -5.58
CA ARG A 58 0.00 -3.78 -4.81
C ARG A 58 1.00 -3.65 -3.72
N VAL A 59 0.56 -3.72 -2.46
CA VAL A 59 1.46 -3.66 -1.33
C VAL A 59 1.56 -5.08 -0.86
N LEU A 60 2.77 -5.50 -0.43
CA LEU A 60 2.93 -6.84 0.10
C LEU A 60 3.40 -6.71 1.51
N ALA A 61 4.37 -5.83 1.75
CA ALA A 61 4.91 -5.74 3.09
C ALA A 61 4.91 -4.33 3.52
N VAL A 62 4.94 -4.19 4.86
CA VAL A 62 4.86 -2.92 5.51
C VAL A 62 5.84 -3.01 6.63
N ASN A 63 6.96 -2.30 6.48
CA ASN A 63 8.12 -2.36 7.38
C ASN A 63 8.48 -3.78 7.74
N GLY A 64 8.47 -4.68 6.73
CA GLY A 64 8.91 -6.04 6.91
C GLY A 64 7.81 -6.85 7.54
N VAL A 65 6.57 -6.32 7.62
CA VAL A 65 5.50 -7.08 8.15
C VAL A 65 4.86 -7.62 6.96
N SER A 66 4.84 -8.93 6.85
CA SER A 66 4.20 -9.56 5.77
C SER A 66 2.74 -9.49 6.04
N LEU A 67 2.04 -8.74 5.19
CA LEU A 67 0.58 -8.65 5.27
C LEU A 67 -0.01 -9.80 4.47
N GLU A 68 0.72 -10.92 4.40
CA GLU A 68 0.24 -12.08 3.71
C GLU A 68 -0.78 -12.74 4.61
N GLY A 69 -2.00 -12.90 4.10
CA GLY A 69 -3.04 -13.58 4.83
C GLY A 69 -3.70 -12.66 5.83
N ALA A 70 -3.14 -11.44 6.06
CA ALA A 70 -3.75 -10.51 7.00
C ALA A 70 -5.03 -10.03 6.37
N THR A 71 -5.94 -9.47 7.18
CA THR A 71 -7.22 -9.07 6.66
C THR A 71 -7.07 -7.70 6.02
N HIS A 72 -8.09 -7.29 5.25
CA HIS A 72 -8.07 -6.03 4.55
C HIS A 72 -8.07 -4.91 5.57
N LYS A 73 -8.91 -5.04 6.62
CA LYS A 73 -8.92 -4.04 7.69
C LYS A 73 -7.59 -4.01 8.39
N GLN A 74 -6.91 -5.18 8.63
CA GLN A 74 -5.62 -5.14 9.33
C GLN A 74 -4.62 -4.42 8.48
N ALA A 75 -4.68 -4.57 7.14
CA ALA A 75 -3.78 -3.85 6.24
C ALA A 75 -3.92 -2.36 6.47
N VAL A 76 -5.15 -1.88 6.80
CA VAL A 76 -5.39 -0.47 7.05
C VAL A 76 -4.75 -0.14 8.39
N CYS A 77 -5.14 -0.93 9.46
CA CYS A 77 -4.68 -0.60 10.88
C CYS A 77 -3.15 -0.52 10.89
N THR A 78 -2.52 -1.28 9.97
CA THR A 78 -1.08 -1.40 9.94
C THR A 78 -0.53 -0.04 9.60
N LEU A 79 -1.02 0.57 8.48
CA LEU A 79 -0.60 1.90 8.05
C LEU A 79 -0.84 2.88 9.19
N ARG A 80 -2.10 2.93 9.69
CA ARG A 80 -2.45 3.79 10.84
C ARG A 80 -1.43 3.65 11.99
N ASN A 81 -0.96 2.43 12.26
CA ASN A 81 -0.08 2.21 13.42
C ASN A 81 1.38 2.39 13.02
N THR A 82 1.71 2.62 11.72
CA THR A 82 3.14 2.74 11.35
C THR A 82 3.61 4.15 11.67
N GLY A 83 4.94 4.35 11.58
CA GLY A 83 5.56 5.61 11.92
C GLY A 83 5.35 6.59 10.82
N GLN A 84 6.07 7.73 10.89
CA GLN A 84 5.83 8.83 9.99
C GLN A 84 6.49 8.52 8.68
N VAL A 85 7.53 7.68 8.70
CA VAL A 85 8.11 7.21 7.46
C VAL A 85 7.88 5.75 7.50
N VAL A 86 7.33 5.18 6.41
CA VAL A 86 6.98 3.80 6.39
C VAL A 86 7.76 3.18 5.28
N HIS A 87 8.30 1.97 5.49
CA HIS A 87 8.97 1.26 4.43
C HIS A 87 7.93 0.35 3.88
N LEU A 88 7.57 0.55 2.62
CA LEU A 88 6.50 -0.21 2.01
C LEU A 88 7.12 -0.94 0.89
N LEU A 89 6.70 -2.19 0.71
CA LEU A 89 7.25 -3.03 -0.30
C LEU A 89 6.12 -3.29 -1.25
N LEU A 90 6.36 -3.04 -2.56
CA LEU A 90 5.29 -3.15 -3.52
C LEU A 90 5.79 -3.92 -4.69
N GLU A 91 4.86 -4.54 -5.46
CA GLU A 91 5.21 -5.23 -6.69
C GLU A 91 4.52 -4.51 -7.72
N LYS A 92 5.24 -4.22 -8.78
CA LYS A 92 4.68 -3.55 -9.92
C LYS A 92 3.61 -4.39 -10.54
N GLY A 93 2.64 -3.71 -11.15
CA GLY A 93 1.56 -4.36 -11.83
C GLY A 93 0.32 -3.82 -11.21
N GLN A 94 0.24 -2.49 -11.11
CA GLN A 94 -0.88 -1.86 -10.46
C GLN A 94 -2.01 -1.85 -11.42
N SER A 95 -3.24 -1.86 -10.90
CA SER A 95 -4.42 -1.80 -11.72
C SER A 95 -4.62 -0.32 -12.01
N PRO A 96 -5.45 -0.01 -13.03
CA PRO A 96 -5.80 1.36 -13.36
C PRO A 96 -6.57 1.97 -12.20
N THR A 97 -6.67 3.31 -12.19
CA THR A 97 -7.31 3.99 -11.11
C THR A 97 -8.82 3.81 -11.31
C1 33B B . -10.57 2.65 3.56
C2 33B B . -11.43 2.12 4.70
O2 33B B . -11.69 0.92 4.78
N3 33B B . -11.83 3.06 5.65
C4 33B B . -12.83 2.80 6.80
C5 33B B . -13.50 1.56 6.93
C6 33B B . -13.11 3.84 7.81
S6 33B B . -12.38 5.50 7.79
C7 33B B . -14.37 1.31 7.99
C8 33B B . -14.01 3.54 8.85
C9 33B B . -14.63 2.28 8.96
N10 33B B . -15.54 1.98 10.11
N11 33B B . -15.16 1.35 11.16
C12 33B B . -13.77 0.83 11.42
C13 33B B . -12.66 1.67 11.32
C14 33B B . -13.58 -0.51 11.79
C15 33B B . -11.38 1.21 11.58
C16 33B B . -12.30 -1.03 12.09
C17 33B B . -11.14 -0.14 11.98
S17 33B B . -12.15 -2.75 12.63
N18 33B B . -9.72 -0.64 12.32
C19 33B B . -8.56 0.11 12.20
O19 33B B . -8.51 1.19 11.63
C20 33B B . -7.30 -0.49 12.81
O61 33B B . -11.10 5.32 7.13
O62 33B B . -13.36 6.26 7.04
O63 33B B . -12.29 5.85 9.19
O71 33B B . -11.06 -3.26 11.85
O72 33B B . -11.89 -2.62 14.04
O73 33B B . -13.45 -3.31 12.32
HN3 33B B . -11.43 3.97 5.58
H5 33B B . -13.38 0.76 6.23
H7 33B B . -14.87 0.35 8.06
H8 33B B . -14.23 4.29 9.61
H1 33B B . -11.08 2.46 2.59
H13 33B B . -12.79 2.71 11.06
H14 33B B . -14.45 -1.15 11.87
H15 33B B . -10.59 1.94 11.48
HN18 33B B . -9.61 -1.58 12.64
H20 33B B . -6.50 0.27 12.72
H1A 33B B . -10.44 3.75 3.66
H20A 33B B . -7.44 -0.68 13.90
N GLY A 1 10.61 4.63 -13.69
CA GLY A 1 9.82 3.86 -12.74
C GLY A 1 10.13 2.41 -12.92
N PRO A 2 9.67 1.62 -11.96
CA PRO A 2 9.88 0.19 -11.95
C PRO A 2 9.14 -0.42 -13.11
N LYS A 3 9.61 -1.58 -13.56
CA LYS A 3 9.04 -2.27 -14.69
C LYS A 3 8.08 -3.27 -14.08
N PRO A 4 7.14 -3.79 -14.89
CA PRO A 4 6.10 -4.70 -14.42
C PRO A 4 6.71 -5.92 -13.76
N GLY A 5 6.49 -6.09 -12.44
CA GLY A 5 6.96 -7.27 -11.75
C GLY A 5 8.24 -6.95 -11.04
N ASP A 6 8.58 -5.66 -10.94
CA ASP A 6 9.78 -5.27 -10.23
C ASP A 6 9.34 -5.01 -8.84
N ILE A 7 10.11 -5.49 -7.85
CA ILE A 7 9.78 -5.28 -6.46
C ILE A 7 10.59 -4.09 -6.06
N PHE A 8 9.97 -3.13 -5.40
CA PHE A 8 10.63 -1.91 -5.06
C PHE A 8 10.05 -1.54 -3.74
N GLU A 9 10.82 -0.82 -2.91
CA GLU A 9 10.35 -0.40 -1.65
C GLU A 9 10.10 1.05 -1.82
N VAL A 10 9.11 1.55 -1.10
CA VAL A 10 8.86 2.94 -1.06
C VAL A 10 8.84 3.25 0.38
N GLU A 11 9.56 4.28 0.78
CA GLU A 11 9.49 4.72 2.12
C GLU A 11 8.65 5.94 2.08
N LEU A 12 7.47 5.82 2.65
CA LEU A 12 6.43 6.76 2.41
C LEU A 12 6.35 7.62 3.60
N ALA A 13 6.45 8.95 3.40
CA ALA A 13 6.33 9.87 4.49
C ALA A 13 4.89 10.25 4.54
N LYS A 14 4.27 10.07 5.70
CA LYS A 14 2.84 10.33 5.87
C LYS A 14 2.68 11.76 6.34
N ASN A 15 3.64 12.62 5.86
CA ASN A 15 3.94 14.04 6.30
C ASN A 15 3.35 14.32 7.64
N ASP A 16 3.65 13.42 8.61
CA ASP A 16 2.98 13.26 9.93
C ASP A 16 1.67 14.04 10.03
N ASN A 17 0.72 13.75 9.12
CA ASN A 17 -0.57 14.40 9.11
C ASN A 17 -1.54 13.35 8.65
N SER A 18 -2.17 13.57 7.48
CA SER A 18 -3.17 12.66 6.99
C SER A 18 -2.44 11.53 6.33
N LEU A 19 -2.83 10.29 6.68
CA LEU A 19 -2.23 9.13 6.06
C LEU A 19 -2.80 9.11 4.68
N GLY A 20 -4.14 9.03 4.66
CA GLY A 20 -4.93 9.25 3.47
C GLY A 20 -4.65 8.20 2.45
N ILE A 21 -4.49 6.96 2.90
CA ILE A 21 -4.33 5.85 2.01
C ILE A 21 -5.37 4.89 2.50
N CYS A 22 -5.74 3.90 1.71
CA CYS A 22 -6.63 2.90 2.17
C CYS A 22 -6.27 1.73 1.35
N VAL A 23 -6.60 0.53 1.82
CA VAL A 23 -6.06 -0.64 1.24
C VAL A 23 -7.15 -1.66 1.30
N THR A 24 -6.93 -2.75 0.59
CA THR A 24 -7.85 -3.83 0.54
C THR A 24 -6.98 -5.01 0.21
N GLY A 25 -7.50 -6.22 0.35
CA GLY A 25 -6.72 -7.42 0.14
C GLY A 25 -6.80 -8.19 1.40
N GLY A 26 -6.02 -9.27 1.50
CA GLY A 26 -5.95 -9.98 2.75
C GLY A 26 -6.28 -11.41 2.51
N VAL A 27 -7.29 -11.90 3.28
CA VAL A 27 -7.63 -13.31 3.45
C VAL A 27 -8.19 -13.99 2.19
N ASN A 28 -7.97 -13.42 0.98
CA ASN A 28 -8.61 -13.90 -0.28
C ASN A 28 -9.94 -13.22 -0.38
N THR A 29 -9.84 -11.92 -0.55
CA THR A 29 -10.97 -11.05 -0.78
C THR A 29 -11.15 -11.04 -2.30
N SER A 30 -11.95 -10.08 -2.82
CA SER A 30 -12.26 -9.96 -4.24
C SER A 30 -11.00 -10.00 -5.12
N VAL A 31 -9.81 -9.60 -4.58
CA VAL A 31 -8.60 -9.77 -5.34
C VAL A 31 -8.12 -11.18 -5.03
N ARG A 32 -8.04 -12.01 -6.07
CA ARG A 32 -7.90 -13.44 -5.91
C ARG A 32 -6.50 -13.80 -5.50
N HIS A 33 -5.54 -12.87 -5.61
CA HIS A 33 -4.19 -13.13 -5.13
C HIS A 33 -4.13 -12.79 -3.66
N GLY A 34 -5.22 -12.20 -3.13
CA GLY A 34 -5.31 -11.80 -1.72
C GLY A 34 -4.27 -10.75 -1.40
N GLY A 35 -3.61 -10.19 -2.43
CA GLY A 35 -2.56 -9.23 -2.22
C GLY A 35 -3.19 -7.97 -1.76
N ILE A 36 -2.39 -7.12 -1.10
CA ILE A 36 -2.90 -5.90 -0.59
C ILE A 36 -2.81 -4.91 -1.72
N TYR A 37 -3.90 -4.22 -2.03
CA TYR A 37 -3.88 -3.24 -3.09
C TYR A 37 -4.36 -1.98 -2.48
N VAL A 38 -3.81 -0.84 -2.91
CA VAL A 38 -4.29 0.44 -2.48
C VAL A 38 -5.72 0.59 -2.99
N LYS A 39 -6.63 1.05 -2.12
CA LYS A 39 -8.04 1.04 -2.44
C LYS A 39 -8.43 2.44 -2.77
N ALA A 40 -7.97 3.40 -1.96
CA ALA A 40 -8.39 4.76 -2.12
C ALA A 40 -7.24 5.59 -1.72
N VAL A 41 -7.17 6.81 -2.26
CA VAL A 41 -6.13 7.72 -1.89
C VAL A 41 -6.82 9.03 -1.63
N ILE A 42 -6.54 9.65 -0.48
CA ILE A 42 -7.06 10.97 -0.18
C ILE A 42 -6.26 11.95 -1.04
N PRO A 43 -6.96 12.94 -1.65
CA PRO A 43 -6.31 14.00 -2.40
C PRO A 43 -5.39 14.77 -1.45
N GLN A 44 -4.10 14.88 -1.83
CA GLN A 44 -3.07 15.52 -1.01
C GLN A 44 -2.79 14.66 0.21
N GLY A 45 -3.18 13.36 0.20
CA GLY A 45 -2.83 12.46 1.26
C GLY A 45 -1.45 12.00 0.97
N ALA A 46 -0.91 11.11 1.82
CA ALA A 46 0.49 10.77 1.80
C ALA A 46 0.89 10.18 0.46
N ALA A 47 0.11 9.20 -0.03
CA ALA A 47 0.47 8.50 -1.28
C ALA A 47 0.45 9.49 -2.43
N GLU A 48 -0.60 10.34 -2.48
CA GLU A 48 -0.75 11.35 -3.55
C GLU A 48 0.45 12.28 -3.53
N SER A 49 0.83 12.75 -2.34
CA SER A 49 1.93 13.70 -2.20
C SER A 49 3.22 13.04 -2.65
N ASP A 50 3.41 11.75 -2.31
CA ASP A 50 4.63 11.03 -2.66
C ASP A 50 4.65 10.85 -4.17
N GLY A 51 3.52 10.44 -4.74
CA GLY A 51 3.42 10.34 -6.20
C GLY A 51 3.74 8.94 -6.65
N ARG A 52 4.66 8.26 -5.93
CA ARG A 52 5.15 6.96 -6.39
C ARG A 52 4.10 5.91 -6.14
N ILE A 53 3.36 6.02 -5.02
CA ILE A 53 2.30 5.07 -4.76
C ILE A 53 1.07 5.74 -5.29
N HIS A 54 0.20 4.98 -5.97
CA HIS A 54 -1.04 5.54 -6.46
C HIS A 54 -2.10 4.53 -6.17
N LYS A 55 -3.35 4.86 -6.52
CA LYS A 55 -4.48 4.01 -6.23
C LYS A 55 -4.33 2.72 -7.00
N GLY A 56 -4.68 1.60 -6.37
CA GLY A 56 -4.68 0.34 -7.05
C GLY A 56 -3.31 -0.28 -7.05
N ASP A 57 -2.27 0.42 -6.50
CA ASP A 57 -0.91 -0.14 -6.58
C ASP A 57 -0.85 -1.29 -5.60
N ARG A 58 0.05 -2.24 -5.85
CA ARG A 58 0.01 -3.52 -5.17
C ARG A 58 1.06 -3.49 -4.10
N VAL A 59 0.63 -3.61 -2.84
CA VAL A 59 1.52 -3.62 -1.72
C VAL A 59 1.62 -5.06 -1.31
N LEU A 60 2.78 -5.49 -0.83
CA LEU A 60 2.90 -6.85 -0.33
C LEU A 60 3.28 -6.76 1.09
N ALA A 61 4.30 -5.95 1.39
CA ALA A 61 4.83 -5.99 2.72
C ALA A 61 4.92 -4.62 3.26
N VAL A 62 5.15 -4.59 4.57
CA VAL A 62 5.29 -3.39 5.31
C VAL A 62 6.48 -3.63 6.16
N ASN A 63 7.61 -3.05 5.75
CA ASN A 63 8.88 -3.15 6.48
C ASN A 63 9.28 -4.59 6.67
N GLY A 64 9.11 -5.43 5.64
CA GLY A 64 9.58 -6.81 5.73
C GLY A 64 8.57 -7.66 6.45
N VAL A 65 7.33 -7.15 6.61
CA VAL A 65 6.28 -7.98 7.14
C VAL A 65 5.33 -8.17 5.99
N SER A 66 5.18 -9.42 5.53
CA SER A 66 4.44 -9.76 4.32
C SER A 66 2.95 -9.70 4.53
N LEU A 67 2.50 -9.21 5.71
CA LEU A 67 1.08 -9.11 6.12
C LEU A 67 0.25 -10.28 5.57
N GLU A 68 0.81 -11.51 5.54
CA GLU A 68 0.16 -12.57 4.82
C GLU A 68 -0.99 -13.08 5.61
N GLY A 69 -2.16 -13.17 4.95
CA GLY A 69 -3.34 -13.71 5.59
C GLY A 69 -3.94 -12.66 6.47
N ALA A 70 -3.32 -11.43 6.53
CA ALA A 70 -3.86 -10.39 7.36
C ALA A 70 -5.16 -9.97 6.80
N THR A 71 -6.04 -9.48 7.65
CA THR A 71 -7.33 -9.07 7.21
C THR A 71 -7.19 -7.70 6.57
N HIS A 72 -8.19 -7.32 5.73
CA HIS A 72 -8.15 -6.06 5.00
C HIS A 72 -8.15 -4.95 6.00
N LYS A 73 -8.99 -5.11 7.05
CA LYS A 73 -9.07 -4.16 8.15
C LYS A 73 -7.70 -4.02 8.79
N GLN A 74 -6.94 -5.14 9.00
CA GLN A 74 -5.64 -5.08 9.68
C GLN A 74 -4.69 -4.29 8.83
N ALA A 75 -4.81 -4.42 7.48
CA ALA A 75 -3.92 -3.70 6.56
C ALA A 75 -4.09 -2.20 6.78
N VAL A 76 -5.32 -1.77 7.11
CA VAL A 76 -5.59 -0.36 7.39
C VAL A 76 -4.97 -0.05 8.74
N CYS A 77 -5.32 -0.87 9.77
CA CYS A 77 -4.86 -0.62 11.21
C CYS A 77 -3.31 -0.49 11.19
N THR A 78 -2.67 -1.17 10.21
CA THR A 78 -1.22 -1.22 10.13
C THR A 78 -0.73 0.18 9.84
N LEU A 79 -1.23 0.80 8.75
CA LEU A 79 -0.83 2.15 8.36
C LEU A 79 -1.03 3.09 9.54
N ARG A 80 -2.26 3.10 10.07
CA ARG A 80 -2.59 3.89 11.28
C ARG A 80 -1.52 3.70 12.39
N ASN A 81 -1.05 2.46 12.61
CA ASN A 81 -0.16 2.17 13.75
C ASN A 81 1.30 2.42 13.36
N THR A 82 1.60 2.74 12.09
CA THR A 82 3.01 2.91 11.70
C THR A 82 3.43 4.34 12.02
N GLY A 83 4.75 4.60 11.91
CA GLY A 83 5.32 5.90 12.25
C GLY A 83 5.09 6.87 11.11
N GLN A 84 5.86 7.96 11.09
CA GLN A 84 5.62 9.01 10.13
C GLN A 84 6.18 8.57 8.81
N VAL A 85 7.22 7.72 8.84
CA VAL A 85 7.75 7.17 7.62
C VAL A 85 7.47 5.71 7.73
N VAL A 86 6.96 5.11 6.65
CA VAL A 86 6.61 3.72 6.67
C VAL A 86 7.42 3.13 5.56
N HIS A 87 7.92 1.91 5.73
CA HIS A 87 8.58 1.21 4.65
C HIS A 87 7.53 0.33 4.06
N LEU A 88 7.20 0.57 2.80
CA LEU A 88 6.17 -0.18 2.14
C LEU A 88 6.84 -0.88 1.03
N LEU A 89 6.50 -2.15 0.81
CA LEU A 89 7.15 -2.92 -0.20
C LEU A 89 6.10 -3.21 -1.21
N LEU A 90 6.37 -2.89 -2.48
CA LEU A 90 5.36 -2.99 -3.50
C LEU A 90 5.96 -3.74 -4.63
N GLU A 91 5.11 -4.40 -5.44
CA GLU A 91 5.59 -5.15 -6.58
C GLU A 91 4.72 -4.73 -7.69
N LYS A 92 5.32 -4.47 -8.84
CA LYS A 92 4.56 -4.01 -9.98
C LYS A 92 3.80 -5.14 -10.62
N GLY A 93 2.72 -4.74 -11.25
CA GLY A 93 1.77 -5.65 -11.86
C GLY A 93 0.46 -5.20 -11.39
N GLN A 94 0.23 -3.89 -11.50
CA GLN A 94 -0.99 -3.32 -11.02
C GLN A 94 -1.78 -2.90 -12.21
N SER A 95 -3.03 -2.60 -11.98
CA SER A 95 -3.89 -2.05 -12.99
C SER A 95 -4.20 -0.66 -12.51
N PRO A 96 -4.26 0.31 -13.45
CA PRO A 96 -4.63 1.67 -13.13
C PRO A 96 -6.06 1.65 -12.66
N THR A 97 -6.30 2.00 -11.41
CA THR A 97 -7.58 1.89 -10.84
C THR A 97 -8.00 3.34 -10.52
C1 33B B . -8.81 2.51 4.33
C2 33B B . -10.00 2.27 5.24
O2 33B B . -10.62 1.20 5.16
N3 33B B . -10.28 3.27 6.13
C4 33B B . -11.44 3.28 7.13
C5 33B B . -12.40 2.21 7.17
C6 33B B . -11.62 4.40 8.07
S6 33B B . -10.50 5.83 8.19
C7 33B B . -13.45 2.23 8.09
C8 33B B . -12.72 4.35 8.98
C9 33B B . -13.62 3.28 8.97
N10 33B B . -14.74 3.24 9.99
N11 33B B . -14.66 2.54 11.06
C12 33B B . -13.44 1.74 11.45
C13 33B B . -12.22 2.38 11.66
C14 33B B . -13.52 0.36 11.54
C15 33B B . -11.08 1.66 11.98
C16 33B B . -12.40 -0.44 11.88
C17 33B B . -11.10 0.24 12.11
S17 33B B . -12.63 -2.21 12.00
N18 33B B . -9.83 -0.54 12.49
C19 33B B . -8.57 0.02 12.70
O19 33B B . -8.31 1.17 12.42
C20 33B B . -7.49 -0.86 13.33
O61 33B B . -9.56 5.69 7.11
O62 33B B . -11.42 6.95 8.05
O63 33B B . -9.94 5.69 9.51
O71 33B B . -13.96 -2.34 12.55
O72 33B B . -12.51 -2.63 10.63
O73 33B B . -11.58 -2.66 12.87
HN3 33B B . -9.69 4.08 6.15
H5 33B B . -12.36 1.37 6.52
H7 33B B . -14.14 1.40 8.10
H8 33B B . -12.85 5.16 9.68
H1 33B B . -8.48 3.57 4.43
H13 33B B . -12.15 3.46 11.60
H14 33B B . -14.47 -0.13 11.36
H15 33B B . -10.20 2.26 12.12
HN18 33B B . -9.91 -1.54 12.62
H20 33B B . -6.62 -0.22 13.57
H1A 33B B . -7.97 1.87 4.63
H20A 33B B . -7.88 -1.29 14.28
N GLY A 1 10.90 4.07 -14.50
CA GLY A 1 10.46 3.46 -13.26
C GLY A 1 10.46 1.99 -13.40
N PRO A 2 9.94 1.34 -12.36
CA PRO A 2 9.90 -0.11 -12.28
C PRO A 2 8.97 -0.65 -13.35
N LYS A 3 9.19 -1.93 -13.74
CA LYS A 3 8.36 -2.61 -14.73
C LYS A 3 7.00 -2.83 -14.08
N PRO A 4 6.01 -3.23 -14.87
CA PRO A 4 4.79 -3.80 -14.32
C PRO A 4 5.17 -5.11 -13.62
N GLY A 5 4.78 -5.29 -12.36
CA GLY A 5 5.08 -6.56 -11.68
C GLY A 5 6.45 -6.50 -11.07
N ASP A 6 7.04 -5.31 -10.99
CA ASP A 6 8.39 -5.17 -10.45
C ASP A 6 8.23 -4.59 -9.08
N ILE A 7 9.14 -4.97 -8.15
CA ILE A 7 9.00 -4.63 -6.75
C ILE A 7 9.87 -3.44 -6.52
N PHE A 8 9.32 -2.42 -5.86
CA PHE A 8 10.05 -1.21 -5.59
C PHE A 8 9.80 -0.89 -4.16
N GLU A 9 10.77 -0.25 -3.49
CA GLU A 9 10.62 0.08 -2.10
C GLU A 9 10.27 1.53 -2.06
N VAL A 10 9.32 1.89 -1.20
CA VAL A 10 9.00 3.27 -1.00
C VAL A 10 9.04 3.46 0.46
N GLU A 11 9.79 4.47 0.92
CA GLU A 11 9.75 4.81 2.31
C GLU A 11 8.91 6.03 2.41
N LEU A 12 7.73 5.86 2.98
CA LEU A 12 6.70 6.84 2.86
C LEU A 12 6.68 7.58 4.13
N ALA A 13 6.85 8.90 4.05
CA ALA A 13 6.86 9.71 5.22
C ALA A 13 5.46 10.23 5.41
N LYS A 14 5.00 10.22 6.65
CA LYS A 14 3.74 10.81 7.06
C LYS A 14 4.02 12.26 7.33
N ASN A 15 4.95 12.87 6.59
CA ASN A 15 5.31 14.26 6.82
C ASN A 15 4.21 15.08 6.19
N ASP A 16 3.06 15.10 6.87
CA ASP A 16 1.87 15.77 6.45
C ASP A 16 0.98 15.52 7.64
N ASN A 17 -0.24 15.04 7.41
CA ASN A 17 -1.12 14.64 8.48
C ASN A 17 -1.99 13.58 7.91
N SER A 18 -2.51 13.83 6.70
CA SER A 18 -3.44 12.93 6.08
C SER A 18 -2.64 11.75 5.58
N LEU A 19 -3.01 10.54 6.04
CA LEU A 19 -2.43 9.33 5.49
C LEU A 19 -3.06 9.19 4.15
N GLY A 20 -4.39 9.15 4.19
CA GLY A 20 -5.24 9.13 3.03
C GLY A 20 -4.98 7.92 2.21
N ILE A 21 -4.71 6.76 2.85
CA ILE A 21 -4.51 5.54 2.12
C ILE A 21 -5.70 4.71 2.48
N CYS A 22 -5.99 3.69 1.68
CA CYS A 22 -6.91 2.68 2.12
C CYS A 22 -6.49 1.49 1.33
N VAL A 23 -6.84 0.30 1.78
CA VAL A 23 -6.26 -0.88 1.22
C VAL A 23 -7.37 -1.89 1.19
N THR A 24 -7.13 -2.98 0.46
CA THR A 24 -8.08 -4.05 0.35
C THR A 24 -7.20 -5.27 0.19
N GLY A 25 -7.77 -6.48 0.34
CA GLY A 25 -6.96 -7.69 0.22
C GLY A 25 -7.09 -8.44 1.49
N GLY A 26 -6.30 -9.52 1.66
CA GLY A 26 -6.26 -10.22 2.91
C GLY A 26 -6.57 -11.67 2.68
N VAL A 27 -7.54 -12.20 3.48
CA VAL A 27 -7.88 -13.62 3.65
C VAL A 27 -8.46 -14.28 2.39
N ASN A 28 -8.25 -13.71 1.20
CA ASN A 28 -8.87 -14.18 -0.06
C ASN A 28 -10.20 -13.53 -0.15
N THR A 29 -10.11 -12.23 -0.26
CA THR A 29 -11.23 -11.38 -0.45
C THR A 29 -11.32 -11.20 -1.96
N SER A 30 -12.10 -10.23 -2.43
CA SER A 30 -12.37 -9.94 -3.84
C SER A 30 -11.12 -10.12 -4.74
N VAL A 31 -9.91 -9.72 -4.25
CA VAL A 31 -8.72 -9.83 -5.06
C VAL A 31 -8.16 -11.24 -4.89
N ARG A 32 -7.85 -11.89 -6.04
CA ARG A 32 -7.54 -13.31 -6.10
C ARG A 32 -6.35 -13.66 -5.24
N HIS A 33 -5.23 -12.92 -5.40
CA HIS A 33 -3.98 -13.28 -4.70
C HIS A 33 -4.08 -12.92 -3.24
N GLY A 34 -5.21 -12.28 -2.84
CA GLY A 34 -5.40 -11.80 -1.46
C GLY A 34 -4.36 -10.77 -1.13
N GLY A 35 -3.65 -10.24 -2.15
CA GLY A 35 -2.58 -9.29 -1.89
C GLY A 35 -3.20 -8.02 -1.48
N ILE A 36 -2.45 -7.21 -0.73
CA ILE A 36 -2.98 -6.00 -0.22
C ILE A 36 -2.87 -4.97 -1.33
N TYR A 37 -3.99 -4.58 -1.94
CA TYR A 37 -3.96 -3.61 -3.03
C TYR A 37 -4.27 -2.31 -2.43
N VAL A 38 -3.61 -1.23 -2.93
CA VAL A 38 -4.00 0.10 -2.58
C VAL A 38 -5.38 0.30 -3.18
N LYS A 39 -6.32 0.71 -2.36
CA LYS A 39 -7.71 0.70 -2.73
C LYS A 39 -8.07 2.08 -3.13
N ALA A 40 -7.71 3.03 -2.28
CA ALA A 40 -8.16 4.37 -2.47
C ALA A 40 -7.05 5.22 -2.08
N VAL A 41 -6.95 6.39 -2.72
CA VAL A 41 -5.99 7.37 -2.34
C VAL A 41 -6.79 8.62 -2.18
N ILE A 42 -6.73 9.21 -0.99
CA ILE A 42 -7.41 10.46 -0.73
C ILE A 42 -6.56 11.53 -1.41
N PRO A 43 -7.20 12.50 -2.09
CA PRO A 43 -6.50 13.58 -2.74
C PRO A 43 -5.63 14.30 -1.73
N GLN A 44 -4.36 14.47 -2.09
CA GLN A 44 -3.36 15.12 -1.28
C GLN A 44 -3.10 14.37 0.00
N GLY A 45 -3.40 13.05 0.06
CA GLY A 45 -2.96 12.24 1.17
C GLY A 45 -1.47 12.04 1.01
N ALA A 46 -0.84 11.37 2.01
CA ALA A 46 0.61 11.24 2.07
C ALA A 46 1.10 10.52 0.82
N ALA A 47 0.29 9.55 0.32
CA ALA A 47 0.68 8.77 -0.85
C ALA A 47 0.70 9.66 -2.06
N GLU A 48 -0.40 10.45 -2.29
CA GLU A 48 -0.52 11.23 -3.52
C GLU A 48 0.53 12.31 -3.55
N SER A 49 0.82 12.91 -2.36
CA SER A 49 1.82 13.95 -2.27
C SER A 49 3.18 13.35 -2.58
N ASP A 50 3.39 12.10 -2.13
CA ASP A 50 4.65 11.42 -2.37
C ASP A 50 4.75 11.10 -3.84
N GLY A 51 3.60 10.76 -4.45
CA GLY A 51 3.52 10.56 -5.90
C GLY A 51 3.97 9.16 -6.27
N ARG A 52 4.75 8.51 -5.41
CA ARG A 52 5.29 7.21 -5.75
C ARG A 52 4.20 6.19 -5.64
N ILE A 53 3.37 6.30 -4.59
CA ILE A 53 2.32 5.34 -4.38
C ILE A 53 1.06 5.96 -4.95
N HIS A 54 0.36 5.22 -5.83
CA HIS A 54 -0.87 5.68 -6.39
C HIS A 54 -1.84 4.56 -6.24
N LYS A 55 -3.10 4.78 -6.64
CA LYS A 55 -4.07 3.72 -6.71
C LYS A 55 -3.61 2.80 -7.81
N GLY A 56 -3.82 1.49 -7.69
CA GLY A 56 -3.39 0.59 -8.75
C GLY A 56 -2.10 -0.02 -8.34
N ASP A 57 -1.43 0.60 -7.34
CA ASP A 57 -0.24 0.01 -6.77
C ASP A 57 -0.71 -0.92 -5.75
N ARG A 58 0.12 -1.91 -5.37
CA ARG A 58 -0.30 -2.82 -4.36
C ARG A 58 0.85 -3.02 -3.47
N VAL A 59 0.56 -3.31 -2.21
CA VAL A 59 1.56 -3.41 -1.21
C VAL A 59 1.70 -4.88 -0.96
N LEU A 60 2.91 -5.32 -0.65
CA LEU A 60 3.10 -6.68 -0.26
C LEU A 60 3.49 -6.66 1.16
N ALA A 61 4.46 -5.81 1.52
CA ALA A 61 4.94 -5.83 2.87
C ALA A 61 4.95 -4.45 3.42
N VAL A 62 5.00 -4.42 4.76
CA VAL A 62 4.97 -3.21 5.53
C VAL A 62 5.91 -3.47 6.66
N ASN A 63 7.04 -2.76 6.67
CA ASN A 63 8.10 -2.91 7.70
C ASN A 63 8.47 -4.37 7.86
N GLY A 64 8.55 -5.14 6.75
CA GLY A 64 9.07 -6.50 6.83
C GLY A 64 7.96 -7.45 7.18
N VAL A 65 6.70 -6.97 7.22
CA VAL A 65 5.61 -7.84 7.53
C VAL A 65 4.87 -8.02 6.23
N SER A 66 4.84 -9.26 5.71
CA SER A 66 4.23 -9.55 4.40
C SER A 66 2.71 -9.63 4.50
N LEU A 67 2.13 -9.14 5.63
CA LEU A 67 0.66 -9.11 5.91
C LEU A 67 -0.03 -10.38 5.39
N GLU A 68 0.61 -11.57 5.51
CA GLU A 68 0.01 -12.75 4.93
C GLU A 68 -1.11 -13.20 5.80
N GLY A 69 -2.30 -13.35 5.20
CA GLY A 69 -3.43 -13.92 5.89
C GLY A 69 -4.09 -12.87 6.72
N ALA A 70 -3.50 -11.66 6.84
CA ALA A 70 -4.09 -10.63 7.65
C ALA A 70 -5.32 -10.14 6.96
N THR A 71 -6.26 -9.60 7.74
CA THR A 71 -7.50 -9.15 7.18
C THR A 71 -7.29 -7.75 6.64
N HIS A 72 -8.26 -7.30 5.83
CA HIS A 72 -8.18 -6.00 5.20
C HIS A 72 -8.21 -4.93 6.27
N LYS A 73 -9.00 -5.16 7.37
CA LYS A 73 -8.99 -4.23 8.51
C LYS A 73 -7.58 -4.06 9.03
N GLN A 74 -6.83 -5.19 9.25
CA GLN A 74 -5.52 -5.11 9.87
C GLN A 74 -4.57 -4.43 8.93
N ALA A 75 -4.77 -4.58 7.60
CA ALA A 75 -3.92 -3.91 6.61
C ALA A 75 -4.00 -2.42 6.83
N VAL A 76 -5.21 -1.90 7.14
CA VAL A 76 -5.39 -0.48 7.42
C VAL A 76 -4.74 -0.20 8.76
N CYS A 77 -5.09 -1.04 9.82
CA CYS A 77 -4.57 -0.79 11.22
C CYS A 77 -3.05 -0.68 11.17
N THR A 78 -2.43 -1.36 10.17
CA THR A 78 -1.00 -1.47 10.13
C THR A 78 -0.45 -0.14 9.73
N LEU A 79 -0.87 0.40 8.55
CA LEU A 79 -0.29 1.64 8.04
C LEU A 79 -0.50 2.74 9.04
N ARG A 80 -1.76 2.95 9.39
CA ARG A 80 -2.13 3.93 10.42
C ARG A 80 -1.27 3.81 11.70
N ASN A 81 -0.94 2.58 12.15
CA ASN A 81 -0.22 2.41 13.43
C ASN A 81 1.30 2.49 13.21
N THR A 82 1.77 2.65 11.95
CA THR A 82 3.23 2.67 11.75
C THR A 82 3.74 4.05 12.15
N GLY A 83 5.08 4.23 12.08
CA GLY A 83 5.72 5.46 12.50
C GLY A 83 5.56 6.47 11.42
N GLN A 84 6.37 7.54 11.49
CA GLN A 84 6.23 8.64 10.58
C GLN A 84 6.90 8.23 9.30
N VAL A 85 7.98 7.43 9.40
CA VAL A 85 8.64 6.96 8.21
C VAL A 85 8.41 5.48 8.23
N VAL A 86 7.95 4.91 7.11
CA VAL A 86 7.57 3.53 7.09
C VAL A 86 8.28 2.94 5.92
N HIS A 87 8.63 1.64 6.00
CA HIS A 87 9.20 0.94 4.89
C HIS A 87 8.06 0.22 4.26
N LEU A 88 7.66 0.62 3.05
CA LEU A 88 6.57 -0.02 2.37
C LEU A 88 7.18 -0.71 1.22
N LEU A 89 6.74 -1.93 0.96
CA LEU A 89 7.26 -2.69 -0.13
C LEU A 89 6.11 -2.86 -1.05
N LEU A 90 6.27 -2.45 -2.31
CA LEU A 90 5.17 -2.44 -3.21
C LEU A 90 5.62 -3.12 -4.44
N GLU A 91 4.67 -3.66 -5.18
CA GLU A 91 4.96 -4.33 -6.40
C GLU A 91 4.02 -3.72 -7.36
N LYS A 92 4.51 -3.44 -8.56
CA LYS A 92 3.70 -2.85 -9.57
C LYS A 92 2.67 -3.84 -10.02
N GLY A 93 1.53 -3.29 -10.40
CA GLY A 93 0.44 -4.07 -10.90
C GLY A 93 0.63 -4.15 -12.35
N GLN A 94 -0.21 -4.93 -13.02
CA GLN A 94 -0.16 -4.99 -14.45
C GLN A 94 -1.01 -3.87 -14.93
N SER A 95 -0.90 -3.54 -16.20
CA SER A 95 -1.64 -2.43 -16.75
C SER A 95 -3.06 -2.91 -16.93
N PRO A 96 -4.04 -2.07 -16.55
CA PRO A 96 -5.43 -2.46 -16.47
C PRO A 96 -5.95 -2.68 -17.85
N THR A 97 -6.99 -3.49 -17.99
CA THR A 97 -7.59 -3.69 -19.26
C THR A 97 -8.98 -3.06 -19.13
C1 33B B . -9.25 2.98 4.33
C2 33B B . -10.52 3.03 5.22
O2 33B B . -10.95 4.13 5.62
N3 33B B . -11.10 1.82 5.52
C4 33B B . -12.23 1.58 6.54
C5 33B B . -12.75 2.64 7.34
C6 33B B . -12.78 0.23 6.76
S6 33B B . -12.25 -1.21 5.83
C7 33B B . -13.69 2.38 8.34
C8 33B B . -13.76 0.05 7.73
C9 33B B . -14.19 1.09 8.55
N10 33B B . -15.15 0.81 9.67
N11 33B B . -14.82 0.57 10.89
C12 33B B . -13.41 0.52 11.48
C13 33B B . -12.32 0.02 10.75
C14 33B B . -13.21 0.94 12.80
C15 33B B . -11.05 -0.03 11.30
C16 33B B . -11.93 0.86 13.44
C17 33B B . -10.80 0.37 12.64
S17 33B B . -11.81 1.34 15.16
N18 33B B . -9.38 0.21 13.25
C19 33B B . -8.26 -0.13 12.52
O19 33B B . -8.17 0.04 11.31
C20 33B B . -7.08 -0.71 13.28
O61 33B B . -10.84 -1.02 5.67
O62 33B B . -12.61 -2.33 6.65
O63 33B B . -13.01 -1.12 4.60
O71 33B B . -11.91 0.06 15.86
O72 33B B . -10.52 1.98 15.25
O73 33B B . -12.93 2.22 15.35
HN3 33B B . -10.75 1.01 5.03
H5 33B B . -12.42 3.66 7.25
H7 33B B . -14.04 3.19 8.97
H8 33B B . -14.17 -0.94 7.91
H1 33B B . -8.96 4.04 4.13
H13 33B B . -12.44 -0.34 9.75
H14 33B B . -14.06 1.31 13.36
H15 33B B . -10.28 -0.43 10.66
HN18 33B B . -9.27 0.37 14.23
H20 33B B . -6.24 0.01 13.23
H1A 33B B . -8.41 2.51 4.90
H20A 33B B . -7.32 -0.88 14.35
N GLY A 1 12.77 3.36 -14.45
CA GLY A 1 11.67 2.71 -13.72
C GLY A 1 11.86 1.24 -13.76
N PRO A 2 11.35 0.56 -12.71
CA PRO A 2 11.48 -0.88 -12.56
C PRO A 2 10.63 -1.58 -13.60
N LYS A 3 10.99 -2.83 -13.92
CA LYS A 3 10.32 -3.64 -14.92
C LYS A 3 9.02 -4.14 -14.32
N PRO A 4 8.07 -4.59 -15.18
CA PRO A 4 6.81 -5.18 -14.73
C PRO A 4 7.10 -6.46 -13.97
N GLY A 5 6.69 -6.55 -12.70
CA GLY A 5 6.97 -7.74 -11.92
C GLY A 5 8.27 -7.58 -11.21
N ASP A 6 8.80 -6.35 -11.17
CA ASP A 6 10.07 -6.09 -10.49
C ASP A 6 9.69 -5.49 -9.18
N ILE A 7 10.49 -5.80 -8.16
CA ILE A 7 10.17 -5.42 -6.81
C ILE A 7 10.89 -4.13 -6.58
N PHE A 8 10.24 -3.19 -5.89
CA PHE A 8 10.85 -1.94 -5.59
C PHE A 8 10.39 -1.56 -4.22
N GLU A 9 11.23 -0.84 -3.49
CA GLU A 9 10.91 -0.46 -2.16
C GLU A 9 10.51 0.97 -2.23
N VAL A 10 9.48 1.36 -1.47
CA VAL A 10 9.06 2.74 -1.45
C VAL A 10 9.05 3.14 -0.04
N GLU A 11 9.64 4.31 0.25
CA GLU A 11 9.49 4.88 1.55
C GLU A 11 8.47 5.94 1.41
N LEU A 12 7.35 5.76 2.11
CA LEU A 12 6.23 6.62 1.98
C LEU A 12 6.25 7.50 3.16
N ALA A 13 6.32 8.82 2.92
CA ALA A 13 6.37 9.76 4.01
C ALA A 13 4.97 10.24 4.23
N LYS A 14 4.58 10.27 5.51
CA LYS A 14 3.30 10.79 5.98
C LYS A 14 3.47 12.27 6.19
N ASN A 15 4.32 12.94 5.34
CA ASN A 15 4.78 14.33 5.52
C ASN A 15 3.64 15.26 5.91
N ASP A 16 2.43 15.05 5.35
CA ASP A 16 1.27 15.89 5.69
C ASP A 16 0.83 15.49 7.13
N ASN A 17 -0.44 15.68 7.44
CA ASN A 17 -0.96 15.28 8.72
C ASN A 17 -1.92 14.16 8.42
N SER A 18 -2.55 14.24 7.23
CA SER A 18 -3.46 13.23 6.80
C SER A 18 -2.62 12.06 6.33
N LEU A 19 -2.79 10.89 6.98
CA LEU A 19 -2.13 9.68 6.54
C LEU A 19 -2.87 9.29 5.28
N GLY A 20 -4.20 9.12 5.46
CA GLY A 20 -5.16 8.98 4.38
C GLY A 20 -4.78 7.95 3.37
N ILE A 21 -4.59 6.71 3.80
CA ILE A 21 -4.42 5.63 2.87
C ILE A 21 -5.36 4.58 3.36
N CYS A 22 -5.86 3.73 2.47
CA CYS A 22 -6.61 2.57 2.89
C CYS A 22 -6.31 1.56 1.87
N VAL A 23 -6.61 0.30 2.18
CA VAL A 23 -6.16 -0.78 1.39
C VAL A 23 -7.28 -1.78 1.46
N THR A 24 -7.18 -2.78 0.60
CA THR A 24 -8.14 -3.83 0.51
C THR A 24 -7.27 -5.03 0.23
N GLY A 25 -7.79 -6.24 0.37
CA GLY A 25 -6.98 -7.44 0.16
C GLY A 25 -7.02 -8.23 1.40
N GLY A 26 -6.25 -9.32 1.46
CA GLY A 26 -6.11 -10.04 2.70
C GLY A 26 -6.39 -11.48 2.45
N VAL A 27 -7.31 -12.04 3.26
CA VAL A 27 -7.60 -13.48 3.40
C VAL A 27 -8.24 -14.12 2.15
N ASN A 28 -8.10 -13.47 0.98
CA ASN A 28 -8.83 -13.85 -0.25
C ASN A 28 -10.13 -13.15 -0.22
N THR A 29 -10.00 -11.83 -0.33
CA THR A 29 -11.12 -10.95 -0.52
C THR A 29 -11.42 -11.04 -2.02
N SER A 30 -12.23 -10.14 -2.56
CA SER A 30 -12.63 -10.21 -3.96
C SER A 30 -11.41 -10.19 -4.93
N VAL A 31 -10.19 -9.73 -4.47
CA VAL A 31 -9.04 -9.76 -5.35
C VAL A 31 -8.40 -11.15 -5.24
N ARG A 32 -8.04 -11.74 -6.40
CA ARG A 32 -7.68 -13.17 -6.52
C ARG A 32 -6.54 -13.54 -5.61
N HIS A 33 -5.38 -12.84 -5.71
CA HIS A 33 -4.21 -13.26 -4.93
C HIS A 33 -4.28 -12.63 -3.56
N GLY A 34 -5.44 -12.06 -3.19
CA GLY A 34 -5.60 -11.45 -1.87
C GLY A 34 -4.61 -10.33 -1.69
N GLY A 35 -4.10 -9.75 -2.80
CA GLY A 35 -3.06 -8.73 -2.74
C GLY A 35 -3.58 -7.55 -2.01
N ILE A 36 -2.71 -6.87 -1.25
CA ILE A 36 -3.11 -5.73 -0.50
C ILE A 36 -3.07 -4.55 -1.46
N TYR A 37 -4.21 -4.22 -2.08
CA TYR A 37 -4.26 -3.15 -3.04
C TYR A 37 -4.60 -1.93 -2.30
N VAL A 38 -4.02 -0.80 -2.72
CA VAL A 38 -4.42 0.49 -2.23
C VAL A 38 -5.85 0.69 -2.71
N LYS A 39 -6.72 1.10 -1.78
CA LYS A 39 -8.13 1.08 -1.99
C LYS A 39 -8.54 2.48 -2.28
N ALA A 40 -8.06 3.40 -1.46
CA ALA A 40 -8.46 4.76 -1.56
C ALA A 40 -7.30 5.55 -1.16
N VAL A 41 -7.21 6.76 -1.71
CA VAL A 41 -6.19 7.67 -1.33
C VAL A 41 -6.92 8.97 -1.16
N ILE A 42 -6.70 9.66 -0.01
CA ILE A 42 -7.35 10.95 0.22
C ILE A 42 -6.72 11.89 -0.76
N PRO A 43 -7.49 12.87 -1.27
CA PRO A 43 -6.92 13.98 -2.01
C PRO A 43 -5.88 14.66 -1.14
N GLN A 44 -4.63 14.66 -1.62
CA GLN A 44 -3.49 15.16 -0.87
C GLN A 44 -3.30 14.42 0.44
N GLY A 45 -3.69 13.10 0.53
CA GLY A 45 -3.27 12.29 1.65
C GLY A 45 -1.82 11.94 1.42
N ALA A 46 -1.24 11.10 2.30
CA ALA A 46 0.19 10.84 2.27
C ALA A 46 0.61 10.26 0.95
N ALA A 47 -0.11 9.20 0.49
CA ALA A 47 0.29 8.48 -0.73
C ALA A 47 0.22 9.41 -1.92
N GLU A 48 -0.88 10.19 -2.04
CA GLU A 48 -1.07 11.07 -3.19
C GLU A 48 0.00 12.13 -3.18
N SER A 49 0.33 12.64 -1.99
CA SER A 49 1.31 13.70 -1.86
C SER A 49 2.66 13.15 -2.32
N ASP A 50 2.98 11.91 -1.89
CA ASP A 50 4.25 11.27 -2.27
C ASP A 50 4.22 11.07 -3.77
N GLY A 51 3.05 10.67 -4.30
CA GLY A 51 2.85 10.58 -5.73
C GLY A 51 3.38 9.29 -6.27
N ARG A 52 4.20 8.58 -5.49
CA ARG A 52 4.80 7.36 -5.98
C ARG A 52 3.80 6.25 -5.82
N ILE A 53 3.05 6.25 -4.72
CA ILE A 53 2.07 5.20 -4.49
C ILE A 53 0.72 5.81 -4.83
N HIS A 54 -0.08 5.09 -5.62
CA HIS A 54 -1.36 5.58 -6.07
C HIS A 54 -2.38 4.56 -5.70
N LYS A 55 -3.66 4.85 -6.01
CA LYS A 55 -4.69 3.83 -5.92
C LYS A 55 -4.37 2.83 -6.99
N GLY A 56 -4.60 1.52 -6.75
CA GLY A 56 -4.32 0.54 -7.79
C GLY A 56 -3.04 -0.13 -7.45
N ASP A 57 -2.17 0.55 -6.64
CA ASP A 57 -0.89 -0.02 -6.24
C ASP A 57 -1.17 -1.17 -5.35
N ARG A 58 -0.27 -2.16 -5.32
CA ARG A 58 -0.46 -3.31 -4.48
C ARG A 58 0.78 -3.48 -3.68
N VAL A 59 0.60 -3.66 -2.38
CA VAL A 59 1.66 -3.74 -1.44
C VAL A 59 1.77 -5.20 -1.08
N LEU A 60 2.98 -5.64 -0.73
CA LEU A 60 3.16 -6.99 -0.26
C LEU A 60 3.60 -6.93 1.16
N ALA A 61 4.58 -6.07 1.46
CA ALA A 61 5.12 -6.07 2.81
C ALA A 61 5.12 -4.67 3.32
N VAL A 62 5.18 -4.59 4.66
CA VAL A 62 5.09 -3.35 5.37
C VAL A 62 6.10 -3.47 6.46
N ASN A 63 7.21 -2.74 6.30
CA ASN A 63 8.32 -2.73 7.25
C ASN A 63 8.79 -4.14 7.59
N GLY A 64 8.77 -5.05 6.58
CA GLY A 64 9.34 -6.37 6.76
C GLY A 64 8.29 -7.30 7.27
N VAL A 65 7.03 -6.85 7.34
CA VAL A 65 5.98 -7.67 7.84
C VAL A 65 5.27 -8.17 6.63
N SER A 66 5.21 -9.49 6.46
CA SER A 66 4.42 -10.08 5.42
C SER A 66 2.98 -9.83 5.78
N LEU A 67 2.35 -8.89 5.04
CA LEU A 67 1.02 -8.45 5.35
C LEU A 67 0.04 -9.49 4.91
N GLU A 68 0.45 -10.36 3.96
CA GLU A 68 -0.42 -11.42 3.48
C GLU A 68 -0.85 -12.28 4.65
N GLY A 69 -2.09 -12.76 4.58
CA GLY A 69 -2.69 -13.46 5.69
C GLY A 69 -3.61 -12.53 6.43
N ALA A 70 -3.20 -11.24 6.58
CA ALA A 70 -3.97 -10.30 7.36
C ALA A 70 -5.29 -10.04 6.70
N THR A 71 -6.25 -9.58 7.49
CA THR A 71 -7.54 -9.22 6.97
C THR A 71 -7.44 -7.80 6.45
N HIS A 72 -8.45 -7.38 5.67
CA HIS A 72 -8.43 -6.08 5.02
C HIS A 72 -8.45 -5.01 6.08
N LYS A 73 -9.29 -5.19 7.14
CA LYS A 73 -9.37 -4.23 8.25
C LYS A 73 -8.00 -3.99 8.84
N GLN A 74 -7.22 -5.08 9.09
CA GLN A 74 -5.92 -4.96 9.72
C GLN A 74 -4.98 -4.29 8.77
N ALA A 75 -5.10 -4.58 7.45
CA ALA A 75 -4.22 -3.98 6.43
C ALA A 75 -4.31 -2.48 6.53
N VAL A 76 -5.53 -1.94 6.71
CA VAL A 76 -5.72 -0.50 6.80
C VAL A 76 -5.09 -0.02 8.09
N CYS A 77 -5.52 -0.63 9.23
CA CYS A 77 -5.03 -0.17 10.59
C CYS A 77 -3.50 -0.19 10.60
N THR A 78 -2.89 -1.08 9.77
CA THR A 78 -1.46 -1.26 9.80
C THR A 78 -0.83 0.03 9.31
N LEU A 79 -1.25 0.51 8.11
CA LEU A 79 -0.68 1.74 7.54
C LEU A 79 -0.87 2.87 8.55
N ARG A 80 -2.12 3.12 8.93
CA ARG A 80 -2.44 4.10 10.00
C ARG A 80 -1.57 3.91 11.28
N ASN A 81 -1.06 2.70 11.56
CA ASN A 81 -0.30 2.44 12.80
C ASN A 81 1.19 2.65 12.54
N THR A 82 1.60 2.81 11.27
CA THR A 82 3.04 2.87 10.98
C THR A 82 3.56 4.26 11.33
N GLY A 83 4.89 4.45 11.20
CA GLY A 83 5.52 5.71 11.56
C GLY A 83 5.33 6.71 10.45
N GLN A 84 6.14 7.79 10.48
CA GLN A 84 5.99 8.88 9.53
C GLN A 84 6.60 8.44 8.25
N VAL A 85 7.69 7.67 8.35
CA VAL A 85 8.31 7.14 7.18
C VAL A 85 8.06 5.69 7.31
N VAL A 86 7.52 5.07 6.26
CA VAL A 86 7.17 3.69 6.34
C VAL A 86 7.96 3.04 5.27
N HIS A 87 8.49 1.85 5.54
CA HIS A 87 9.20 1.11 4.54
C HIS A 87 8.16 0.22 3.91
N LEU A 88 7.79 0.48 2.66
CA LEU A 88 6.75 -0.29 2.02
C LEU A 88 7.39 -1.04 0.93
N LEU A 89 7.00 -2.29 0.72
CA LEU A 89 7.56 -3.09 -0.31
C LEU A 89 6.49 -3.29 -1.31
N LEU A 90 6.76 -2.98 -2.59
CA LEU A 90 5.75 -3.10 -3.60
C LEU A 90 6.39 -3.79 -4.75
N GLU A 91 5.57 -4.45 -5.57
CA GLU A 91 6.06 -5.15 -6.72
C GLU A 91 5.25 -4.64 -7.86
N LYS A 92 5.91 -4.40 -9.00
CA LYS A 92 5.24 -3.89 -10.17
C LYS A 92 4.25 -4.91 -10.68
N GLY A 93 3.20 -4.41 -11.29
CA GLY A 93 2.13 -5.23 -11.80
C GLY A 93 0.93 -4.79 -11.04
N GLN A 94 0.81 -3.46 -10.89
CA GLN A 94 -0.29 -2.86 -10.20
C GLN A 94 -1.24 -2.39 -11.24
N SER A 95 -2.45 -2.03 -10.81
CA SER A 95 -3.48 -1.58 -11.70
C SER A 95 -3.14 -0.16 -12.15
N PRO A 96 -3.73 0.26 -13.29
CA PRO A 96 -3.62 1.64 -13.78
C PRO A 96 -4.31 2.59 -12.81
N THR A 97 -4.34 3.89 -13.17
CA THR A 97 -4.77 5.01 -12.34
C THR A 97 -3.47 5.67 -11.89
C1 33B B . -10.55 3.70 3.65
C2 33B B . -11.41 4.00 4.88
O2 33B B . -12.11 3.11 5.37
N3 33B B . -11.31 5.30 5.39
C4 33B B . -11.90 5.79 6.73
C5 33B B . -12.64 4.92 7.59
C6 33B B . -11.64 7.17 7.21
S6 33B B . -10.76 8.42 6.24
C7 33B B . -13.08 5.35 8.85
C8 33B B . -12.11 7.54 8.50
C9 33B B . -12.80 6.64 9.31
N10 33B B . -13.24 7.08 10.71
N11 33B B . -12.96 6.45 11.80
C12 33B B . -12.15 5.17 11.88
C13 33B B . -10.85 5.11 11.39
C14 33B B . -12.73 4.03 12.43
C15 33B B . -10.12 3.92 11.41
C16 33B B . -12.05 2.80 12.50
C17 33B B . -10.69 2.71 11.93
S17 33B B . -12.93 1.40 13.21
N18 33B B . -9.94 1.37 11.86
C19 33B B . -8.72 1.14 11.24
O19 33B B . -8.11 2.00 10.60
C20 33B B . -8.16 -0.28 11.36
O61 33B B . -10.10 9.24 7.25
O62 33B B . -9.85 7.65 5.42
O63 33B B . -11.84 9.07 5.52
O71 33B B . -13.76 1.02 12.11
O72 33B B . -11.90 0.45 13.56
O73 33B B . -13.62 1.99 14.33
HN3 33B B . -10.79 5.97 4.84
H5 33B B . -12.87 3.91 7.33
H7 33B B . -13.63 4.66 9.46
H8 33B B . -11.91 8.53 8.86
H1 33B B . -10.77 2.65 3.35
H13 33B B . -10.39 6.00 10.98
H14 33B B . -13.74 4.09 12.82
H15 33B B . -9.12 3.97 11.02
HN18 33B B . -10.39 0.58 12.31
H20 33B B . -8.97 -1.00 11.63
H1A 33B B . -10.81 4.36 2.80
H20A 33B B . -7.76 -0.59 10.38
N GLY A 1 10.02 4.23 -14.44
CA GLY A 1 9.10 3.72 -13.42
C GLY A 1 9.14 2.23 -13.47
N PRO A 2 8.75 1.60 -12.36
CA PRO A 2 8.87 0.16 -12.17
C PRO A 2 7.98 -0.54 -13.17
N LYS A 3 8.37 -1.75 -13.56
CA LYS A 3 7.66 -2.54 -14.54
C LYS A 3 6.54 -3.23 -13.77
N PRO A 4 5.50 -3.67 -14.48
CA PRO A 4 4.36 -4.33 -13.84
C PRO A 4 4.84 -5.61 -13.18
N GLY A 5 4.59 -5.76 -11.87
CA GLY A 5 4.97 -6.99 -11.17
C GLY A 5 6.37 -6.87 -10.65
N ASP A 6 6.93 -5.64 -10.67
CA ASP A 6 8.30 -5.46 -10.15
C ASP A 6 8.14 -4.96 -8.75
N ILE A 7 9.03 -5.35 -7.85
CA ILE A 7 8.89 -5.05 -6.46
C ILE A 7 9.85 -3.91 -6.21
N PHE A 8 9.43 -2.93 -5.39
CA PHE A 8 10.28 -1.81 -5.09
C PHE A 8 9.95 -1.37 -3.71
N GLU A 9 10.86 -0.61 -3.07
CA GLU A 9 10.67 -0.18 -1.72
C GLU A 9 10.26 1.25 -1.79
N VAL A 10 9.29 1.64 -0.95
CA VAL A 10 8.85 3.02 -0.90
C VAL A 10 8.86 3.38 0.54
N GLU A 11 9.41 4.55 0.86
CA GLU A 11 9.30 5.06 2.18
C GLU A 11 8.32 6.18 2.09
N LEU A 12 7.26 6.13 2.88
CA LEU A 12 6.23 7.12 2.80
C LEU A 12 6.43 7.96 3.99
N ALA A 13 6.66 9.25 3.80
CA ALA A 13 6.94 10.11 4.91
C ALA A 13 5.71 10.89 5.21
N LYS A 14 5.51 11.15 6.49
CA LYS A 14 4.43 11.98 6.96
C LYS A 14 4.96 13.38 7.05
N ASN A 15 5.92 13.76 6.16
CA ASN A 15 6.47 15.11 6.20
C ASN A 15 5.39 16.01 5.70
N ASP A 16 4.51 15.44 4.86
CA ASP A 16 3.36 16.14 4.36
C ASP A 16 2.33 16.12 5.44
N ASN A 17 1.57 15.02 5.52
CA ASN A 17 0.40 14.99 6.35
C ASN A 17 0.18 13.53 6.65
N SER A 18 -1.01 13.20 7.22
CA SER A 18 -1.46 11.81 7.39
C SER A 18 -1.28 11.06 6.05
N LEU A 19 -1.10 9.70 6.12
CA LEU A 19 -0.67 8.92 4.95
C LEU A 19 -1.69 9.08 3.88
N GLY A 20 -2.95 8.73 4.20
CA GLY A 20 -4.02 8.93 3.29
C GLY A 20 -4.01 7.84 2.29
N ILE A 21 -3.89 6.59 2.77
CA ILE A 21 -3.93 5.45 1.92
C ILE A 21 -4.96 4.56 2.56
N CYS A 22 -5.62 3.70 1.76
CA CYS A 22 -6.46 2.68 2.31
C CYS A 22 -6.26 1.55 1.37
N VAL A 23 -6.59 0.32 1.82
CA VAL A 23 -6.10 -0.84 1.16
C VAL A 23 -7.19 -1.87 1.24
N THR A 24 -7.03 -2.95 0.46
CA THR A 24 -7.98 -4.01 0.40
C THR A 24 -7.12 -5.22 0.09
N GLY A 25 -7.66 -6.44 0.23
CA GLY A 25 -6.89 -7.65 -0.06
C GLY A 25 -6.96 -8.52 1.15
N GLY A 26 -6.25 -9.68 1.13
CA GLY A 26 -6.17 -10.50 2.30
C GLY A 26 -6.40 -11.94 1.95
N VAL A 27 -7.26 -12.59 2.77
CA VAL A 27 -7.51 -14.05 2.84
C VAL A 27 -8.12 -14.66 1.57
N ASN A 28 -8.01 -14.00 0.42
CA ASN A 28 -8.74 -14.39 -0.82
C ASN A 28 -10.07 -13.73 -0.74
N THR A 29 -9.98 -12.42 -0.79
CA THR A 29 -11.09 -11.54 -0.82
C THR A 29 -11.26 -11.24 -2.31
N SER A 30 -12.03 -10.18 -2.65
CA SER A 30 -12.32 -9.74 -4.03
C SER A 30 -11.20 -10.08 -5.02
N VAL A 31 -9.92 -9.77 -4.68
CA VAL A 31 -8.83 -10.00 -5.59
C VAL A 31 -8.31 -11.42 -5.35
N ARG A 32 -8.15 -12.19 -6.45
CA ARG A 32 -7.72 -13.58 -6.37
C ARG A 32 -6.23 -13.57 -6.10
N HIS A 33 -5.54 -12.49 -6.52
CA HIS A 33 -4.10 -12.31 -6.28
C HIS A 33 -3.87 -12.21 -4.79
N GLY A 34 -4.97 -11.93 -4.02
CA GLY A 34 -4.94 -11.89 -2.53
C GLY A 34 -4.12 -10.74 -2.03
N GLY A 35 -3.44 -10.03 -2.95
CA GLY A 35 -2.49 -9.02 -2.61
C GLY A 35 -3.21 -7.88 -1.99
N ILE A 36 -2.49 -7.13 -1.14
CA ILE A 36 -3.07 -6.01 -0.49
C ILE A 36 -2.97 -4.86 -1.47
N TYR A 37 -4.05 -4.58 -2.21
CA TYR A 37 -4.00 -3.54 -3.20
C TYR A 37 -4.35 -2.27 -2.53
N VAL A 38 -3.73 -1.18 -2.99
CA VAL A 38 -4.07 0.13 -2.58
C VAL A 38 -5.43 0.42 -3.16
N LYS A 39 -6.36 0.90 -2.31
CA LYS A 39 -7.76 0.97 -2.67
C LYS A 39 -8.08 2.41 -2.89
N ALA A 40 -7.48 3.29 -2.07
CA ALA A 40 -7.81 4.67 -2.13
C ALA A 40 -6.61 5.42 -1.75
N VAL A 41 -6.51 6.64 -2.28
CA VAL A 41 -5.48 7.55 -1.92
C VAL A 41 -6.20 8.85 -1.65
N ILE A 42 -5.94 9.44 -0.48
CA ILE A 42 -6.57 10.70 -0.09
C ILE A 42 -6.00 11.79 -0.99
N PRO A 43 -6.89 12.68 -1.50
CA PRO A 43 -6.49 13.85 -2.26
C PRO A 43 -5.66 14.74 -1.37
N GLN A 44 -4.37 14.83 -1.69
CA GLN A 44 -3.41 15.68 -0.99
C GLN A 44 -3.05 15.06 0.34
N GLY A 45 -3.25 13.73 0.50
CA GLY A 45 -2.65 13.04 1.61
C GLY A 45 -1.17 12.90 1.31
N ALA A 46 -0.41 12.29 2.24
CA ALA A 46 1.03 12.19 2.10
C ALA A 46 1.35 11.38 0.88
N ALA A 47 0.58 10.29 0.67
CA ALA A 47 0.84 9.36 -0.41
C ALA A 47 0.64 10.03 -1.73
N GLU A 48 -0.49 10.75 -1.92
CA GLU A 48 -0.77 11.38 -3.21
C GLU A 48 0.28 12.41 -3.49
N SER A 49 0.72 13.13 -2.45
CA SER A 49 1.71 14.18 -2.58
C SER A 49 3.02 13.54 -3.04
N ASP A 50 3.30 12.33 -2.52
CA ASP A 50 4.52 11.59 -2.83
C ASP A 50 4.43 11.17 -4.29
N GLY A 51 3.26 10.62 -4.67
CA GLY A 51 2.99 10.31 -6.06
C GLY A 51 3.56 8.97 -6.44
N ARG A 52 4.43 8.39 -5.61
CA ARG A 52 5.06 7.13 -5.98
C ARG A 52 4.03 6.03 -5.83
N ILE A 53 3.23 6.07 -4.74
CA ILE A 53 2.21 5.06 -4.53
C ILE A 53 0.90 5.65 -5.01
N HIS A 54 0.11 4.84 -5.76
CA HIS A 54 -1.19 5.25 -6.24
C HIS A 54 -2.10 4.09 -5.99
N LYS A 55 -3.39 4.23 -6.40
CA LYS A 55 -4.33 3.13 -6.39
C LYS A 55 -3.83 2.18 -7.44
N GLY A 56 -3.93 0.86 -7.19
CA GLY A 56 -3.54 -0.10 -8.20
C GLY A 56 -2.24 -0.68 -7.81
N ASP A 57 -1.56 -0.06 -6.84
CA ASP A 57 -0.29 -0.58 -6.37
C ASP A 57 -0.61 -1.65 -5.40
N ARG A 58 0.26 -2.67 -5.28
CA ARG A 58 -0.02 -3.78 -4.41
C ARG A 58 1.03 -3.76 -3.34
N VAL A 59 0.61 -3.69 -2.08
CA VAL A 59 1.51 -3.66 -0.97
C VAL A 59 1.66 -5.09 -0.53
N LEU A 60 2.86 -5.50 -0.17
CA LEU A 60 3.05 -6.84 0.35
C LEU A 60 3.48 -6.69 1.76
N ALA A 61 4.41 -5.77 2.03
CA ALA A 61 4.94 -5.67 3.35
C ALA A 61 4.90 -4.27 3.81
N VAL A 62 5.08 -4.15 5.11
CA VAL A 62 5.10 -2.90 5.80
C VAL A 62 6.22 -3.05 6.75
N ASN A 63 7.36 -2.45 6.40
CA ASN A 63 8.63 -2.59 7.11
C ASN A 63 8.95 -4.06 7.32
N GLY A 64 8.75 -4.87 6.28
CA GLY A 64 9.17 -6.26 6.33
C GLY A 64 8.17 -7.08 7.08
N VAL A 65 6.95 -6.55 7.32
CA VAL A 65 5.95 -7.32 7.98
C VAL A 65 5.07 -7.77 6.89
N SER A 66 4.99 -9.09 6.69
CA SER A 66 4.16 -9.62 5.67
C SER A 66 2.73 -9.43 6.09
N LEU A 67 2.01 -8.63 5.33
CA LEU A 67 0.57 -8.47 5.52
C LEU A 67 -0.12 -9.56 4.73
N GLU A 68 0.63 -10.57 4.29
CA GLU A 68 0.04 -11.67 3.55
C GLU A 68 -0.82 -12.46 4.51
N GLY A 69 -2.02 -12.86 4.04
CA GLY A 69 -2.90 -13.68 4.85
C GLY A 69 -3.67 -12.81 5.80
N ALA A 70 -3.22 -11.55 6.04
CA ALA A 70 -3.90 -10.67 6.97
C ALA A 70 -5.19 -10.27 6.35
N THR A 71 -6.15 -9.92 7.19
CA THR A 71 -7.44 -9.53 6.72
C THR A 71 -7.37 -8.03 6.39
N HIS A 72 -8.36 -7.54 5.59
CA HIS A 72 -8.25 -6.25 4.93
C HIS A 72 -8.14 -5.13 5.92
N LYS A 73 -8.90 -5.22 7.03
CA LYS A 73 -8.85 -4.16 8.04
C LYS A 73 -7.47 -4.07 8.64
N GLN A 74 -6.74 -5.21 8.80
CA GLN A 74 -5.41 -5.19 9.44
C GLN A 74 -4.45 -4.50 8.52
N ALA A 75 -4.67 -4.61 7.21
CA ALA A 75 -3.79 -3.96 6.24
C ALA A 75 -3.91 -2.47 6.44
N VAL A 76 -5.13 -2.01 6.79
CA VAL A 76 -5.38 -0.62 7.02
C VAL A 76 -4.77 -0.26 8.36
N CYS A 77 -5.17 -1.02 9.43
CA CYS A 77 -4.80 -0.66 10.85
C CYS A 77 -3.28 -0.56 10.95
N THR A 78 -2.58 -1.32 10.09
CA THR A 78 -1.12 -1.34 10.12
C THR A 78 -0.65 0.07 9.82
N LEU A 79 -1.08 0.63 8.67
CA LEU A 79 -0.71 1.98 8.25
C LEU A 79 -1.10 2.96 9.34
N ARG A 80 -2.38 2.97 9.73
CA ARG A 80 -2.87 3.82 10.84
C ARG A 80 -1.96 3.76 12.08
N ASN A 81 -1.34 2.60 12.39
CA ASN A 81 -0.55 2.48 13.61
C ASN A 81 0.94 2.67 13.32
N THR A 82 1.33 2.99 12.07
CA THR A 82 2.76 3.19 11.80
C THR A 82 3.16 4.60 12.26
N GLY A 83 4.47 4.88 12.20
CA GLY A 83 5.03 6.11 12.75
C GLY A 83 5.10 7.19 11.69
N GLN A 84 6.26 7.90 11.68
CA GLN A 84 6.43 9.12 10.91
C GLN A 84 6.77 8.74 9.50
N VAL A 85 7.75 7.85 9.34
CA VAL A 85 8.11 7.41 8.03
C VAL A 85 7.80 5.95 8.04
N VAL A 86 7.13 5.47 6.99
CA VAL A 86 6.69 4.12 6.96
C VAL A 86 7.41 3.51 5.81
N HIS A 87 7.98 2.32 6.00
CA HIS A 87 8.64 1.64 4.91
C HIS A 87 7.61 0.70 4.35
N LEU A 88 7.28 0.87 3.08
CA LEU A 88 6.29 0.06 2.45
C LEU A 88 6.98 -0.68 1.36
N LEU A 89 6.67 -1.97 1.22
CA LEU A 89 7.24 -2.77 0.17
C LEU A 89 6.11 -3.04 -0.75
N LEU A 90 6.27 -2.72 -2.04
CA LEU A 90 5.15 -2.84 -2.94
C LEU A 90 5.58 -3.59 -4.13
N GLU A 91 4.59 -4.19 -4.78
CA GLU A 91 4.75 -4.88 -6.01
C GLU A 91 3.93 -4.07 -6.94
N LYS A 92 4.52 -3.64 -8.07
CA LYS A 92 3.80 -2.86 -9.06
C LYS A 92 2.60 -3.64 -9.50
N GLY A 93 1.46 -2.96 -9.67
CA GLY A 93 0.23 -3.64 -10.01
C GLY A 93 0.33 -4.02 -11.43
N GLN A 94 -0.37 -5.09 -11.81
CA GLN A 94 -0.29 -5.56 -13.15
C GLN A 94 -1.59 -5.15 -13.77
N SER A 95 -1.87 -5.60 -14.99
CA SER A 95 -3.11 -5.32 -15.63
C SER A 95 -4.09 -6.36 -15.08
N PRO A 96 -5.38 -6.01 -15.07
CA PRO A 96 -6.41 -6.95 -14.67
C PRO A 96 -6.53 -7.98 -15.77
N THR A 97 -6.97 -9.19 -15.41
CA THR A 97 -7.27 -10.20 -16.35
C THR A 97 -8.23 -11.09 -15.55
C1 33B B . -7.89 3.54 4.94
C2 33B B . -8.90 3.77 6.06
O2 33B B . -8.85 4.80 6.74
N3 33B B . -9.78 2.73 6.27
C4 33B B . -10.71 2.56 7.47
C5 33B B . -10.78 3.53 8.51
C6 33B B . -11.54 1.35 7.62
S6 33B B . -11.59 0.00 6.40
C7 33B B . -11.60 3.34 9.63
C8 33B B . -12.34 1.21 8.77
C9 33B B . -12.37 2.19 9.77
N10 33B B . -13.30 2.03 10.94
N11 33B B . -12.96 1.67 12.12
C12 33B B . -11.56 1.32 12.59
C13 33B B . -11.08 0.02 12.45
C14 33B B . -10.80 2.27 13.26
C15 33B B . -9.84 -0.36 12.99
C16 33B B . -9.53 1.96 13.84
C17 33B B . -9.02 0.58 13.71
S17 33B B . -8.65 3.24 14.74
N18 33B B . -7.65 0.20 14.40
C19 33B B . -6.96 -1.03 14.43
O19 33B B . -5.95 -1.13 15.14
C20 33B B . -7.39 -2.23 13.59
O61 33B B . -11.04 -1.10 7.11
O62 33B B . -13.03 -0.13 6.14
O63 33B B . -10.82 0.43 5.25
O71 33B B . -7.34 3.19 14.15
O72 33B B . -9.38 4.44 14.44
O73 33B B . -8.74 2.77 16.11
HN3 33B B . -9.80 1.99 5.58
H5 33B B . -10.22 4.45 8.47
H7 33B B . -11.64 4.10 10.39
H8 33B B . -12.95 0.32 8.88
H1 33B B . -6.89 3.90 5.26
H13 33B B . -11.68 -0.72 11.94
H14 33B B . -11.20 3.27 13.39
H15 33B B . -9.59 -1.39 12.84
HN18 33B B . -7.19 0.93 14.90
H20 33B B . -6.74 -3.08 13.87
H1A 33B B . -7.80 2.46 4.76
H20A 33B B . -8.41 -2.54 13.85
N GLY A 1 10.13 3.17 -16.22
CA GLY A 1 9.36 2.76 -15.06
C GLY A 1 9.57 1.30 -14.85
N PRO A 2 9.22 0.83 -13.66
CA PRO A 2 9.33 -0.57 -13.30
C PRO A 2 8.29 -1.33 -14.09
N LYS A 3 8.53 -2.63 -14.31
CA LYS A 3 7.59 -3.43 -15.05
C LYS A 3 6.63 -3.96 -14.03
N PRO A 4 5.44 -4.44 -14.48
CA PRO A 4 4.47 -5.01 -13.58
C PRO A 4 5.08 -6.20 -12.87
N GLY A 5 4.92 -6.27 -11.56
CA GLY A 5 5.40 -7.41 -10.80
C GLY A 5 6.63 -7.02 -10.07
N ASP A 6 7.28 -5.93 -10.52
CA ASP A 6 8.51 -5.47 -9.86
C ASP A 6 8.15 -4.96 -8.49
N ILE A 7 8.96 -5.32 -7.47
CA ILE A 7 8.72 -4.90 -6.11
C ILE A 7 9.53 -3.67 -5.98
N PHE A 8 8.93 -2.61 -5.44
CA PHE A 8 9.61 -1.36 -5.28
C PHE A 8 9.40 -0.96 -3.85
N GLU A 9 10.43 -0.34 -3.26
CA GLU A 9 10.39 -0.01 -1.87
C GLU A 9 10.13 1.46 -1.82
N VAL A 10 9.16 1.86 -1.01
CA VAL A 10 8.79 3.23 -0.92
C VAL A 10 8.85 3.54 0.51
N GLU A 11 9.54 4.62 0.88
CA GLU A 11 9.52 5.06 2.23
C GLU A 11 8.61 6.23 2.25
N LEU A 12 7.46 6.04 2.87
CA LEU A 12 6.40 6.97 2.79
C LEU A 12 6.39 7.73 4.07
N ALA A 13 6.54 9.06 3.98
CA ALA A 13 6.55 9.88 5.16
C ALA A 13 5.20 10.51 5.27
N LYS A 14 4.76 10.73 6.51
CA LYS A 14 3.48 11.43 6.78
C LYS A 14 3.83 12.87 6.95
N ASN A 15 4.89 13.33 6.26
CA ASN A 15 5.47 14.63 6.54
C ASN A 15 4.68 15.64 5.79
N ASP A 16 4.50 15.40 4.47
CA ASP A 16 3.82 16.37 3.61
C ASP A 16 2.43 16.58 4.14
N ASN A 17 1.67 15.50 4.28
CA ASN A 17 0.34 15.60 4.79
C ASN A 17 0.09 14.25 5.37
N SER A 18 -0.96 14.15 6.20
CA SER A 18 -1.42 12.87 6.76
C SER A 18 -1.50 11.81 5.66
N LEU A 19 -1.31 10.53 6.07
CA LEU A 19 -1.03 9.45 5.15
C LEU A 19 -2.12 9.30 4.13
N GLY A 20 -3.37 9.08 4.58
CA GLY A 20 -4.48 8.97 3.66
C GLY A 20 -4.29 7.83 2.72
N ILE A 21 -4.05 6.64 3.25
CA ILE A 21 -3.93 5.46 2.42
C ILE A 21 -5.09 4.61 2.83
N CYS A 22 -5.49 3.65 2.01
CA CYS A 22 -6.35 2.63 2.51
C CYS A 22 -6.07 1.49 1.62
N VAL A 23 -6.44 0.27 2.03
CA VAL A 23 -6.04 -0.90 1.31
C VAL A 23 -7.21 -1.83 1.39
N THR A 24 -7.16 -2.88 0.59
CA THR A 24 -8.21 -3.84 0.51
C THR A 24 -7.51 -5.13 0.24
N GLY A 25 -8.22 -6.25 0.38
CA GLY A 25 -7.69 -7.54 0.02
C GLY A 25 -6.85 -8.11 1.11
N GLY A 26 -7.01 -9.45 1.34
CA GLY A 26 -6.09 -10.19 2.18
C GLY A 26 -6.38 -11.69 2.03
N VAL A 27 -7.30 -12.21 2.89
CA VAL A 27 -7.55 -13.65 3.17
C VAL A 27 -7.99 -14.55 1.99
N ASN A 28 -7.75 -14.15 0.73
CA ASN A 28 -8.42 -14.77 -0.47
C ASN A 28 -9.66 -14.00 -0.66
N THR A 29 -9.40 -12.77 -0.96
CA THR A 29 -10.34 -11.76 -1.19
C THR A 29 -10.75 -11.86 -2.67
N SER A 30 -11.43 -10.83 -3.18
CA SER A 30 -11.96 -10.78 -4.51
C SER A 30 -10.82 -10.88 -5.53
N VAL A 31 -9.62 -10.39 -5.20
CA VAL A 31 -8.53 -10.41 -6.15
C VAL A 31 -7.81 -11.75 -6.01
N ARG A 32 -7.41 -12.32 -7.17
CA ARG A 32 -6.83 -13.66 -7.24
C ARG A 32 -5.49 -13.68 -6.57
N HIS A 33 -4.71 -12.59 -6.70
CA HIS A 33 -3.36 -12.60 -6.14
C HIS A 33 -3.43 -12.57 -4.62
N GLY A 34 -4.66 -12.36 -4.04
CA GLY A 34 -4.81 -12.24 -2.57
C GLY A 34 -4.08 -11.00 -2.12
N GLY A 35 -3.73 -10.16 -3.10
CA GLY A 35 -2.91 -9.02 -2.85
C GLY A 35 -3.64 -8.06 -1.99
N ILE A 36 -2.88 -7.39 -1.13
CA ILE A 36 -3.37 -6.31 -0.35
C ILE A 36 -3.19 -5.13 -1.29
N TYR A 37 -4.28 -4.64 -1.90
CA TYR A 37 -4.14 -3.62 -2.93
C TYR A 37 -4.47 -2.32 -2.31
N VAL A 38 -3.82 -1.25 -2.80
CA VAL A 38 -4.14 0.10 -2.40
C VAL A 38 -5.54 0.38 -2.91
N LYS A 39 -6.39 0.95 -2.04
CA LYS A 39 -7.80 1.03 -2.30
C LYS A 39 -8.15 2.45 -2.56
N ALA A 40 -7.67 3.35 -1.71
CA ALA A 40 -8.11 4.72 -1.78
C ALA A 40 -6.93 5.52 -1.47
N VAL A 41 -6.82 6.68 -2.10
CA VAL A 41 -5.77 7.60 -1.83
C VAL A 41 -6.46 8.91 -1.62
N ILE A 42 -6.14 9.63 -0.53
CA ILE A 42 -6.73 10.96 -0.31
C ILE A 42 -6.17 11.85 -1.38
N PRO A 43 -7.00 12.75 -1.94
CA PRO A 43 -6.53 13.81 -2.79
C PRO A 43 -5.54 14.63 -2.00
N GLN A 44 -4.25 14.52 -2.37
CA GLN A 44 -3.18 15.20 -1.70
C GLN A 44 -2.94 14.61 -0.33
N GLY A 45 -3.22 13.29 -0.14
CA GLY A 45 -2.67 12.59 1.00
C GLY A 45 -1.20 12.39 0.76
N ALA A 46 -0.50 11.72 1.71
CA ALA A 46 0.96 11.61 1.67
C ALA A 46 1.37 10.81 0.44
N ALA A 47 0.54 9.81 0.07
CA ALA A 47 0.85 8.92 -1.05
C ALA A 47 0.93 9.74 -2.32
N GLU A 48 -0.09 10.60 -2.55
CA GLU A 48 -0.17 11.34 -3.81
C GLU A 48 0.95 12.33 -3.89
N SER A 49 1.35 12.90 -2.76
CA SER A 49 2.41 13.87 -2.73
C SER A 49 3.73 13.17 -3.03
N ASP A 50 3.93 11.98 -2.43
CA ASP A 50 5.17 11.21 -2.66
C ASP A 50 5.16 10.74 -4.10
N GLY A 51 3.95 10.37 -4.59
CA GLY A 51 3.73 10.10 -6.00
C GLY A 51 4.08 8.70 -6.35
N ARG A 52 4.80 8.00 -5.46
CA ARG A 52 5.29 6.69 -5.79
C ARG A 52 4.20 5.70 -5.58
N ILE A 53 3.34 5.92 -4.58
CA ILE A 53 2.24 5.03 -4.32
C ILE A 53 1.04 5.62 -5.04
N HIS A 54 0.31 4.77 -5.78
CA HIS A 54 -0.84 5.22 -6.53
C HIS A 54 -1.91 4.21 -6.29
N LYS A 55 -3.10 4.50 -6.83
CA LYS A 55 -4.23 3.62 -6.74
C LYS A 55 -3.93 2.36 -7.51
N GLY A 56 -4.19 1.21 -6.89
CA GLY A 56 -4.14 -0.05 -7.58
C GLY A 56 -2.83 -0.70 -7.30
N ASP A 57 -1.87 0.02 -6.70
CA ASP A 57 -0.56 -0.57 -6.38
C ASP A 57 -0.81 -1.61 -5.34
N ARG A 58 0.03 -2.67 -5.30
CA ARG A 58 -0.23 -3.79 -4.42
C ARG A 58 0.81 -3.72 -3.34
N VAL A 59 0.38 -3.75 -2.07
CA VAL A 59 1.32 -3.65 -0.96
C VAL A 59 1.58 -5.07 -0.50
N LEU A 60 2.84 -5.40 -0.19
CA LEU A 60 3.14 -6.71 0.33
C LEU A 60 3.51 -6.56 1.77
N ALA A 61 4.47 -5.65 2.06
CA ALA A 61 4.99 -5.59 3.39
C ALA A 61 5.01 -4.19 3.88
N VAL A 62 5.19 -4.08 5.20
CA VAL A 62 5.24 -2.84 5.90
C VAL A 62 6.31 -3.04 6.93
N ASN A 63 7.45 -2.38 6.74
CA ASN A 63 8.59 -2.47 7.66
C ASN A 63 8.99 -3.93 7.84
N GLY A 64 8.93 -4.73 6.76
CA GLY A 64 9.39 -6.11 6.82
C GLY A 64 8.34 -6.95 7.49
N VAL A 65 7.09 -6.45 7.60
CA VAL A 65 6.03 -7.22 8.18
C VAL A 65 5.16 -7.59 7.04
N SER A 66 5.01 -8.90 6.82
CA SER A 66 4.18 -9.38 5.76
C SER A 66 2.75 -9.14 6.14
N LEU A 67 2.11 -8.26 5.38
CA LEU A 67 0.69 -7.99 5.54
C LEU A 67 -0.05 -9.17 4.97
N GLU A 68 0.56 -9.85 3.99
CA GLU A 68 -0.08 -10.97 3.27
C GLU A 68 -0.61 -12.00 4.27
N GLY A 69 -1.76 -12.61 3.92
CA GLY A 69 -2.41 -13.59 4.80
C GLY A 69 -3.39 -12.90 5.70
N ALA A 70 -3.05 -11.68 6.15
CA ALA A 70 -3.88 -10.95 7.12
C ALA A 70 -5.16 -10.53 6.46
N THR A 71 -6.06 -9.97 7.29
CA THR A 71 -7.33 -9.55 6.83
C THR A 71 -7.16 -8.19 6.19
N HIS A 72 -8.14 -7.82 5.36
CA HIS A 72 -8.10 -6.56 4.63
C HIS A 72 -8.14 -5.44 5.63
N LYS A 73 -8.94 -5.58 6.72
CA LYS A 73 -8.98 -4.55 7.74
C LYS A 73 -7.62 -4.38 8.35
N GLN A 74 -6.89 -5.50 8.63
CA GLN A 74 -5.63 -5.47 9.37
C GLN A 74 -4.63 -4.68 8.58
N ALA A 75 -4.65 -4.86 7.23
CA ALA A 75 -3.78 -4.13 6.33
C ALA A 75 -3.96 -2.64 6.54
N VAL A 76 -5.21 -2.19 6.76
CA VAL A 76 -5.49 -0.77 6.91
C VAL A 76 -4.99 -0.35 8.27
N CYS A 77 -5.47 -1.07 9.33
CA CYS A 77 -5.20 -0.67 10.76
C CYS A 77 -3.68 -0.51 10.94
N THR A 78 -2.93 -1.28 10.12
CA THR A 78 -1.49 -1.33 10.21
C THR A 78 -0.96 0.01 9.79
N LEU A 79 -1.34 0.50 8.59
CA LEU A 79 -0.81 1.76 8.06
C LEU A 79 -1.10 2.88 9.05
N ARG A 80 -2.38 3.08 9.38
CA ARG A 80 -2.79 4.06 10.41
C ARG A 80 -2.02 3.90 11.77
N ASN A 81 -1.36 2.74 12.01
CA ASN A 81 -0.66 2.50 13.28
C ASN A 81 0.83 2.78 13.08
N THR A 82 1.24 3.12 11.84
CA THR A 82 2.67 3.28 11.56
C THR A 82 3.13 4.65 12.06
N GLY A 83 4.46 4.83 12.13
CA GLY A 83 5.06 6.03 12.66
C GLY A 83 5.16 7.06 11.58
N GLN A 84 6.28 7.80 11.57
CA GLN A 84 6.42 8.98 10.74
C GLN A 84 6.85 8.54 9.38
N VAL A 85 7.88 7.68 9.32
CA VAL A 85 8.37 7.20 8.05
C VAL A 85 8.10 5.73 8.10
N VAL A 86 7.57 5.17 7.02
CA VAL A 86 7.25 3.79 6.99
C VAL A 86 8.00 3.25 5.85
N HIS A 87 8.52 2.04 5.98
CA HIS A 87 9.17 1.39 4.88
C HIS A 87 8.10 0.50 4.29
N LEU A 88 7.70 0.77 3.04
CA LEU A 88 6.62 0.02 2.45
C LEU A 88 7.21 -0.67 1.28
N LEU A 89 6.76 -1.90 1.02
CA LEU A 89 7.17 -2.62 -0.14
C LEU A 89 5.93 -2.82 -0.89
N LEU A 90 5.97 -2.50 -2.18
CA LEU A 90 4.82 -2.61 -3.00
C LEU A 90 5.25 -3.33 -4.21
N GLU A 91 4.31 -4.00 -4.88
CA GLU A 91 4.58 -4.80 -6.01
C GLU A 91 3.77 -4.22 -7.10
N LYS A 92 4.39 -4.02 -8.26
CA LYS A 92 3.72 -3.48 -9.39
C LYS A 92 2.74 -4.44 -9.97
N GLY A 93 1.74 -3.86 -10.59
CA GLY A 93 0.68 -4.58 -11.21
C GLY A 93 -0.52 -3.86 -10.82
N GLN A 94 -0.54 -2.52 -11.06
CA GLN A 94 -1.64 -1.75 -10.59
C GLN A 94 -2.72 -1.88 -11.59
N SER A 95 -3.96 -1.87 -11.11
CA SER A 95 -5.13 -2.08 -11.93
C SER A 95 -5.23 -0.96 -12.94
N PRO A 96 -6.00 -1.21 -14.03
CA PRO A 96 -6.34 -0.18 -15.01
C PRO A 96 -7.27 0.80 -14.33
N THR A 97 -7.51 1.94 -14.95
CA THR A 97 -8.42 2.89 -14.41
C THR A 97 -9.25 3.33 -15.64
C1 33B B . -8.76 3.76 4.83
C2 33B B . -9.52 3.53 6.14
O2 33B B . -8.96 3.73 7.23
N3 33B B . -10.83 3.09 6.03
C4 33B B . -11.86 3.03 7.16
C5 33B B . -11.57 3.58 8.45
C6 33B B . -13.20 2.44 6.96
S6 33B B . -13.72 1.70 5.40
C7 33B B . -12.52 3.56 9.47
C8 33B B . -14.11 2.46 8.04
C9 33B B . -13.78 3.01 9.27
N10 33B B . -14.81 3.04 10.39
N11 33B B . -14.62 2.51 11.54
C12 33B B . -13.39 1.76 11.97
C13 33B B . -13.11 0.51 11.42
C14 33B B . -12.55 2.30 12.93
C15 33B B . -12.00 -0.23 11.84
C16 33B B . -11.39 1.61 13.39
C17 33B B . -11.11 0.27 12.83
S17 33B B . -10.39 2.38 14.67
N18 33B B . -9.88 -0.53 13.29
C19 33B B . -9.55 -1.79 12.87
O19 33B B . -10.34 -2.56 12.32
C20 33B B . -8.09 -2.20 13.03
O61 33B B . -14.77 0.79 5.81
O62 33B B . -14.15 2.86 4.62
O63 33B B . -12.52 1.04 4.92
O71 33B B . -9.08 1.80 14.51
O72 33B B . -10.48 3.80 14.35
O73 33B B . -11.10 1.98 15.87
HN3 33B B . -11.10 2.77 5.11
H5 33B B . -10.63 4.05 8.69
H7 33B B . -12.26 4.00 10.42
H8 33B B . -15.10 2.04 7.90
H1 33B B . -9.23 4.61 4.30
H13 33B B . -13.77 0.09 10.67
H14 33B B . -12.77 3.28 13.35
H15 33B B . -11.86 -1.19 11.36
HN18 33B B . -9.25 -0.07 13.93
H20 33B B . -7.57 -1.43 13.65
H1A 33B B . -7.72 4.05 5.09
H20A 33B B . -8.01 -3.18 13.57
N GLY A 1 11.06 3.28 -16.54
CA GLY A 1 10.63 3.21 -15.15
C GLY A 1 10.48 1.78 -14.79
N PRO A 2 9.95 1.53 -13.59
CA PRO A 2 9.70 0.18 -13.11
C PRO A 2 8.63 -0.42 -13.97
N LYS A 3 8.81 -1.69 -14.35
CA LYS A 3 7.83 -2.37 -15.19
C LYS A 3 6.80 -2.93 -14.24
N PRO A 4 5.60 -3.27 -14.74
CA PRO A 4 4.54 -3.84 -13.92
C PRO A 4 5.01 -5.17 -13.36
N GLY A 5 4.72 -5.43 -12.09
CA GLY A 5 5.10 -6.68 -11.46
C GLY A 5 6.51 -6.56 -10.96
N ASP A 6 7.06 -5.34 -10.91
CA ASP A 6 8.41 -5.16 -10.38
C ASP A 6 8.21 -4.73 -8.97
N ILE A 7 9.11 -5.13 -8.07
CA ILE A 7 8.97 -4.82 -6.67
C ILE A 7 9.68 -3.52 -6.51
N PHE A 8 9.01 -2.55 -5.89
CA PHE A 8 9.60 -1.26 -5.70
C PHE A 8 9.43 -0.94 -4.25
N GLU A 9 10.45 -0.32 -3.65
CA GLU A 9 10.42 -0.05 -2.24
C GLU A 9 10.09 1.38 -2.12
N VAL A 10 9.15 1.70 -1.22
CA VAL A 10 8.77 3.06 -1.01
C VAL A 10 8.82 3.26 0.44
N GLU A 11 9.47 4.33 0.88
CA GLU A 11 9.38 4.69 2.24
C GLU A 11 8.50 5.89 2.24
N LEU A 12 7.44 5.83 3.05
CA LEU A 12 6.39 6.77 2.96
C LEU A 12 6.49 7.62 4.18
N ALA A 13 6.63 8.93 4.00
CA ALA A 13 6.71 9.82 5.10
C ALA A 13 5.35 10.36 5.37
N LYS A 14 5.00 10.41 6.64
CA LYS A 14 3.78 11.01 7.13
C LYS A 14 4.09 12.45 7.41
N ASN A 15 4.97 13.07 6.58
CA ASN A 15 5.33 14.48 6.78
C ASN A 15 4.04 15.27 6.64
N ASP A 16 3.23 14.95 5.61
CA ASP A 16 1.88 15.51 5.54
C ASP A 16 1.05 14.65 6.44
N ASN A 17 0.06 15.23 7.11
CA ASN A 17 -0.61 14.53 8.20
C ASN A 17 -1.56 13.50 7.65
N SER A 18 -2.21 13.78 6.50
CA SER A 18 -3.21 12.87 6.00
C SER A 18 -2.51 11.66 5.46
N LEU A 19 -2.84 10.46 6.02
CA LEU A 19 -2.31 9.23 5.47
C LEU A 19 -3.04 9.03 4.19
N GLY A 20 -4.38 8.98 4.33
CA GLY A 20 -5.32 8.94 3.24
C GLY A 20 -5.01 7.83 2.29
N ILE A 21 -4.77 6.63 2.81
CA ILE A 21 -4.61 5.48 1.97
C ILE A 21 -5.66 4.54 2.47
N CYS A 22 -6.11 3.59 1.64
CA CYS A 22 -6.96 2.54 2.14
C CYS A 22 -6.54 1.38 1.31
N VAL A 23 -6.86 0.16 1.76
CA VAL A 23 -6.27 -0.99 1.17
C VAL A 23 -7.32 -2.05 1.23
N THR A 24 -7.12 -3.11 0.47
CA THR A 24 -8.00 -4.22 0.47
C THR A 24 -7.07 -5.39 0.29
N GLY A 25 -7.55 -6.60 0.51
CA GLY A 25 -6.71 -7.78 0.38
C GLY A 25 -6.85 -8.58 1.59
N GLY A 26 -6.11 -9.71 1.66
CA GLY A 26 -6.07 -10.46 2.87
C GLY A 26 -6.35 -11.89 2.57
N VAL A 27 -7.25 -12.48 3.38
CA VAL A 27 -7.54 -13.93 3.47
C VAL A 27 -8.25 -14.48 2.22
N ASN A 28 -8.18 -13.78 1.07
CA ASN A 28 -9.00 -14.07 -0.13
C ASN A 28 -10.28 -13.33 0.01
N THR A 29 -10.12 -12.03 -0.03
CA THR A 29 -11.21 -11.11 -0.10
C THR A 29 -11.44 -10.92 -1.61
N SER A 30 -12.21 -9.88 -2.02
CA SER A 30 -12.59 -9.64 -3.41
C SER A 30 -11.41 -9.77 -4.39
N VAL A 31 -10.16 -9.44 -3.95
CA VAL A 31 -9.03 -9.55 -4.85
C VAL A 31 -8.52 -11.00 -4.80
N ARG A 32 -8.28 -11.57 -6.01
CA ARG A 32 -7.94 -12.98 -6.16
C ARG A 32 -6.73 -13.35 -5.35
N HIS A 33 -5.60 -12.65 -5.59
CA HIS A 33 -4.30 -13.05 -5.03
C HIS A 33 -4.26 -12.71 -3.56
N GLY A 34 -5.35 -12.13 -3.02
CA GLY A 34 -5.41 -11.71 -1.62
C GLY A 34 -4.35 -10.68 -1.34
N GLY A 35 -3.76 -10.09 -2.40
CA GLY A 35 -2.70 -9.13 -2.25
C GLY A 35 -3.28 -7.94 -1.62
N ILE A 36 -2.45 -7.16 -0.93
CA ILE A 36 -2.94 -6.00 -0.25
C ILE A 36 -2.91 -4.89 -1.26
N TYR A 37 -3.97 -4.74 -2.07
CA TYR A 37 -3.96 -3.77 -3.15
C TYR A 37 -4.35 -2.47 -2.56
N VAL A 38 -3.71 -1.40 -3.04
CA VAL A 38 -4.05 -0.08 -2.63
C VAL A 38 -5.41 0.20 -3.23
N LYS A 39 -6.34 0.65 -2.36
CA LYS A 39 -7.73 0.70 -2.70
C LYS A 39 -8.06 2.12 -3.02
N ALA A 40 -7.55 3.05 -2.24
CA ALA A 40 -7.94 4.41 -2.39
C ALA A 40 -6.80 5.23 -1.95
N VAL A 41 -6.72 6.43 -2.50
CA VAL A 41 -5.74 7.38 -2.11
C VAL A 41 -6.47 8.70 -2.13
N ILE A 42 -6.33 9.50 -1.05
CA ILE A 42 -6.99 10.82 -1.02
C ILE A 42 -6.15 11.67 -1.92
N PRO A 43 -6.77 12.58 -2.70
CA PRO A 43 -6.03 13.62 -3.37
C PRO A 43 -5.30 14.43 -2.31
N GLN A 44 -3.96 14.37 -2.36
CA GLN A 44 -3.07 15.00 -1.41
C GLN A 44 -3.01 14.21 -0.12
N GLY A 45 -3.41 12.90 -0.12
CA GLY A 45 -3.03 12.05 1.00
C GLY A 45 -1.54 11.81 0.88
N ALA A 46 -0.92 11.17 1.89
CA ALA A 46 0.54 11.06 1.96
C ALA A 46 1.04 10.27 0.78
N ALA A 47 0.25 9.26 0.35
CA ALA A 47 0.64 8.41 -0.78
C ALA A 47 0.72 9.26 -2.03
N GLU A 48 -0.28 10.13 -2.26
CA GLU A 48 -0.35 10.96 -3.47
C GLU A 48 0.75 12.00 -3.40
N SER A 49 1.05 12.52 -2.20
CA SER A 49 2.03 13.56 -2.05
C SER A 49 3.40 12.97 -2.32
N ASP A 50 3.62 11.70 -1.90
CA ASP A 50 4.89 11.03 -2.20
C ASP A 50 4.89 10.72 -3.69
N GLY A 51 3.76 10.21 -4.21
CA GLY A 51 3.59 10.01 -5.65
C GLY A 51 3.91 8.60 -6.03
N ARG A 52 4.67 7.89 -5.20
CA ARG A 52 5.12 6.55 -5.59
C ARG A 52 3.95 5.60 -5.52
N ILE A 53 3.09 5.75 -4.52
CA ILE A 53 2.03 4.78 -4.30
C ILE A 53 0.77 5.38 -4.84
N HIS A 54 0.01 4.61 -5.65
CA HIS A 54 -1.29 5.05 -6.11
C HIS A 54 -2.15 3.83 -6.09
N LYS A 55 -3.43 3.99 -6.48
CA LYS A 55 -4.35 2.86 -6.56
C LYS A 55 -3.84 1.98 -7.66
N GLY A 56 -3.95 0.65 -7.51
CA GLY A 56 -3.53 -0.25 -8.57
C GLY A 56 -2.23 -0.85 -8.16
N ASP A 57 -1.58 -0.25 -7.15
CA ASP A 57 -0.34 -0.80 -6.62
C ASP A 57 -0.75 -1.76 -5.58
N ARG A 58 0.15 -2.68 -5.20
CA ARG A 58 -0.18 -3.60 -4.14
C ARG A 58 0.97 -3.62 -3.21
N VAL A 59 0.66 -3.80 -1.93
CA VAL A 59 1.63 -3.82 -0.90
C VAL A 59 1.83 -5.27 -0.59
N LEU A 60 3.05 -5.66 -0.24
CA LEU A 60 3.28 -7.03 0.18
C LEU A 60 3.76 -6.95 1.59
N ALA A 61 4.73 -6.07 1.86
CA ALA A 61 5.30 -6.03 3.18
C ALA A 61 5.32 -4.64 3.68
N VAL A 62 5.56 -4.55 4.97
CA VAL A 62 5.63 -3.32 5.69
C VAL A 62 6.80 -3.49 6.59
N ASN A 63 7.93 -2.88 6.23
CA ASN A 63 9.17 -2.99 6.99
C ASN A 63 9.58 -4.44 7.14
N GLY A 64 9.34 -5.26 6.11
CA GLY A 64 9.76 -6.65 6.15
C GLY A 64 8.73 -7.44 6.92
N VAL A 65 7.56 -6.84 7.23
CA VAL A 65 6.52 -7.57 7.90
C VAL A 65 5.63 -8.03 6.82
N SER A 66 5.48 -9.34 6.68
CA SER A 66 4.63 -9.88 5.65
C SER A 66 3.20 -9.55 6.01
N LEU A 67 2.61 -8.59 5.29
CA LEU A 67 1.27 -8.13 5.60
C LEU A 67 0.29 -9.06 4.93
N GLU A 68 0.76 -9.85 3.93
CA GLU A 68 -0.10 -10.83 3.28
C GLU A 68 -0.57 -11.83 4.32
N GLY A 69 -1.80 -12.33 4.15
CA GLY A 69 -2.42 -13.18 5.13
C GLY A 69 -3.24 -12.35 6.07
N ALA A 70 -2.79 -11.11 6.38
CA ALA A 70 -3.52 -10.26 7.32
C ALA A 70 -4.78 -9.80 6.66
N THR A 71 -5.78 -9.46 7.48
CA THR A 71 -7.06 -9.07 6.95
C THR A 71 -6.97 -7.66 6.39
N HIS A 72 -8.01 -7.26 5.61
CA HIS A 72 -8.00 -5.95 4.98
C HIS A 72 -8.07 -4.92 6.07
N LYS A 73 -8.91 -5.19 7.12
CA LYS A 73 -8.98 -4.31 8.28
C LYS A 73 -7.61 -4.11 8.87
N GLN A 74 -6.83 -5.19 9.09
CA GLN A 74 -5.54 -5.06 9.74
C GLN A 74 -4.61 -4.29 8.85
N ALA A 75 -4.74 -4.46 7.53
CA ALA A 75 -3.90 -3.74 6.56
C ALA A 75 -4.09 -2.23 6.75
N VAL A 76 -5.35 -1.80 6.98
CA VAL A 76 -5.64 -0.38 7.19
C VAL A 76 -5.06 0.02 8.54
N CYS A 77 -5.46 -0.71 9.63
CA CYS A 77 -5.01 -0.33 11.03
C CYS A 77 -3.47 -0.29 11.05
N THR A 78 -2.82 -1.06 10.15
CA THR A 78 -1.37 -1.14 10.16
C THR A 78 -0.86 0.24 9.79
N LEU A 79 -1.32 0.79 8.63
CA LEU A 79 -0.89 2.10 8.18
C LEU A 79 -1.16 3.11 9.28
N ARG A 80 -2.43 3.17 9.73
CA ARG A 80 -2.82 4.02 10.87
C ARG A 80 -1.85 3.89 12.06
N ASN A 81 -1.47 2.66 12.45
CA ASN A 81 -0.64 2.47 13.68
C ASN A 81 0.85 2.56 13.36
N THR A 82 1.25 2.81 12.09
CA THR A 82 2.70 2.86 11.78
C THR A 82 3.22 4.23 12.20
N GLY A 83 4.56 4.42 12.10
CA GLY A 83 5.19 5.63 12.57
C GLY A 83 5.19 6.66 11.48
N GLN A 84 6.14 7.61 11.59
CA GLN A 84 6.19 8.75 10.74
C GLN A 84 6.76 8.32 9.44
N VAL A 85 7.84 7.53 9.48
CA VAL A 85 8.44 7.06 8.27
C VAL A 85 8.18 5.60 8.28
N VAL A 86 7.61 5.07 7.21
CA VAL A 86 7.25 3.69 7.18
C VAL A 86 7.91 3.14 5.98
N HIS A 87 8.38 1.91 6.07
CA HIS A 87 8.94 1.27 4.93
C HIS A 87 7.87 0.39 4.42
N LEU A 88 7.45 0.65 3.19
CA LEU A 88 6.41 -0.11 2.57
C LEU A 88 7.06 -0.80 1.44
N LEU A 89 6.70 -2.05 1.22
CA LEU A 89 7.27 -2.80 0.14
C LEU A 89 6.13 -3.09 -0.74
N LEU A 90 6.24 -2.69 -2.02
CA LEU A 90 5.11 -2.76 -2.88
C LEU A 90 5.56 -3.41 -4.12
N GLU A 91 4.61 -3.95 -4.87
CA GLU A 91 4.89 -4.52 -6.13
C GLU A 91 4.02 -3.78 -7.07
N LYS A 92 4.60 -3.37 -8.22
CA LYS A 92 3.86 -2.68 -9.25
C LYS A 92 2.75 -3.56 -9.70
N GLY A 93 1.62 -2.94 -9.98
CA GLY A 93 0.49 -3.66 -10.49
C GLY A 93 0.57 -3.50 -11.95
N GLN A 94 -0.37 -4.10 -12.68
CA GLN A 94 -0.40 -3.95 -14.12
C GLN A 94 -0.76 -2.51 -14.39
N SER A 95 -0.22 -1.96 -15.49
CA SER A 95 -0.34 -0.54 -15.78
C SER A 95 -1.82 -0.14 -15.80
N PRO A 96 -2.11 1.06 -15.26
CA PRO A 96 -3.47 1.49 -15.01
C PRO A 96 -4.18 1.70 -16.32
N THR A 97 -5.35 1.08 -16.45
CA THR A 97 -6.16 1.26 -17.60
C THR A 97 -7.50 1.76 -17.05
C1 33B B . -8.93 4.09 4.18
C2 33B B . -10.32 3.91 4.78
O2 33B B . -11.00 2.93 4.45
N3 33B B . -10.72 4.89 5.66
C4 33B B . -11.92 4.79 6.63
C5 33B B . -12.74 3.61 6.69
C6 33B B . -12.24 5.89 7.55
S6 33B B . -11.29 7.43 7.60
C7 33B B . -13.77 3.51 7.63
C8 33B B . -13.29 5.72 8.47
C9 33B B . -14.04 4.54 8.52
N10 33B B . -15.11 4.39 9.59
N11 33B B . -15.05 3.56 10.57
C12 33B B . -13.92 2.57 10.83
C13 33B B . -12.58 2.96 10.70
C14 33B B . -14.22 1.28 11.23
C15 33B B . -11.54 2.06 10.91
C16 33B B . -13.22 0.31 11.49
C17 33B B . -11.79 0.70 11.31
S17 33B B . -13.77 -1.30 12.06
N18 33B B . -10.61 -0.31 11.53
C19 33B B . -9.25 0.01 11.39
O19 33B B . -8.84 1.15 11.19
C20 33B B . -8.24 -1.14 11.54
O61 33B B . -10.06 7.03 8.24
O62 33B B . -11.16 7.79 6.21
O63 33B B . -12.14 8.32 8.36
O71 33B B . -14.32 -0.99 13.37
O72 33B B . -14.75 -1.68 11.05
O73 33B B . -12.59 -2.13 12.09
HN3 33B B . -10.17 5.72 5.71
H5 33B B . -12.57 2.76 6.06
H7 33B B . -14.35 2.59 7.66
H8 33B B . -13.52 6.51 9.18
H1 33B B . -8.43 4.97 4.65
H13 33B B . -12.32 3.97 10.42
H14 33B B . -15.25 0.99 11.35
H15 33B B . -10.55 2.46 10.76
HN18 33B B . -10.86 -1.24 11.78
H20 33B B . -8.75 -2.12 11.68
H1A 33B B . -8.32 3.20 4.40
H20A 33B B . -7.71 -1.18 10.57
N GLY A 1 14.28 0.99 -14.77
CA GLY A 1 13.26 1.27 -13.76
C GLY A 1 12.55 0.00 -13.48
N PRO A 2 11.71 0.02 -12.45
CA PRO A 2 11.01 -1.17 -11.97
C PRO A 2 10.14 -1.73 -13.09
N LYS A 3 10.54 -2.90 -13.61
CA LYS A 3 9.85 -3.57 -14.69
C LYS A 3 8.64 -4.22 -14.05
N PRO A 4 7.66 -4.65 -14.86
CA PRO A 4 6.49 -5.34 -14.35
C PRO A 4 6.92 -6.60 -13.65
N GLY A 5 6.67 -6.70 -12.33
CA GLY A 5 7.08 -7.88 -11.58
C GLY A 5 8.37 -7.60 -10.86
N ASP A 6 8.79 -6.32 -10.79
CA ASP A 6 10.05 -6.00 -10.10
C ASP A 6 9.67 -5.56 -8.74
N ILE A 7 10.50 -5.93 -7.77
CA ILE A 7 10.25 -5.64 -6.38
C ILE A 7 11.08 -4.40 -6.10
N PHE A 8 10.52 -3.48 -5.30
CA PHE A 8 11.24 -2.30 -4.92
C PHE A 8 10.59 -1.82 -3.66
N GLU A 9 11.30 -1.00 -2.87
CA GLU A 9 10.70 -0.52 -1.64
C GLU A 9 10.29 0.89 -1.94
N VAL A 10 9.23 1.34 -1.30
CA VAL A 10 8.80 2.70 -1.42
C VAL A 10 8.65 3.16 -0.03
N GLU A 11 9.20 4.31 0.31
CA GLU A 11 9.06 4.82 1.63
C GLU A 11 8.20 6.02 1.53
N LEU A 12 7.21 6.11 2.42
CA LEU A 12 6.23 7.15 2.35
C LEU A 12 6.30 7.85 3.66
N ALA A 13 6.43 9.18 3.61
CA ALA A 13 6.51 9.95 4.81
C ALA A 13 5.13 10.38 5.18
N LYS A 14 4.83 10.38 6.49
CA LYS A 14 3.60 10.93 7.05
C LYS A 14 3.83 12.40 7.24
N ASN A 15 4.62 13.03 6.34
CA ASN A 15 4.91 14.45 6.37
C ASN A 15 3.60 15.17 6.19
N ASP A 16 2.75 14.66 5.27
CA ASP A 16 1.43 15.22 5.06
C ASP A 16 0.60 14.92 6.28
N ASN A 17 -0.48 15.67 6.48
CA ASN A 17 -1.25 15.56 7.72
C ASN A 17 -2.02 14.28 7.66
N SER A 18 -2.74 14.12 6.57
CA SER A 18 -3.60 12.98 6.41
C SER A 18 -2.76 11.87 5.85
N LEU A 19 -2.90 10.62 6.38
CA LEU A 19 -2.32 9.47 5.70
C LEU A 19 -3.17 9.28 4.51
N GLY A 20 -4.47 9.06 4.78
CA GLY A 20 -5.47 9.02 3.77
C GLY A 20 -5.20 7.94 2.79
N ILE A 21 -4.92 6.74 3.30
CA ILE A 21 -4.73 5.61 2.44
C ILE A 21 -5.72 4.61 2.94
N CYS A 22 -6.18 3.72 2.07
CA CYS A 22 -6.97 2.59 2.50
C CYS A 22 -6.65 1.55 1.51
N VAL A 23 -6.94 0.29 1.85
CA VAL A 23 -6.39 -0.81 1.15
C VAL A 23 -7.46 -1.86 1.18
N THR A 24 -7.27 -2.89 0.37
CA THR A 24 -8.20 -3.97 0.28
C THR A 24 -7.31 -5.16 0.07
N GLY A 25 -7.85 -6.37 0.22
CA GLY A 25 -7.04 -7.56 0.01
C GLY A 25 -7.10 -8.36 1.25
N GLY A 26 -6.30 -9.44 1.29
CA GLY A 26 -6.16 -10.20 2.50
C GLY A 26 -6.56 -11.60 2.22
N VAL A 27 -7.54 -12.10 3.00
CA VAL A 27 -7.95 -13.50 3.07
C VAL A 27 -8.68 -13.99 1.81
N ASN A 28 -8.52 -13.30 0.67
CA ASN A 28 -9.25 -13.62 -0.57
C ASN A 28 -10.55 -12.89 -0.54
N THR A 29 -10.40 -11.57 -0.60
CA THR A 29 -11.51 -10.67 -0.78
C THR A 29 -11.72 -10.65 -2.29
N SER A 30 -12.51 -9.70 -2.81
CA SER A 30 -12.90 -9.67 -4.23
C SER A 30 -11.68 -9.72 -5.18
N VAL A 31 -10.46 -9.34 -4.71
CA VAL A 31 -9.29 -9.47 -5.56
C VAL A 31 -8.78 -10.91 -5.41
N ARG A 32 -8.58 -11.60 -6.56
CA ARG A 32 -8.21 -13.02 -6.58
C ARG A 32 -6.90 -13.22 -5.89
N HIS A 33 -5.90 -12.37 -6.22
CA HIS A 33 -4.52 -12.60 -5.75
C HIS A 33 -4.45 -12.29 -4.26
N GLY A 34 -5.56 -11.77 -3.68
CA GLY A 34 -5.63 -11.44 -2.25
C GLY A 34 -4.61 -10.39 -1.89
N GLY A 35 -3.97 -9.78 -2.91
CA GLY A 35 -2.92 -8.80 -2.69
C GLY A 35 -3.50 -7.63 -2.02
N ILE A 36 -2.68 -6.92 -1.24
CA ILE A 36 -3.15 -5.79 -0.52
C ILE A 36 -3.09 -4.63 -1.49
N TYR A 37 -4.17 -4.41 -2.24
CA TYR A 37 -4.16 -3.37 -3.24
C TYR A 37 -4.57 -2.12 -2.55
N VAL A 38 -3.97 -0.99 -2.97
CA VAL A 38 -4.37 0.30 -2.49
C VAL A 38 -5.74 0.56 -3.05
N LYS A 39 -6.66 0.98 -2.19
CA LYS A 39 -8.06 0.99 -2.51
C LYS A 39 -8.44 2.40 -2.78
N ALA A 40 -8.00 3.31 -1.92
CA ALA A 40 -8.44 4.67 -2.01
C ALA A 40 -7.36 5.50 -1.50
N VAL A 41 -7.32 6.76 -1.94
CA VAL A 41 -6.37 7.70 -1.45
C VAL A 41 -7.13 8.99 -1.25
N ILE A 42 -6.83 9.69 -0.15
CA ILE A 42 -7.39 11.00 0.13
C ILE A 42 -6.73 12.00 -0.82
N PRO A 43 -7.51 13.01 -1.28
CA PRO A 43 -6.96 14.16 -1.99
C PRO A 43 -6.01 14.91 -1.06
N GLN A 44 -4.70 14.81 -1.36
CA GLN A 44 -3.65 15.39 -0.59
C GLN A 44 -3.42 14.59 0.68
N GLY A 45 -3.73 13.27 0.66
CA GLY A 45 -3.19 12.40 1.68
C GLY A 45 -1.76 12.12 1.29
N ALA A 46 -1.02 11.42 2.19
CA ALA A 46 0.43 11.23 2.07
C ALA A 46 0.77 10.59 0.76
N ALA A 47 -0.02 9.58 0.36
CA ALA A 47 0.31 8.79 -0.83
C ALA A 47 0.20 9.66 -2.06
N GLU A 48 -0.94 10.38 -2.21
CA GLU A 48 -1.19 11.16 -3.43
C GLU A 48 -0.15 12.25 -3.56
N SER A 49 0.19 12.90 -2.44
CA SER A 49 1.13 14.01 -2.44
C SER A 49 2.47 13.55 -2.97
N ASP A 50 2.89 12.35 -2.53
CA ASP A 50 4.22 11.85 -2.90
C ASP A 50 4.14 11.33 -4.32
N GLY A 51 2.98 10.73 -4.69
CA GLY A 51 2.71 10.31 -6.07
C GLY A 51 3.36 9.00 -6.37
N ARG A 52 4.13 8.44 -5.43
CA ARG A 52 4.86 7.21 -5.69
C ARG A 52 3.88 6.06 -5.73
N ILE A 53 2.95 6.04 -4.77
CA ILE A 53 2.02 4.95 -4.69
C ILE A 53 0.68 5.51 -5.08
N HIS A 54 -0.06 4.76 -5.91
CA HIS A 54 -1.34 5.21 -6.39
C HIS A 54 -2.32 4.19 -6.00
N LYS A 55 -3.62 4.50 -6.16
CA LYS A 55 -4.66 3.53 -5.91
C LYS A 55 -4.55 2.46 -6.96
N GLY A 56 -4.87 1.21 -6.63
CA GLY A 56 -4.81 0.15 -7.62
C GLY A 56 -3.46 -0.50 -7.60
N ASP A 57 -2.49 0.07 -6.83
CA ASP A 57 -1.15 -0.50 -6.78
C ASP A 57 -1.19 -1.56 -5.71
N ARG A 58 -0.22 -2.48 -5.67
CA ARG A 58 -0.30 -3.60 -4.75
C ARG A 58 0.82 -3.51 -3.75
N VAL A 59 0.45 -3.63 -2.47
CA VAL A 59 1.40 -3.64 -1.40
C VAL A 59 1.48 -5.09 -0.97
N LEU A 60 2.65 -5.51 -0.49
CA LEU A 60 2.78 -6.85 0.04
C LEU A 60 3.25 -6.74 1.46
N ALA A 61 4.24 -5.86 1.71
CA ALA A 61 4.79 -5.79 3.06
C ALA A 61 4.83 -4.38 3.50
N VAL A 62 4.99 -4.23 4.83
CA VAL A 62 5.01 -2.96 5.49
C VAL A 62 6.08 -3.09 6.53
N ASN A 63 7.20 -2.41 6.29
CA ASN A 63 8.42 -2.45 7.12
C ASN A 63 8.76 -3.87 7.50
N GLY A 64 8.68 -4.80 6.53
CA GLY A 64 9.16 -6.15 6.75
C GLY A 64 8.11 -6.95 7.46
N VAL A 65 6.85 -6.43 7.51
CA VAL A 65 5.78 -7.19 8.06
C VAL A 65 5.05 -7.67 6.86
N SER A 66 5.00 -9.00 6.68
CA SER A 66 4.25 -9.57 5.61
C SER A 66 2.80 -9.36 5.92
N LEU A 67 2.16 -8.50 5.14
CA LEU A 67 0.75 -8.24 5.30
C LEU A 67 0.00 -9.22 4.46
N GLU A 68 0.71 -10.03 3.65
CA GLU A 68 0.04 -11.06 2.90
C GLU A 68 -0.52 -12.06 3.88
N GLY A 69 -1.71 -12.60 3.57
CA GLY A 69 -2.40 -13.51 4.47
C GLY A 69 -3.27 -12.73 5.42
N ALA A 70 -2.78 -11.54 5.91
CA ALA A 70 -3.49 -10.76 6.94
C ALA A 70 -4.74 -10.18 6.35
N THR A 71 -5.67 -9.72 7.20
CA THR A 71 -6.93 -9.26 6.72
C THR A 71 -6.82 -7.80 6.29
N HIS A 72 -7.87 -7.30 5.59
CA HIS A 72 -7.88 -5.96 5.04
C HIS A 72 -7.78 -4.96 6.15
N LYS A 73 -8.48 -5.20 7.29
CA LYS A 73 -8.40 -4.29 8.42
C LYS A 73 -6.98 -4.21 8.93
N GLN A 74 -6.21 -5.35 8.99
CA GLN A 74 -4.84 -5.28 9.48
C GLN A 74 -4.02 -4.44 8.55
N ALA A 75 -4.27 -4.56 7.23
CA ALA A 75 -3.52 -3.81 6.22
C ALA A 75 -3.67 -2.32 6.50
N VAL A 76 -4.88 -1.89 6.88
CA VAL A 76 -5.13 -0.49 7.20
C VAL A 76 -4.44 -0.20 8.51
N CYS A 77 -4.78 -1.02 9.55
CA CYS A 77 -4.35 -0.78 10.97
C CYS A 77 -2.82 -0.60 11.00
N THR A 78 -2.14 -1.26 10.05
CA THR A 78 -0.70 -1.29 10.04
C THR A 78 -0.24 0.10 9.67
N LEU A 79 -0.68 0.62 8.49
CA LEU A 79 -0.26 1.94 8.01
C LEU A 79 -0.61 2.96 9.06
N ARG A 80 -1.88 2.96 9.43
CA ARG A 80 -2.42 3.81 10.49
C ARG A 80 -1.52 3.83 11.74
N ASN A 81 -0.98 2.68 12.21
CA ASN A 81 -0.18 2.69 13.47
C ASN A 81 1.31 2.73 13.17
N THR A 82 1.73 2.93 11.90
CA THR A 82 3.18 3.02 11.63
C THR A 82 3.65 4.43 12.00
N GLY A 83 4.98 4.63 11.92
CA GLY A 83 5.60 5.88 12.36
C GLY A 83 5.61 6.84 11.23
N GLN A 84 6.66 7.71 11.21
CA GLN A 84 6.71 8.84 10.32
C GLN A 84 7.16 8.37 8.99
N VAL A 85 8.23 7.58 8.96
CA VAL A 85 8.75 7.10 7.72
C VAL A 85 8.56 5.63 7.78
N VAL A 86 8.02 5.04 6.72
CA VAL A 86 7.72 3.65 6.73
C VAL A 86 8.28 3.14 5.45
N HIS A 87 8.68 1.86 5.43
CA HIS A 87 9.11 1.24 4.20
C HIS A 87 7.97 0.38 3.78
N LEU A 88 7.49 0.59 2.58
CA LEU A 88 6.39 -0.19 2.06
C LEU A 88 7.00 -0.99 0.99
N LEU A 89 6.63 -2.26 0.88
CA LEU A 89 7.22 -3.10 -0.13
C LEU A 89 6.17 -3.31 -1.14
N LEU A 90 6.49 -3.01 -2.40
CA LEU A 90 5.53 -3.16 -3.44
C LEU A 90 6.25 -3.89 -4.54
N GLU A 91 5.49 -4.63 -5.34
CA GLU A 91 6.04 -5.31 -6.46
C GLU A 91 5.23 -4.80 -7.57
N LYS A 92 5.85 -4.55 -8.74
CA LYS A 92 5.10 -4.01 -9.85
C LYS A 92 4.05 -5.00 -10.24
N GLY A 93 2.90 -4.43 -10.56
CA GLY A 93 1.76 -5.22 -10.94
C GLY A 93 0.58 -4.49 -10.46
N GLN A 94 0.51 -3.18 -10.76
CA GLN A 94 -0.63 -2.38 -10.39
C GLN A 94 -1.70 -2.80 -11.31
N SER A 95 -2.95 -2.86 -10.83
CA SER A 95 -4.03 -3.34 -11.66
C SER A 95 -4.23 -2.33 -12.77
N PRO A 96 -4.60 -2.80 -13.98
CA PRO A 96 -5.00 -1.94 -15.07
C PRO A 96 -6.30 -1.29 -14.68
N THR A 97 -6.73 -0.26 -15.42
CA THR A 97 -7.90 0.46 -15.03
C THR A 97 -9.08 -0.20 -15.79
C1 33B B . -8.60 2.73 5.12
C2 33B B . -9.29 3.08 6.42
O2 33B B . -8.94 4.06 7.07
N3 33B B . -10.31 2.23 6.80
C4 33B B . -11.05 2.23 8.16
C5 33B B . -10.67 3.14 9.21
C6 33B B . -12.16 1.30 8.43
S6 33B B . -12.81 0.13 7.21
C7 33B B . -11.35 3.13 10.43
C8 33B B . -12.79 1.35 9.68
C9 33B B . -12.40 2.24 10.67
N10 33B B . -13.15 2.30 11.97
N11 33B B . -12.74 1.83 13.08
C12 33B B . -11.43 1.13 13.32
C13 33B B . -11.12 -0.06 12.64
C14 33B B . -10.54 1.64 14.26
C15 33B B . -9.94 -0.76 12.92
C16 33B B . -9.33 0.98 14.60
C17 33B B . -9.00 -0.30 13.90
S17 33B B . -8.30 1.72 15.88
N18 33B B . -7.72 -1.07 14.24
C19 33B B . -7.32 -2.29 13.71
O19 33B B . -8.00 -2.95 12.92
C20 33B B . -5.96 -2.82 14.17
O61 33B B . -11.77 -0.02 6.22
O62 33B B . -13.08 -1.06 7.99
O63 33B B . -14.00 0.83 6.74
O71 33B B . -7.47 0.64 16.35
O72 33B B . -7.61 2.77 15.18
O73 33B B . -9.28 2.18 16.84
HN3 33B B . -10.60 1.53 6.14
H5 33B B . -9.87 3.84 9.11
H7 33B B . -11.05 3.83 11.20
H8 33B B . -13.62 0.67 9.88
H1 33B B . -7.50 2.76 5.28
H13 33B B . -11.81 -0.47 11.92
H14 33B B . -10.81 2.54 14.78
H15 33B B . -9.77 -1.67 12.36
HN18 33B B . -7.11 -0.66 14.92
H20 33B B . -5.97 -2.94 15.27
H1A 33B B . -8.86 1.68 4.83
H20A 33B B . -5.77 -3.82 13.73
N GLY A 1 12.54 0.79 -16.81
CA GLY A 1 11.59 1.36 -15.84
C GLY A 1 10.88 0.23 -15.18
N PRO A 2 10.11 0.57 -14.15
CA PRO A 2 9.44 -0.41 -13.31
C PRO A 2 8.36 -1.10 -14.14
N LYS A 3 8.55 -2.40 -14.39
CA LYS A 3 7.61 -3.17 -15.18
C LYS A 3 6.48 -3.54 -14.24
N PRO A 4 5.36 -4.00 -14.81
CA PRO A 4 4.34 -4.69 -14.05
C PRO A 4 4.97 -5.88 -13.38
N GLY A 5 4.85 -5.99 -12.07
CA GLY A 5 5.42 -7.12 -11.36
C GLY A 5 6.83 -6.82 -10.94
N ASP A 6 7.28 -5.54 -11.03
CA ASP A 6 8.60 -5.20 -10.47
C ASP A 6 8.34 -4.86 -9.05
N ILE A 7 9.25 -5.26 -8.14
CA ILE A 7 9.09 -4.98 -6.75
C ILE A 7 9.91 -3.75 -6.50
N PHE A 8 9.35 -2.81 -5.74
CA PHE A 8 10.02 -1.59 -5.44
C PHE A 8 9.65 -1.26 -4.03
N GLU A 9 10.52 -0.53 -3.33
CA GLU A 9 10.27 -0.16 -1.98
C GLU A 9 9.93 1.29 -2.01
N VAL A 10 8.99 1.70 -1.18
CA VAL A 10 8.67 3.08 -1.06
C VAL A 10 8.71 3.38 0.38
N GLU A 11 9.41 4.45 0.74
CA GLU A 11 9.36 4.89 2.08
C GLU A 11 8.45 6.06 2.04
N LEU A 12 7.30 5.91 2.67
CA LEU A 12 6.25 6.83 2.54
C LEU A 12 6.26 7.64 3.76
N ALA A 13 6.40 8.95 3.62
CA ALA A 13 6.40 9.83 4.76
C ALA A 13 5.25 10.72 4.59
N LYS A 14 4.66 11.18 5.72
CA LYS A 14 3.75 12.26 5.62
C LYS A 14 4.35 13.27 6.49
N ASN A 15 4.25 12.98 7.75
CA ASN A 15 4.76 13.71 8.83
C ASN A 15 4.08 12.96 9.94
N ASP A 16 4.13 13.40 11.19
CA ASP A 16 3.40 12.71 12.23
C ASP A 16 1.96 13.17 12.11
N ASN A 17 1.12 12.36 11.48
CA ASN A 17 -0.27 12.71 11.29
C ASN A 17 -0.93 11.43 10.84
N SER A 18 -1.34 11.37 9.58
CA SER A 18 -1.95 10.21 9.02
C SER A 18 -1.31 10.06 7.70
N LEU A 19 -1.24 8.83 7.18
CA LEU A 19 -0.66 8.63 5.87
C LEU A 19 -1.63 9.13 4.83
N GLY A 20 -2.93 8.81 4.99
CA GLY A 20 -3.91 9.19 4.01
C GLY A 20 -3.90 8.15 2.93
N ILE A 21 -3.81 6.88 3.36
CA ILE A 21 -3.80 5.77 2.47
C ILE A 21 -4.68 4.78 3.15
N CYS A 22 -5.26 3.84 2.41
CA CYS A 22 -5.95 2.71 3.02
C CYS A 22 -5.85 1.66 1.99
N VAL A 23 -6.19 0.42 2.37
CA VAL A 23 -5.88 -0.71 1.57
C VAL A 23 -7.07 -1.63 1.65
N THR A 24 -7.08 -2.62 0.77
CA THR A 24 -8.14 -3.55 0.65
C THR A 24 -7.46 -4.84 0.34
N GLY A 25 -8.17 -5.98 0.43
CA GLY A 25 -7.56 -7.25 0.09
C GLY A 25 -6.91 -7.81 1.29
N GLY A 26 -7.13 -9.11 1.55
CA GLY A 26 -6.34 -9.81 2.54
C GLY A 26 -6.54 -11.28 2.36
N VAL A 27 -7.42 -11.87 3.21
CA VAL A 27 -7.59 -13.32 3.44
C VAL A 27 -8.13 -14.14 2.25
N ASN A 28 -8.02 -13.64 1.02
CA ASN A 28 -8.66 -14.28 -0.16
C ASN A 28 -10.04 -13.74 -0.27
N THR A 29 -10.06 -12.45 -0.53
CA THR A 29 -11.25 -11.73 -0.79
C THR A 29 -11.42 -11.76 -2.30
N SER A 30 -12.29 -10.93 -2.83
CA SER A 30 -12.63 -10.88 -4.25
C SER A 30 -11.39 -10.77 -5.15
N VAL A 31 -10.22 -10.28 -4.63
CA VAL A 31 -9.02 -10.24 -5.45
C VAL A 31 -8.33 -11.60 -5.31
N ARG A 32 -7.97 -12.20 -6.47
CA ARG A 32 -7.54 -13.59 -6.53
C ARG A 32 -6.20 -13.78 -5.88
N HIS A 33 -5.28 -12.81 -6.00
CA HIS A 33 -3.93 -12.99 -5.46
C HIS A 33 -3.97 -12.76 -3.97
N GLY A 34 -5.14 -12.34 -3.43
CA GLY A 34 -5.27 -11.99 -2.01
C GLY A 34 -4.43 -10.77 -1.76
N GLY A 35 -4.06 -10.07 -2.85
CA GLY A 35 -3.14 -8.96 -2.76
C GLY A 35 -3.75 -7.88 -1.95
N ILE A 36 -2.95 -7.32 -1.03
CA ILE A 36 -3.37 -6.17 -0.28
C ILE A 36 -3.18 -5.02 -1.26
N TYR A 37 -4.26 -4.51 -1.85
CA TYR A 37 -4.13 -3.47 -2.86
C TYR A 37 -4.38 -2.20 -2.18
N VAL A 38 -3.71 -1.13 -2.65
CA VAL A 38 -4.03 0.21 -2.24
C VAL A 38 -5.45 0.46 -2.68
N LYS A 39 -6.26 1.03 -1.76
CA LYS A 39 -7.68 1.12 -1.97
C LYS A 39 -8.00 2.56 -2.14
N ALA A 40 -7.50 3.38 -1.23
CA ALA A 40 -7.90 4.75 -1.18
C ALA A 40 -6.67 5.52 -1.09
N VAL A 41 -6.56 6.53 -1.94
CA VAL A 41 -5.48 7.45 -1.86
C VAL A 41 -6.17 8.75 -1.65
N ILE A 42 -5.91 9.39 -0.51
CA ILE A 42 -6.50 10.68 -0.21
C ILE A 42 -5.93 11.66 -1.23
N PRO A 43 -6.82 12.52 -1.80
CA PRO A 43 -6.40 13.61 -2.67
C PRO A 43 -5.54 14.54 -1.84
N GLN A 44 -4.23 14.60 -2.15
CA GLN A 44 -3.25 15.38 -1.40
C GLN A 44 -2.91 14.71 -0.09
N GLY A 45 -3.17 13.38 0.01
CA GLY A 45 -2.65 12.62 1.12
C GLY A 45 -1.19 12.36 0.83
N ALA A 46 -0.52 11.61 1.73
CA ALA A 46 0.93 11.44 1.67
C ALA A 46 1.31 10.57 0.49
N ALA A 47 0.38 9.78 -0.03
CA ALA A 47 0.70 8.82 -1.10
C ALA A 47 0.72 9.59 -2.37
N GLU A 48 -0.34 10.38 -2.61
CA GLU A 48 -0.47 11.16 -3.83
C GLU A 48 0.67 12.14 -3.92
N SER A 49 1.05 12.72 -2.76
CA SER A 49 2.06 13.74 -2.74
C SER A 49 3.40 13.10 -3.05
N ASP A 50 3.64 11.88 -2.51
CA ASP A 50 4.88 11.14 -2.77
C ASP A 50 4.89 10.78 -4.23
N GLY A 51 3.71 10.40 -4.75
CA GLY A 51 3.52 10.19 -6.18
C GLY A 51 3.84 8.79 -6.55
N ARG A 52 4.60 8.08 -5.69
CA ARG A 52 5.03 6.74 -6.04
C ARG A 52 3.88 5.81 -5.82
N ILE A 53 3.12 6.02 -4.74
CA ILE A 53 2.02 5.14 -4.43
C ILE A 53 0.78 5.79 -4.98
N HIS A 54 -0.05 5.01 -5.70
CA HIS A 54 -1.31 5.48 -6.20
C HIS A 54 -2.22 4.30 -6.06
N LYS A 55 -3.47 4.47 -6.53
CA LYS A 55 -4.42 3.40 -6.62
C LYS A 55 -3.87 2.45 -7.67
N GLY A 56 -4.02 1.13 -7.45
CA GLY A 56 -3.57 0.17 -8.42
C GLY A 56 -2.40 -0.54 -7.85
N ASP A 57 -1.64 0.15 -6.99
CA ASP A 57 -0.42 -0.40 -6.42
C ASP A 57 -0.81 -1.45 -5.41
N ARG A 58 0.07 -2.47 -5.23
CA ARG A 58 -0.26 -3.61 -4.39
C ARG A 58 0.82 -3.69 -3.36
N VAL A 59 0.44 -3.76 -2.07
CA VAL A 59 1.38 -3.73 -0.98
C VAL A 59 1.55 -5.17 -0.54
N LEU A 60 2.77 -5.54 -0.12
CA LEU A 60 2.98 -6.86 0.39
C LEU A 60 3.46 -6.72 1.79
N ALA A 61 4.39 -5.79 2.04
CA ALA A 61 4.95 -5.69 3.37
C ALA A 61 4.89 -4.27 3.82
N VAL A 62 4.96 -4.13 5.14
CA VAL A 62 4.86 -2.87 5.81
C VAL A 62 5.79 -2.97 6.97
N ASN A 63 6.84 -2.12 6.97
CA ASN A 63 7.85 -2.06 8.03
C ASN A 63 8.46 -3.45 8.23
N GLY A 64 8.54 -4.25 7.14
CA GLY A 64 9.18 -5.55 7.21
C GLY A 64 8.23 -6.55 7.82
N VAL A 65 6.93 -6.21 7.87
CA VAL A 65 5.95 -7.11 8.37
C VAL A 65 5.22 -7.57 7.16
N SER A 66 5.17 -8.89 6.95
CA SER A 66 4.39 -9.43 5.88
C SER A 66 2.95 -9.21 6.21
N LEU A 67 2.30 -8.35 5.42
CA LEU A 67 0.87 -8.12 5.57
C LEU A 67 0.16 -9.14 4.74
N GLU A 68 0.92 -10.00 4.05
CA GLU A 68 0.33 -11.06 3.27
C GLU A 68 -0.39 -11.97 4.22
N GLY A 69 -1.53 -12.50 3.79
CA GLY A 69 -2.29 -13.42 4.60
C GLY A 69 -3.18 -12.67 5.56
N ALA A 70 -2.75 -11.45 5.99
CA ALA A 70 -3.50 -10.70 7.00
C ALA A 70 -4.80 -10.25 6.41
N THR A 71 -5.70 -9.77 7.28
CA THR A 71 -6.99 -9.34 6.86
C THR A 71 -6.85 -7.95 6.31
N HIS A 72 -7.87 -7.51 5.55
CA HIS A 72 -7.87 -6.18 5.00
C HIS A 72 -7.97 -5.21 6.15
N LYS A 73 -8.75 -5.60 7.21
CA LYS A 73 -8.85 -4.84 8.44
C LYS A 73 -7.46 -4.55 8.99
N GLN A 74 -6.60 -5.61 9.13
CA GLN A 74 -5.28 -5.42 9.71
C GLN A 74 -4.44 -4.60 8.76
N ALA A 75 -4.60 -4.80 7.44
CA ALA A 75 -3.83 -4.05 6.46
C ALA A 75 -4.03 -2.56 6.67
N VAL A 76 -5.29 -2.12 6.90
CA VAL A 76 -5.57 -0.70 7.09
C VAL A 76 -5.02 -0.32 8.45
N CYS A 77 -5.40 -1.12 9.50
CA CYS A 77 -5.04 -0.79 10.93
C CYS A 77 -3.50 -0.58 11.02
N THR A 78 -2.78 -1.26 10.13
CA THR A 78 -1.33 -1.24 10.19
C THR A 78 -0.89 0.16 9.84
N LEU A 79 -1.32 0.67 8.66
CA LEU A 79 -0.95 2.01 8.19
C LEU A 79 -1.36 3.02 9.24
N ARG A 80 -2.64 2.99 9.58
CA ARG A 80 -3.21 3.80 10.66
C ARG A 80 -2.37 3.79 11.96
N ASN A 81 -1.57 2.74 12.23
CA ASN A 81 -0.80 2.69 13.49
C ASN A 81 0.69 2.70 13.18
N THR A 82 1.09 2.96 11.92
CA THR A 82 2.52 3.09 11.64
C THR A 82 2.91 4.53 11.93
N GLY A 83 4.23 4.80 11.85
CA GLY A 83 4.78 6.08 12.26
C GLY A 83 4.68 7.06 11.13
N GLN A 84 5.57 8.06 11.16
CA GLN A 84 5.50 9.20 10.27
C GLN A 84 6.08 8.79 8.95
N VAL A 85 7.08 7.89 8.98
CA VAL A 85 7.64 7.37 7.77
C VAL A 85 7.45 5.91 7.87
N VAL A 86 6.95 5.27 6.81
CA VAL A 86 6.69 3.86 6.85
C VAL A 86 7.48 3.29 5.72
N HIS A 87 8.07 2.11 5.91
CA HIS A 87 8.77 1.46 4.85
C HIS A 87 7.78 0.52 4.26
N LEU A 88 7.40 0.73 3.01
CA LEU A 88 6.36 -0.06 2.39
C LEU A 88 6.99 -0.79 1.27
N LEU A 89 6.59 -2.05 1.09
CA LEU A 89 7.12 -2.84 0.02
C LEU A 89 5.97 -3.10 -0.88
N LEU A 90 6.12 -2.77 -2.16
CA LEU A 90 5.04 -2.89 -3.08
C LEU A 90 5.53 -3.60 -4.27
N GLU A 91 4.62 -4.23 -5.00
CA GLU A 91 4.95 -4.87 -6.22
C GLU A 91 4.00 -4.29 -7.19
N LYS A 92 4.51 -3.93 -8.38
CA LYS A 92 3.68 -3.35 -9.41
C LYS A 92 2.61 -4.34 -9.81
N GLY A 93 1.49 -3.78 -10.20
CA GLY A 93 0.40 -4.54 -10.72
C GLY A 93 0.40 -4.24 -12.16
N GLN A 94 -0.68 -4.60 -12.88
CA GLN A 94 -0.77 -4.23 -14.28
C GLN A 94 -0.81 -2.73 -14.36
N SER A 95 0.19 -2.16 -15.00
CA SER A 95 0.31 -0.75 -15.15
C SER A 95 0.20 -0.53 -16.62
N PRO A 96 -0.37 0.60 -17.03
CA PRO A 96 -0.41 0.96 -18.43
C PRO A 96 0.99 1.24 -18.90
N THR A 97 1.88 1.62 -18.00
CA THR A 97 3.25 1.86 -18.33
C THR A 97 4.05 0.92 -17.40
C1 33B B . -9.58 4.09 4.49
C2 33B B . -10.05 3.63 5.85
O2 33B B . -9.76 4.28 6.87
N3 33B B . -10.80 2.46 5.88
C4 33B B . -11.60 1.94 7.10
C5 33B B . -11.63 2.67 8.33
C6 33B B . -12.40 0.70 7.00
S6 33B B . -12.47 -0.36 5.53
C7 33B B . -12.44 2.25 9.38
C8 33B B . -13.21 0.34 8.12
C9 33B B . -13.24 1.13 9.29
N10 33B B . -14.20 0.78 10.39
N11 33B B . -13.89 0.34 11.53
C12 33B B . -12.49 0.03 12.02
C13 33B B . -11.84 -1.10 11.56
C14 33B B . -11.90 0.82 13.00
C15 33B B . -10.62 -1.51 12.09
C16 33B B . -10.64 0.49 13.57
C17 33B B . -9.97 -0.76 13.11
S17 33B B . -10.00 1.58 14.85
N18 33B B . -8.66 -1.24 13.75
C19 33B B . -8.01 -2.43 13.47
O19 33B B . -8.45 -3.28 12.69
C20 33B B . -6.67 -2.68 14.18
O61 33B B . -11.18 -0.18 4.88
O62 33B B . -12.70 -1.67 6.08
O63 33B B . -13.60 0.19 4.81
O71 33B B . -8.74 1.02 15.25
O72 33B B . -9.91 2.85 14.18
O73 33B B . -11.04 1.52 15.87
HN3 33B B . -10.86 1.91 5.04
H5 33B B . -11.09 3.57 8.50
H7 33B B . -12.47 2.86 10.28
H8 33B B . -13.84 -0.53 8.05
H1 33B B . -9.91 3.41 3.68
H13 33B B . -12.30 -1.71 10.80
H14 33B B . -12.41 1.71 13.34
H15 33B B . -10.20 -2.41 11.68
HN18 33B B . -8.23 -0.64 14.44
H20 33B B . -6.83 -2.64 15.29
H1A 33B B . -10.03 5.09 4.29
H20A 33B B . -6.31 -3.69 13.94
N GLY A 1 10.78 3.17 -15.26
CA GLY A 1 10.18 2.81 -13.99
C GLY A 1 10.57 1.42 -13.66
N PRO A 2 9.95 0.87 -12.62
CA PRO A 2 10.08 -0.53 -12.29
C PRO A 2 9.40 -1.32 -13.39
N LYS A 3 9.92 -2.51 -13.69
CA LYS A 3 9.35 -3.34 -14.73
C LYS A 3 8.12 -3.99 -14.12
N PRO A 4 7.22 -4.51 -14.97
CA PRO A 4 6.06 -5.26 -14.50
C PRO A 4 6.53 -6.48 -13.72
N GLY A 5 6.13 -6.57 -12.44
CA GLY A 5 6.49 -7.71 -11.63
C GLY A 5 7.76 -7.40 -10.88
N ASP A 6 8.16 -6.11 -10.87
CA ASP A 6 9.38 -5.74 -10.20
C ASP A 6 8.96 -5.26 -8.84
N ILE A 7 9.72 -5.63 -7.82
CA ILE A 7 9.40 -5.27 -6.46
C ILE A 7 10.29 -4.11 -6.18
N PHE A 8 9.75 -3.12 -5.48
CA PHE A 8 10.49 -1.94 -5.20
C PHE A 8 10.04 -1.50 -3.86
N GLU A 9 10.86 -0.68 -3.20
CA GLU A 9 10.52 -0.17 -1.93
C GLU A 9 10.06 1.23 -2.14
N VAL A 10 9.12 1.65 -1.34
CA VAL A 10 8.77 3.02 -1.26
C VAL A 10 8.83 3.30 0.18
N GLU A 11 9.58 4.33 0.56
CA GLU A 11 9.56 4.73 1.92
C GLU A 11 8.72 5.95 1.94
N LEU A 12 7.57 5.85 2.59
CA LEU A 12 6.57 6.87 2.50
C LEU A 12 6.67 7.62 3.77
N ALA A 13 6.86 8.94 3.66
CA ALA A 13 6.95 9.77 4.82
C ALA A 13 5.62 10.40 5.01
N LYS A 14 5.26 10.61 6.27
CA LYS A 14 4.04 11.28 6.66
C LYS A 14 4.41 12.72 6.87
N ASN A 15 5.40 13.22 6.11
CA ASN A 15 5.94 14.55 6.31
C ASN A 15 4.96 15.50 5.71
N ASP A 16 4.56 15.23 4.45
CA ASP A 16 3.66 16.10 3.71
C ASP A 16 2.35 16.18 4.44
N ASN A 17 1.65 15.05 4.55
CA ASN A 17 0.34 15.06 5.13
C ASN A 17 0.18 13.74 5.79
N SER A 18 -0.86 13.60 6.63
CA SER A 18 -1.23 12.35 7.28
C SER A 18 -1.37 11.22 6.26
N LEU A 19 -1.57 9.99 6.78
CA LEU A 19 -1.41 8.75 6.02
C LEU A 19 -2.34 8.75 4.82
N GLY A 20 -3.66 8.87 5.06
CA GLY A 20 -4.64 9.04 3.98
C GLY A 20 -4.53 7.97 2.91
N ILE A 21 -4.51 6.70 3.31
CA ILE A 21 -4.51 5.61 2.36
C ILE A 21 -5.52 4.65 2.94
N CYS A 22 -5.98 3.69 2.14
CA CYS A 22 -6.75 2.59 2.64
C CYS A 22 -6.43 1.51 1.69
N VAL A 23 -6.76 0.28 2.04
CA VAL A 23 -6.27 -0.85 1.32
C VAL A 23 -7.36 -1.88 1.38
N THR A 24 -7.18 -2.93 0.58
CA THR A 24 -8.11 -4.01 0.50
C THR A 24 -7.22 -5.19 0.18
N GLY A 25 -7.74 -6.41 0.27
CA GLY A 25 -6.93 -7.59 0.03
C GLY A 25 -6.76 -8.25 1.34
N GLY A 26 -5.85 -9.24 1.41
CA GLY A 26 -5.59 -9.91 2.66
C GLY A 26 -5.93 -11.35 2.49
N VAL A 27 -6.95 -11.83 3.24
CA VAL A 27 -7.29 -13.25 3.38
C VAL A 27 -7.85 -13.88 2.12
N ASN A 28 -7.63 -13.27 0.93
CA ASN A 28 -8.31 -13.70 -0.32
C ASN A 28 -9.58 -12.97 -0.43
N THR A 29 -9.41 -11.66 -0.64
CA THR A 29 -10.46 -10.77 -1.00
C THR A 29 -10.60 -10.97 -2.53
N SER A 30 -11.32 -10.10 -3.25
CA SER A 30 -11.61 -10.27 -4.67
C SER A 30 -10.33 -10.48 -5.51
N VAL A 31 -9.14 -10.09 -5.00
CA VAL A 31 -7.94 -10.25 -5.76
C VAL A 31 -7.36 -11.62 -5.43
N ARG A 32 -7.04 -12.40 -6.50
CA ARG A 32 -6.68 -13.80 -6.39
C ARG A 32 -5.40 -13.95 -5.60
N HIS A 33 -4.37 -13.13 -5.89
CA HIS A 33 -3.04 -13.31 -5.23
C HIS A 33 -3.10 -12.78 -3.81
N GLY A 34 -4.29 -12.29 -3.37
CA GLY A 34 -4.46 -11.81 -1.99
C GLY A 34 -3.60 -10.59 -1.78
N GLY A 35 -3.23 -9.89 -2.87
CA GLY A 35 -2.39 -8.71 -2.78
C GLY A 35 -3.15 -7.66 -2.03
N ILE A 36 -2.42 -6.79 -1.33
CA ILE A 36 -3.03 -5.74 -0.58
C ILE A 36 -3.05 -4.57 -1.52
N TYR A 37 -4.22 -4.24 -2.08
CA TYR A 37 -4.28 -3.19 -3.09
C TYR A 37 -4.69 -1.96 -2.40
N VAL A 38 -4.11 -0.83 -2.82
CA VAL A 38 -4.54 0.45 -2.35
C VAL A 38 -5.97 0.65 -2.82
N LYS A 39 -6.83 1.12 -1.92
CA LYS A 39 -8.24 1.17 -2.15
C LYS A 39 -8.59 2.61 -2.35
N ALA A 40 -8.06 3.49 -1.50
CA ALA A 40 -8.43 4.88 -1.54
C ALA A 40 -7.21 5.62 -1.22
N VAL A 41 -7.14 6.89 -1.66
CA VAL A 41 -6.06 7.76 -1.34
C VAL A 41 -6.71 9.11 -1.21
N ILE A 42 -6.33 9.89 -0.16
CA ILE A 42 -6.87 11.25 0.00
C ILE A 42 -6.28 12.07 -1.12
N PRO A 43 -7.07 13.03 -1.67
CA PRO A 43 -6.55 14.05 -2.55
C PRO A 43 -5.48 14.81 -1.79
N GLN A 44 -4.23 14.72 -2.25
CA GLN A 44 -3.08 15.25 -1.57
C GLN A 44 -2.92 14.62 -0.19
N GLY A 45 -3.24 13.30 -0.04
CA GLY A 45 -2.77 12.58 1.12
C GLY A 45 -1.31 12.30 0.88
N ALA A 46 -0.64 11.65 1.87
CA ALA A 46 0.82 11.46 1.83
C ALA A 46 1.19 10.68 0.59
N ALA A 47 0.40 9.63 0.29
CA ALA A 47 0.68 8.72 -0.83
C ALA A 47 0.64 9.50 -2.12
N GLU A 48 -0.44 10.28 -2.33
CA GLU A 48 -0.63 10.98 -3.60
C GLU A 48 0.43 12.03 -3.75
N SER A 49 0.77 12.73 -2.66
CA SER A 49 1.75 13.78 -2.72
C SER A 49 3.11 13.19 -3.06
N ASP A 50 3.39 11.98 -2.56
CA ASP A 50 4.69 11.34 -2.84
C ASP A 50 4.69 10.91 -4.30
N GLY A 51 3.52 10.53 -4.81
CA GLY A 51 3.36 10.25 -6.23
C GLY A 51 3.70 8.82 -6.53
N ARG A 52 4.45 8.16 -5.63
CA ARG A 52 4.89 6.79 -5.89
C ARG A 52 3.71 5.89 -5.75
N ILE A 53 2.91 6.09 -4.70
CA ILE A 53 1.84 5.19 -4.40
C ILE A 53 0.60 5.82 -4.97
N HIS A 54 -0.35 5.00 -5.39
CA HIS A 54 -1.54 5.50 -6.03
C HIS A 54 -2.59 4.49 -5.71
N LYS A 55 -3.87 4.81 -6.02
CA LYS A 55 -4.97 3.88 -5.82
C LYS A 55 -4.76 2.74 -6.81
N GLY A 56 -5.06 1.49 -6.43
CA GLY A 56 -4.92 0.39 -7.38
C GLY A 56 -3.54 -0.19 -7.31
N ASP A 57 -2.64 0.40 -6.48
CA ASP A 57 -1.25 -0.08 -6.44
C ASP A 57 -1.23 -1.31 -5.59
N ARG A 58 -0.31 -2.26 -5.86
CA ARG A 58 -0.32 -3.54 -5.16
C ARG A 58 0.77 -3.49 -4.13
N VAL A 59 0.39 -3.61 -2.86
CA VAL A 59 1.34 -3.61 -1.78
C VAL A 59 1.47 -5.06 -1.35
N LEU A 60 2.67 -5.45 -0.87
CA LEU A 60 2.84 -6.78 -0.33
C LEU A 60 3.13 -6.65 1.14
N ALA A 61 4.07 -5.75 1.51
CA ALA A 61 4.51 -5.71 2.89
C ALA A 61 4.47 -4.31 3.36
N VAL A 62 4.49 -4.20 4.70
CA VAL A 62 4.35 -2.95 5.37
C VAL A 62 5.35 -2.99 6.49
N ASN A 63 6.38 -2.16 6.39
CA ASN A 63 7.45 -2.03 7.37
C ASN A 63 8.02 -3.38 7.76
N GLY A 64 8.11 -4.30 6.79
CA GLY A 64 8.76 -5.59 7.02
C GLY A 64 7.76 -6.57 7.55
N VAL A 65 6.47 -6.19 7.61
CA VAL A 65 5.47 -7.05 8.12
C VAL A 65 4.82 -7.62 6.93
N SER A 66 4.87 -8.93 6.80
CA SER A 66 4.20 -9.60 5.73
C SER A 66 2.73 -9.54 6.01
N LEU A 67 2.02 -8.72 5.23
CA LEU A 67 0.58 -8.50 5.42
C LEU A 67 -0.19 -9.65 4.82
N GLU A 68 0.50 -10.62 4.19
CA GLU A 68 -0.20 -11.78 3.65
C GLU A 68 -0.81 -12.53 4.81
N GLY A 69 -1.99 -13.08 4.59
CA GLY A 69 -2.69 -13.79 5.63
C GLY A 69 -3.51 -12.83 6.45
N ALA A 70 -3.04 -11.55 6.61
CA ALA A 70 -3.75 -10.60 7.43
C ALA A 70 -5.01 -10.20 6.72
N THR A 71 -5.94 -9.63 7.47
CA THR A 71 -7.22 -9.28 6.93
C THR A 71 -7.12 -7.91 6.28
N HIS A 72 -8.19 -7.55 5.55
CA HIS A 72 -8.26 -6.27 4.86
C HIS A 72 -8.27 -5.20 5.89
N LYS A 73 -9.09 -5.38 6.97
CA LYS A 73 -9.18 -4.40 8.01
C LYS A 73 -7.81 -4.21 8.66
N GLN A 74 -7.02 -5.31 8.93
CA GLN A 74 -5.72 -5.15 9.56
C GLN A 74 -4.82 -4.41 8.62
N ALA A 75 -4.91 -4.65 7.29
CA ALA A 75 -4.06 -3.96 6.32
C ALA A 75 -4.21 -2.46 6.47
N VAL A 76 -5.45 -1.98 6.75
CA VAL A 76 -5.70 -0.55 6.88
C VAL A 76 -5.08 -0.09 8.20
N CYS A 77 -5.48 -0.76 9.31
CA CYS A 77 -5.07 -0.27 10.68
C CYS A 77 -3.54 -0.32 10.78
N THR A 78 -2.91 -1.24 10.01
CA THR A 78 -1.46 -1.42 10.10
C THR A 78 -0.82 -0.08 9.72
N LEU A 79 -1.20 0.45 8.54
CA LEU A 79 -0.68 1.75 8.07
C LEU A 79 -0.97 2.81 9.11
N ARG A 80 -2.25 2.96 9.47
CA ARG A 80 -2.65 3.89 10.55
C ARG A 80 -1.80 3.72 11.83
N ASN A 81 -1.29 2.49 12.12
CA ASN A 81 -0.52 2.25 13.35
C ASN A 81 0.97 2.42 13.08
N THR A 82 1.40 2.61 11.80
CA THR A 82 2.83 2.76 11.54
C THR A 82 3.23 4.20 11.89
N GLY A 83 4.54 4.47 11.90
CA GLY A 83 5.05 5.74 12.37
C GLY A 83 5.03 6.73 11.25
N GLN A 84 6.14 7.50 11.15
CA GLN A 84 6.22 8.61 10.23
C GLN A 84 6.75 8.11 8.94
N VAL A 85 7.80 7.29 8.99
CA VAL A 85 8.40 6.79 7.79
C VAL A 85 8.03 5.34 7.79
N VAL A 86 7.45 4.86 6.70
CA VAL A 86 7.03 3.50 6.64
C VAL A 86 7.73 2.95 5.45
N HIS A 87 8.25 1.73 5.55
CA HIS A 87 8.90 1.11 4.42
C HIS A 87 7.85 0.25 3.82
N LEU A 88 7.48 0.54 2.58
CA LEU A 88 6.41 -0.19 1.94
C LEU A 88 7.03 -0.89 0.80
N LEU A 89 6.63 -2.15 0.59
CA LEU A 89 7.13 -2.92 -0.51
C LEU A 89 5.97 -3.12 -1.38
N LEU A 90 6.15 -2.84 -2.66
CA LEU A 90 5.08 -2.96 -3.60
C LEU A 90 5.63 -3.72 -4.74
N GLU A 91 4.75 -4.42 -5.47
CA GLU A 91 5.14 -5.18 -6.61
C GLU A 91 4.43 -4.54 -7.74
N LYS A 92 5.11 -4.27 -8.85
CA LYS A 92 4.44 -3.70 -10.00
C LYS A 92 3.41 -4.70 -10.52
N GLY A 93 2.23 -4.20 -10.83
CA GLY A 93 1.12 -5.02 -11.20
C GLY A 93 -0.07 -4.32 -10.70
N GLN A 94 -0.19 -3.05 -11.04
CA GLN A 94 -1.30 -2.27 -10.56
C GLN A 94 -2.41 -2.48 -11.51
N SER A 95 -3.64 -2.38 -11.01
CA SER A 95 -4.76 -2.28 -11.87
C SER A 95 -4.85 -0.79 -12.22
N PRO A 96 -5.69 -0.42 -13.20
CA PRO A 96 -5.90 0.97 -13.55
C PRO A 96 -6.51 1.68 -12.36
N THR A 97 -6.43 3.01 -12.34
CA THR A 97 -6.94 3.77 -11.23
C THR A 97 -8.45 3.88 -11.45
C1 33B B . -10.66 3.72 3.28
C2 33B B . -11.07 2.49 4.08
O2 33B B . -11.03 1.36 3.58
N3 33B B . -11.51 2.74 5.37
C4 33B B . -12.16 1.74 6.34
C5 33B B . -12.37 0.37 5.96
C6 33B B . -12.66 2.17 7.66
S6 33B B . -12.56 3.87 8.28
C7 33B B . -13.09 -0.49 6.79
C8 33B B . -13.38 1.23 8.45
C9 33B B . -13.62 -0.07 8.01
N10 33B B . -14.61 -0.95 8.72
N11 33B B . -14.47 -1.66 9.76
C12 33B B . -13.27 -1.88 10.66
C13 33B B . -11.96 -1.48 10.34
C14 33B B . -13.50 -2.57 11.84
C15 33B B . -10.88 -1.80 11.21
C16 33B B . -12.47 -2.93 12.73
C17 33B B . -11.09 -2.57 12.41
S17 33B B . -12.96 -3.91 14.16
N18 33B B . -9.93 -3.00 13.37
C19 33B B . -8.55 -2.86 13.24
O19 33B B . -7.81 -2.99 14.20
C20 33B B . -7.93 -2.60 11.88
O61 33B B . -11.66 4.54 7.36
O62 33B B . -13.94 4.29 8.21
O63 33B B . -12.04 3.70 9.62
O71 33B B . -11.89 -3.76 15.11
O72 33B B . -14.21 -3.28 14.55
O73 33B B . -13.10 -5.22 13.56
HN3 33B B . -11.41 3.69 5.71
H5 33B B . -12.05 -0.02 5.03
H7 33B B . -13.28 -1.49 6.43
H8 33B B . -13.82 1.57 9.39
H1 33B B . -10.82 3.54 2.20
H13 33B B . -11.73 -0.94 9.45
H14 33B B . -14.51 -2.87 12.07
H15 33B B . -9.92 -1.44 10.88
HN18 33B B . -10.22 -3.46 14.22
H20 33B B . -7.05 -3.27 11.78
H1A 33B B . -11.30 4.58 3.57
H20A 33B B . -8.62 -2.92 11.07
N GLY A 1 12.21 1.96 -14.80
CA GLY A 1 11.06 2.17 -13.95
C GLY A 1 10.54 0.83 -13.55
N PRO A 2 9.62 0.84 -12.58
CA PRO A 2 9.02 -0.37 -12.06
C PRO A 2 8.14 -0.97 -13.14
N LYS A 3 8.47 -2.19 -13.58
CA LYS A 3 7.68 -2.86 -14.58
C LYS A 3 6.51 -3.46 -13.83
N PRO A 4 5.46 -3.87 -14.57
CA PRO A 4 4.34 -4.58 -13.99
C PRO A 4 4.85 -5.84 -13.32
N GLY A 5 4.67 -5.96 -12.00
CA GLY A 5 5.13 -7.14 -11.28
C GLY A 5 6.29 -6.77 -10.41
N ASP A 6 7.03 -5.67 -10.75
CA ASP A 6 8.20 -5.28 -9.97
C ASP A 6 7.77 -4.86 -8.60
N ILE A 7 8.62 -5.20 -7.60
CA ILE A 7 8.41 -4.77 -6.25
C ILE A 7 9.27 -3.56 -6.12
N PHE A 8 8.73 -2.52 -5.53
CA PHE A 8 9.46 -1.32 -5.32
C PHE A 8 9.30 -1.00 -3.88
N GLU A 9 10.39 -0.51 -3.29
CA GLU A 9 10.46 -0.24 -1.90
C GLU A 9 10.30 1.24 -1.80
N VAL A 10 9.44 1.69 -0.90
CA VAL A 10 9.15 3.10 -0.79
C VAL A 10 9.23 3.42 0.65
N GLU A 11 9.89 4.54 0.98
CA GLU A 11 9.79 5.08 2.29
C GLU A 11 8.85 6.21 2.14
N LEU A 12 7.74 6.14 2.84
CA LEU A 12 6.72 7.12 2.72
C LEU A 12 6.86 7.96 3.93
N ALA A 13 7.10 9.26 3.74
CA ALA A 13 7.32 10.13 4.85
C ALA A 13 6.00 10.73 5.19
N LYS A 14 5.70 10.72 6.48
CA LYS A 14 4.49 11.26 7.05
C LYS A 14 4.72 12.71 7.34
N ASN A 15 5.54 13.37 6.48
CA ASN A 15 5.77 14.81 6.58
C ASN A 15 4.42 15.46 6.29
N ASP A 16 3.57 14.76 5.53
CA ASP A 16 2.18 15.15 5.39
C ASP A 16 1.47 14.36 6.44
N ASN A 17 0.49 14.96 7.12
CA ASN A 17 -0.04 14.37 8.35
C ASN A 17 -1.00 13.28 8.00
N SER A 18 -1.62 13.36 6.82
CA SER A 18 -2.47 12.29 6.38
C SER A 18 -1.60 11.31 5.68
N LEU A 19 -1.57 10.03 6.14
CA LEU A 19 -0.88 8.99 5.42
C LEU A 19 -1.71 8.78 4.17
N GLY A 20 -3.00 8.45 4.39
CA GLY A 20 -3.99 8.57 3.35
C GLY A 20 -3.81 7.52 2.33
N ILE A 21 -3.67 6.29 2.78
CA ILE A 21 -3.70 5.17 1.91
C ILE A 21 -4.65 4.29 2.63
N CYS A 22 -5.41 3.48 1.90
CA CYS A 22 -6.22 2.48 2.54
C CYS A 22 -6.20 1.39 1.56
N VAL A 23 -6.58 0.21 1.98
CA VAL A 23 -6.26 -0.95 1.27
C VAL A 23 -7.45 -1.85 1.34
N THR A 24 -7.43 -2.88 0.52
CA THR A 24 -8.50 -3.81 0.45
C THR A 24 -7.82 -5.11 0.19
N GLY A 25 -8.55 -6.23 0.35
CA GLY A 25 -8.01 -7.53 0.04
C GLY A 25 -7.12 -8.02 1.13
N GLY A 26 -7.21 -9.33 1.44
CA GLY A 26 -6.21 -9.96 2.29
C GLY A 26 -6.37 -11.47 2.22
N VAL A 27 -7.26 -12.02 3.09
CA VAL A 27 -7.53 -13.46 3.38
C VAL A 27 -7.86 -14.36 2.17
N ASN A 28 -7.50 -13.98 0.95
CA ASN A 28 -7.95 -14.68 -0.27
C ASN A 28 -9.22 -14.07 -0.63
N THR A 29 -9.08 -12.82 -0.98
CA THR A 29 -10.13 -11.94 -1.30
C THR A 29 -10.45 -12.19 -2.77
N SER A 30 -11.25 -11.28 -3.38
CA SER A 30 -11.69 -11.40 -4.73
C SER A 30 -10.52 -11.46 -5.70
N VAL A 31 -9.34 -10.89 -5.33
CA VAL A 31 -8.22 -10.93 -6.23
C VAL A 31 -7.48 -12.23 -5.94
N ARG A 32 -7.03 -12.89 -7.03
CA ARG A 32 -6.46 -14.24 -6.99
C ARG A 32 -5.38 -14.37 -5.95
N HIS A 33 -4.33 -13.55 -6.05
CA HIS A 33 -3.11 -13.77 -5.26
C HIS A 33 -3.29 -13.24 -3.86
N GLY A 34 -4.53 -12.82 -3.48
CA GLY A 34 -4.77 -12.33 -2.12
C GLY A 34 -4.03 -11.05 -1.93
N GLY A 35 -3.85 -10.32 -3.03
CA GLY A 35 -3.10 -9.10 -3.01
C GLY A 35 -3.84 -8.09 -2.18
N ILE A 36 -3.13 -7.50 -1.20
CA ILE A 36 -3.66 -6.40 -0.43
C ILE A 36 -3.46 -5.20 -1.37
N TYR A 37 -4.52 -4.71 -2.00
CA TYR A 37 -4.38 -3.67 -3.00
C TYR A 37 -4.68 -2.38 -2.34
N VAL A 38 -3.98 -1.31 -2.79
CA VAL A 38 -4.28 0.02 -2.39
C VAL A 38 -5.62 0.34 -2.98
N LYS A 39 -6.52 0.85 -2.14
CA LYS A 39 -7.89 0.98 -2.47
C LYS A 39 -8.14 2.41 -2.76
N ALA A 40 -7.64 3.28 -1.87
CA ALA A 40 -8.01 4.66 -1.91
C ALA A 40 -6.78 5.41 -1.60
N VAL A 41 -6.67 6.59 -2.19
CA VAL A 41 -5.61 7.49 -1.87
C VAL A 41 -6.30 8.80 -1.68
N ILE A 42 -6.05 9.48 -0.53
CA ILE A 42 -6.71 10.78 -0.25
C ILE A 42 -6.20 11.73 -1.31
N PRO A 43 -7.06 12.67 -1.76
CA PRO A 43 -6.61 13.80 -2.53
C PRO A 43 -5.62 14.55 -1.68
N GLN A 44 -4.36 14.53 -2.11
CA GLN A 44 -3.28 15.16 -1.41
C GLN A 44 -2.96 14.40 -0.13
N GLY A 45 -3.20 13.07 -0.07
CA GLY A 45 -2.63 12.29 1.04
C GLY A 45 -1.12 12.23 0.84
N ALA A 46 -0.39 11.69 1.86
CA ALA A 46 1.08 11.65 1.84
C ALA A 46 1.54 10.85 0.64
N ALA A 47 0.76 9.80 0.29
CA ALA A 47 1.07 8.93 -0.84
C ALA A 47 1.08 9.75 -2.11
N GLU A 48 0.02 10.55 -2.31
CA GLU A 48 -0.14 11.33 -3.54
C GLU A 48 1.01 12.30 -3.67
N SER A 49 1.40 12.91 -2.54
CA SER A 49 2.45 13.91 -2.52
C SER A 49 3.74 13.23 -2.89
N ASP A 50 3.96 12.02 -2.34
CA ASP A 50 5.19 11.26 -2.60
C ASP A 50 5.19 10.88 -4.07
N GLY A 51 4.01 10.49 -4.57
CA GLY A 51 3.79 10.26 -5.97
C GLY A 51 4.21 8.87 -6.36
N ARG A 52 4.91 8.17 -5.46
CA ARG A 52 5.40 6.84 -5.79
C ARG A 52 4.29 5.86 -5.63
N ILE A 53 3.47 6.02 -4.58
CA ILE A 53 2.39 5.09 -4.33
C ILE A 53 1.15 5.65 -4.98
N HIS A 54 0.33 4.77 -5.60
CA HIS A 54 -0.89 5.19 -6.22
C HIS A 54 -1.90 4.14 -5.91
N LYS A 55 -3.17 4.37 -6.30
CA LYS A 55 -4.20 3.34 -6.23
C LYS A 55 -3.81 2.29 -7.23
N GLY A 56 -4.05 0.99 -6.93
CA GLY A 56 -3.75 -0.05 -7.89
C GLY A 56 -2.50 -0.73 -7.48
N ASP A 57 -1.75 -0.10 -6.56
CA ASP A 57 -0.51 -0.68 -6.07
C ASP A 57 -0.88 -1.77 -5.14
N ARG A 58 -0.07 -2.83 -5.09
CA ARG A 58 -0.37 -3.95 -4.24
C ARG A 58 0.64 -3.90 -3.15
N VAL A 59 0.19 -3.74 -1.89
CA VAL A 59 1.12 -3.62 -0.80
C VAL A 59 1.38 -5.03 -0.35
N LEU A 60 2.64 -5.41 -0.17
CA LEU A 60 2.95 -6.75 0.28
C LEU A 60 3.33 -6.65 1.71
N ALA A 61 4.26 -5.75 2.02
CA ALA A 61 4.76 -5.69 3.36
C ALA A 61 4.72 -4.30 3.83
N VAL A 62 4.90 -4.18 5.14
CA VAL A 62 4.96 -2.93 5.81
C VAL A 62 6.03 -3.13 6.81
N ASN A 63 7.16 -2.47 6.58
CA ASN A 63 8.35 -2.54 7.42
C ASN A 63 8.72 -4.00 7.76
N GLY A 64 8.59 -4.89 6.76
CA GLY A 64 9.06 -6.25 6.91
C GLY A 64 7.99 -7.11 7.50
N VAL A 65 6.76 -6.58 7.65
CA VAL A 65 5.72 -7.38 8.20
C VAL A 65 4.96 -7.87 7.03
N SER A 66 4.93 -9.19 6.83
CA SER A 66 4.20 -9.76 5.75
C SER A 66 2.73 -9.56 6.04
N LEU A 67 2.10 -8.69 5.24
CA LEU A 67 0.68 -8.41 5.38
C LEU A 67 -0.10 -9.43 4.62
N GLU A 68 0.56 -10.32 3.82
CA GLU A 68 -0.18 -11.32 3.08
C GLU A 68 -0.87 -12.24 4.08
N GLY A 69 -2.07 -12.70 3.73
CA GLY A 69 -2.84 -13.54 4.63
C GLY A 69 -3.64 -12.71 5.61
N ALA A 70 -3.13 -11.51 6.00
CA ALA A 70 -3.80 -10.68 7.01
C ALA A 70 -5.12 -10.21 6.47
N THR A 71 -5.98 -9.72 7.36
CA THR A 71 -7.28 -9.27 6.95
C THR A 71 -7.16 -7.86 6.44
N HIS A 72 -8.19 -7.40 5.72
CA HIS A 72 -8.17 -6.10 5.12
C HIS A 72 -8.17 -5.07 6.21
N LYS A 73 -8.93 -5.32 7.33
CA LYS A 73 -8.91 -4.37 8.44
C LYS A 73 -7.49 -4.22 8.98
N GLN A 74 -6.71 -5.35 9.10
CA GLN A 74 -5.35 -5.25 9.64
C GLN A 74 -4.52 -4.48 8.68
N ALA A 75 -4.70 -4.72 7.37
CA ALA A 75 -3.95 -4.01 6.35
C ALA A 75 -4.13 -2.50 6.52
N VAL A 76 -5.38 -2.05 6.78
CA VAL A 76 -5.65 -0.63 6.97
C VAL A 76 -5.02 -0.22 8.30
N CYS A 77 -5.35 -1.00 9.38
CA CYS A 77 -4.93 -0.67 10.79
C CYS A 77 -3.38 -0.45 10.81
N THR A 78 -2.69 -1.14 9.88
CA THR A 78 -1.25 -1.15 9.87
C THR A 78 -0.78 0.22 9.41
N LEU A 79 -1.39 0.73 8.33
CA LEU A 79 -1.06 2.04 7.78
C LEU A 79 -1.41 3.08 8.82
N ARG A 80 -2.66 3.04 9.31
CA ARG A 80 -3.13 3.90 10.41
C ARG A 80 -2.11 3.97 11.54
N ASN A 81 -1.55 2.84 11.98
CA ASN A 81 -0.63 2.88 13.12
C ASN A 81 0.79 2.97 12.60
N THR A 82 1.10 4.05 11.86
CA THR A 82 2.46 4.25 11.37
C THR A 82 3.04 5.43 12.08
N GLY A 83 4.37 5.49 12.15
CA GLY A 83 5.07 6.57 12.79
C GLY A 83 5.37 7.62 11.78
N GLN A 84 6.66 8.00 11.68
CA GLN A 84 7.06 9.13 10.88
C GLN A 84 7.34 8.65 9.49
N VAL A 85 8.17 7.62 9.36
CA VAL A 85 8.51 7.12 8.06
C VAL A 85 7.99 5.72 8.02
N VAL A 86 7.36 5.33 6.90
CA VAL A 86 6.83 4.01 6.78
C VAL A 86 7.62 3.37 5.69
N HIS A 87 8.14 2.16 5.91
CA HIS A 87 8.83 1.45 4.86
C HIS A 87 7.80 0.55 4.28
N LEU A 88 7.47 0.75 3.01
CA LEU A 88 6.43 -0.02 2.39
C LEU A 88 7.05 -0.69 1.22
N LEU A 89 6.60 -1.90 0.96
CA LEU A 89 6.99 -2.60 -0.22
C LEU A 89 5.75 -2.77 -0.96
N LEU A 90 5.79 -2.43 -2.24
CA LEU A 90 4.61 -2.50 -3.03
C LEU A 90 5.00 -3.18 -4.29
N GLU A 91 4.02 -3.79 -4.95
CA GLU A 91 4.25 -4.56 -6.10
C GLU A 91 3.37 -3.96 -7.15
N LYS A 92 3.93 -3.74 -8.34
CA LYS A 92 3.16 -3.23 -9.45
C LYS A 92 2.18 -4.29 -9.91
N GLY A 93 1.07 -3.82 -10.44
CA GLY A 93 0.08 -4.73 -11.00
C GLY A 93 -1.20 -4.01 -11.15
N GLN A 94 -1.13 -2.68 -11.26
CA GLN A 94 -2.30 -1.87 -11.49
C GLN A 94 -2.64 -1.99 -12.95
N SER A 95 -3.70 -1.29 -13.39
CA SER A 95 -4.00 -1.23 -14.80
C SER A 95 -3.10 -0.12 -15.30
N PRO A 96 -2.19 -0.45 -16.25
CA PRO A 96 -1.11 0.44 -16.63
C PRO A 96 -1.65 1.60 -17.44
N THR A 97 -2.27 2.58 -16.79
CA THR A 97 -2.68 3.76 -17.46
C THR A 97 -1.59 4.79 -17.11
C1 33B B . -9.69 4.24 3.95
C2 33B B . -10.13 4.08 5.41
O2 33B B . -10.76 3.07 5.76
N3 33B B . -9.78 5.12 6.26
C4 33B B . -10.18 5.26 7.75
C5 33B B . -11.04 4.30 8.38
C6 33B B . -9.74 6.41 8.55
S6 33B B . -8.67 7.72 7.90
C7 33B B . -11.46 4.47 9.70
C8 33B B . -10.19 6.52 9.88
C9 33B B . -11.04 5.58 10.46
N10 33B B . -11.58 5.79 11.84
N11 33B B . -11.28 5.12 12.88
C12 33B B . -10.31 3.97 12.96
C13 33B B . -10.66 2.70 12.51
C14 33B B . -9.08 4.16 13.60
C15 33B B . -9.80 1.61 12.69
C16 33B B . -8.18 3.10 13.83
C17 33B B . -8.55 1.75 13.37
S17 33B B . -6.66 3.49 14.73
N18 33B B . -7.66 0.54 13.67
C19 33B B . -7.88 -0.77 13.32
O19 33B B . -8.80 -1.14 12.58
C20 33B B . -6.91 -1.80 13.93
O61 33B B . -7.33 7.22 8.15
O62 33B B . -9.02 7.84 6.51
O63 33B B . -9.01 8.88 8.70
O71 33B B . -5.97 2.22 14.91
O72 33B B . -6.00 4.41 13.82
O73 33B B . -7.16 4.10 15.93
HN3 33B B . -9.21 5.85 5.88
H5 33B B . -11.41 3.43 7.87
H7 33B B . -12.12 3.75 10.14
H8 33B B . -9.89 7.37 10.48
H1 33B B . -10.09 3.38 3.36
H13 33B B . -11.61 2.54 12.02
H14 33B B . -8.83 5.15 13.96
H15 33B B . -10.15 0.66 12.32
HN18 33B B . -6.82 0.74 14.19
H20 33B B . -7.05 -1.79 15.03
H1A 33B B . -10.14 5.17 3.53
H20A 33B B . -7.18 -2.81 13.58
N GLY A 1 9.20 4.22 -14.79
CA GLY A 1 9.57 3.76 -13.46
C GLY A 1 10.11 2.39 -13.57
N PRO A 2 10.02 1.65 -12.45
CA PRO A 2 10.40 0.23 -12.39
C PRO A 2 9.62 -0.54 -13.43
N LYS A 3 10.11 -1.71 -13.83
CA LYS A 3 9.51 -2.46 -14.91
C LYS A 3 8.35 -3.22 -14.31
N PRO A 4 7.41 -3.68 -15.15
CA PRO A 4 6.27 -4.45 -14.70
C PRO A 4 6.75 -5.68 -13.97
N GLY A 5 6.37 -5.82 -12.70
CA GLY A 5 6.71 -7.00 -11.94
C GLY A 5 7.80 -6.65 -10.98
N ASP A 6 8.54 -5.54 -11.25
CA ASP A 6 9.68 -5.15 -10.39
C ASP A 6 9.17 -4.86 -9.01
N ILE A 7 9.95 -5.29 -8.02
CA ILE A 7 9.65 -5.02 -6.64
C ILE A 7 10.36 -3.73 -6.37
N PHE A 8 9.69 -2.79 -5.71
CA PHE A 8 10.29 -1.52 -5.45
C PHE A 8 9.88 -1.16 -4.06
N GLU A 9 10.72 -0.38 -3.38
CA GLU A 9 10.42 0.03 -2.04
C GLU A 9 9.98 1.44 -2.17
N VAL A 10 8.98 1.80 -1.40
CA VAL A 10 8.57 3.17 -1.34
C VAL A 10 8.62 3.48 0.10
N GLU A 11 9.35 4.55 0.46
CA GLU A 11 9.33 4.95 1.83
C GLU A 11 8.44 6.12 1.88
N LEU A 12 7.44 6.05 2.76
CA LEU A 12 6.38 7.00 2.75
C LEU A 12 6.44 7.72 4.04
N ALA A 13 6.59 9.04 3.97
CA ALA A 13 6.60 9.85 5.16
C ALA A 13 5.22 10.41 5.30
N LYS A 14 4.73 10.43 6.53
CA LYS A 14 3.40 10.97 6.83
C LYS A 14 3.62 12.29 7.50
N ASN A 15 4.68 12.99 7.08
CA ASN A 15 5.02 14.30 7.63
C ASN A 15 4.15 15.31 6.93
N ASP A 16 2.84 15.07 6.99
CA ASP A 16 1.84 15.89 6.37
C ASP A 16 0.76 15.95 7.41
N ASN A 17 -0.48 15.73 7.03
CA ASN A 17 -1.56 15.58 7.97
C ASN A 17 -2.32 14.42 7.47
N SER A 18 -2.75 14.51 6.19
CA SER A 18 -3.52 13.47 5.59
C SER A 18 -2.59 12.31 5.30
N LEU A 19 -2.76 11.17 6.04
CA LEU A 19 -2.04 9.95 5.71
C LEU A 19 -2.72 9.47 4.46
N GLY A 20 -4.04 9.30 4.63
CA GLY A 20 -4.99 9.13 3.56
C GLY A 20 -4.69 7.96 2.70
N ILE A 21 -4.45 6.78 3.31
CA ILE A 21 -4.30 5.60 2.54
C ILE A 21 -5.29 4.64 3.15
N CYS A 22 -5.82 3.71 2.36
CA CYS A 22 -6.56 2.59 2.90
C CYS A 22 -6.34 1.54 1.89
N VAL A 23 -6.69 0.30 2.23
CA VAL A 23 -6.29 -0.80 1.43
C VAL A 23 -7.46 -1.76 1.45
N THR A 24 -7.39 -2.75 0.57
CA THR A 24 -8.39 -3.75 0.44
C THR A 24 -7.58 -4.99 0.25
N GLY A 25 -8.20 -6.17 0.37
CA GLY A 25 -7.51 -7.39 0.09
C GLY A 25 -6.82 -7.87 1.32
N GLY A 26 -7.01 -9.15 1.65
CA GLY A 26 -6.18 -9.81 2.60
C GLY A 26 -6.43 -11.30 2.49
N VAL A 27 -7.39 -11.81 3.29
CA VAL A 27 -7.67 -13.26 3.47
C VAL A 27 -8.24 -13.93 2.21
N ASN A 28 -8.08 -13.34 1.01
CA ASN A 28 -8.80 -13.76 -0.23
C ASN A 28 -10.07 -12.99 -0.26
N THR A 29 -9.87 -11.70 -0.41
CA THR A 29 -10.93 -10.76 -0.63
C THR A 29 -11.12 -10.75 -2.15
N SER A 30 -11.85 -9.75 -2.69
CA SER A 30 -12.14 -9.60 -4.13
C SER A 30 -10.89 -9.83 -4.99
N VAL A 31 -9.70 -9.45 -4.49
CA VAL A 31 -8.51 -9.56 -5.26
C VAL A 31 -7.96 -10.98 -5.10
N ARG A 32 -7.67 -11.61 -6.26
CA ARG A 32 -7.42 -13.04 -6.33
C ARG A 32 -6.15 -13.45 -5.61
N HIS A 33 -5.08 -12.61 -5.62
CA HIS A 33 -3.81 -13.03 -4.99
C HIS A 33 -3.95 -12.94 -3.48
N GLY A 34 -5.13 -12.48 -2.98
CA GLY A 34 -5.25 -12.11 -1.57
C GLY A 34 -4.30 -10.97 -1.29
N GLY A 35 -3.89 -10.27 -2.36
CA GLY A 35 -2.93 -9.22 -2.25
C GLY A 35 -3.57 -8.06 -1.59
N ILE A 36 -2.78 -7.26 -0.93
CA ILE A 36 -3.28 -6.09 -0.28
C ILE A 36 -3.15 -5.01 -1.32
N TYR A 37 -4.26 -4.38 -1.71
CA TYR A 37 -4.21 -3.37 -2.77
C TYR A 37 -4.62 -2.10 -2.15
N VAL A 38 -4.02 -0.99 -2.62
CA VAL A 38 -4.42 0.33 -2.18
C VAL A 38 -5.82 0.57 -2.70
N LYS A 39 -6.70 1.02 -1.79
CA LYS A 39 -8.13 1.06 -2.06
C LYS A 39 -8.47 2.49 -2.28
N ALA A 40 -8.00 3.37 -1.39
CA ALA A 40 -8.39 4.75 -1.42
C ALA A 40 -7.16 5.52 -1.22
N VAL A 41 -7.00 6.61 -1.98
CA VAL A 41 -5.90 7.49 -1.80
C VAL A 41 -6.50 8.86 -1.72
N ILE A 42 -6.18 9.59 -0.64
CA ILE A 42 -6.66 10.95 -0.47
C ILE A 42 -5.94 11.80 -1.51
N PRO A 43 -6.70 12.72 -2.18
CA PRO A 43 -6.12 13.67 -3.12
C PRO A 43 -5.12 14.52 -2.37
N GLN A 44 -3.84 14.45 -2.77
CA GLN A 44 -2.75 15.16 -2.13
C GLN A 44 -2.57 14.72 -0.69
N GLY A 45 -3.00 13.48 -0.33
CA GLY A 45 -2.58 12.89 0.91
C GLY A 45 -1.16 12.43 0.70
N ALA A 46 -0.45 12.05 1.79
CA ALA A 46 0.99 11.74 1.75
C ALA A 46 1.33 10.76 0.64
N ALA A 47 0.47 9.75 0.40
CA ALA A 47 0.74 8.73 -0.62
C ALA A 47 0.73 9.38 -1.98
N GLU A 48 -0.33 10.14 -2.28
CA GLU A 48 -0.49 10.77 -3.58
C GLU A 48 0.58 11.82 -3.78
N SER A 49 0.98 12.52 -2.70
CA SER A 49 2.03 13.53 -2.78
C SER A 49 3.33 12.85 -3.17
N ASP A 50 3.50 11.58 -2.73
CA ASP A 50 4.71 10.83 -3.03
C ASP A 50 4.70 10.52 -4.51
N GLY A 51 3.51 10.13 -5.03
CA GLY A 51 3.34 9.89 -6.46
C GLY A 51 3.64 8.46 -6.78
N ARG A 52 4.41 7.76 -5.92
CA ARG A 52 4.78 6.40 -6.22
C ARG A 52 3.60 5.52 -5.93
N ILE A 53 2.90 5.79 -4.82
CA ILE A 53 1.79 4.95 -4.42
C ILE A 53 0.54 5.62 -4.94
N HIS A 54 -0.34 4.84 -5.56
CA HIS A 54 -1.57 5.35 -6.06
C HIS A 54 -2.57 4.24 -5.93
N LYS A 55 -3.83 4.49 -6.34
CA LYS A 55 -4.87 3.47 -6.30
C LYS A 55 -4.47 2.41 -7.31
N GLY A 56 -4.64 1.12 -6.96
CA GLY A 56 -4.34 0.07 -7.90
C GLY A 56 -3.04 -0.57 -7.50
N ASP A 57 -2.28 0.09 -6.60
CA ASP A 57 -0.98 -0.43 -6.17
C ASP A 57 -1.20 -1.62 -5.32
N ARG A 58 -0.22 -2.56 -5.33
CA ARG A 58 -0.29 -3.76 -4.54
C ARG A 58 0.79 -3.63 -3.52
N VAL A 59 0.45 -3.79 -2.25
CA VAL A 59 1.42 -3.73 -1.20
C VAL A 59 1.61 -5.16 -0.78
N LEU A 60 2.85 -5.55 -0.45
CA LEU A 60 3.09 -6.89 0.02
C LEU A 60 3.57 -6.80 1.42
N ALA A 61 4.55 -5.91 1.67
CA ALA A 61 5.13 -5.85 2.99
C ALA A 61 5.15 -4.44 3.47
N VAL A 62 5.35 -4.35 4.78
CA VAL A 62 5.39 -3.10 5.49
C VAL A 62 6.47 -3.28 6.49
N ASN A 63 7.59 -2.58 6.28
CA ASN A 63 8.78 -2.66 7.15
C ASN A 63 9.15 -4.12 7.42
N GLY A 64 9.09 -4.96 6.38
CA GLY A 64 9.53 -6.34 6.50
C GLY A 64 8.45 -7.20 7.09
N VAL A 65 7.20 -6.68 7.23
CA VAL A 65 6.15 -7.48 7.79
C VAL A 65 5.33 -7.89 6.62
N SER A 66 5.24 -9.20 6.38
CA SER A 66 4.41 -9.69 5.33
C SER A 66 2.99 -9.50 5.77
N LEU A 67 2.29 -8.61 5.06
CA LEU A 67 0.90 -8.32 5.35
C LEU A 67 0.03 -9.49 4.94
N GLU A 68 0.52 -10.34 4.01
CA GLU A 68 -0.29 -11.44 3.47
C GLU A 68 -0.80 -12.32 4.60
N GLY A 69 -2.03 -12.84 4.41
CA GLY A 69 -2.69 -13.65 5.42
C GLY A 69 -3.57 -12.77 6.25
N ALA A 70 -3.16 -11.51 6.47
CA ALA A 70 -3.90 -10.62 7.33
C ALA A 70 -5.20 -10.24 6.65
N THR A 71 -6.14 -9.73 7.43
CA THR A 71 -7.43 -9.35 6.90
C THR A 71 -7.28 -7.98 6.27
N HIS A 72 -8.30 -7.56 5.49
CA HIS A 72 -8.30 -6.24 4.89
C HIS A 72 -8.35 -5.25 6.02
N LYS A 73 -9.16 -5.58 7.06
CA LYS A 73 -9.26 -4.79 8.29
C LYS A 73 -7.88 -4.53 8.85
N GLN A 74 -7.04 -5.59 9.02
CA GLN A 74 -5.71 -5.42 9.58
C GLN A 74 -4.88 -4.62 8.63
N ALA A 75 -5.01 -4.87 7.31
CA ALA A 75 -4.20 -4.18 6.32
C ALA A 75 -4.35 -2.68 6.49
N VAL A 76 -5.60 -2.21 6.75
CA VAL A 76 -5.84 -0.79 6.95
C VAL A 76 -5.21 -0.42 8.28
N CYS A 77 -5.62 -1.16 9.36
CA CYS A 77 -5.18 -0.81 10.77
C CYS A 77 -3.62 -0.74 10.81
N THR A 78 -2.97 -1.53 9.92
CA THR A 78 -1.54 -1.66 9.94
C THR A 78 -0.95 -0.33 9.58
N LEU A 79 -1.37 0.24 8.42
CA LEU A 79 -0.89 1.54 7.96
C LEU A 79 -1.12 2.56 9.07
N ARG A 80 -2.36 2.67 9.52
CA ARG A 80 -2.74 3.55 10.65
C ARG A 80 -1.79 3.41 11.85
N ASN A 81 -1.23 2.20 12.11
CA ASN A 81 -0.39 1.99 13.30
C ASN A 81 1.07 2.14 12.95
N THR A 82 1.43 2.47 11.69
CA THR A 82 2.85 2.56 11.32
C THR A 82 3.44 3.84 11.91
N GLY A 83 4.81 3.96 11.87
CA GLY A 83 5.50 5.15 12.35
C GLY A 83 5.38 6.23 11.31
N GLN A 84 6.19 7.31 11.45
CA GLN A 84 6.05 8.48 10.61
C GLN A 84 6.77 8.25 9.32
N VAL A 85 7.87 7.47 9.36
CA VAL A 85 8.53 7.08 8.15
C VAL A 85 8.30 5.62 8.08
N VAL A 86 7.83 5.11 6.94
CA VAL A 86 7.50 3.72 6.85
C VAL A 86 8.13 3.26 5.59
N HIS A 87 8.50 1.99 5.55
CA HIS A 87 9.03 1.41 4.35
C HIS A 87 7.99 0.47 3.90
N LEU A 88 7.51 0.68 2.68
CA LEU A 88 6.45 -0.09 2.14
C LEU A 88 7.03 -0.79 0.99
N LEU A 89 6.65 -2.05 0.80
CA LEU A 89 7.20 -2.82 -0.27
C LEU A 89 6.09 -3.09 -1.20
N LEU A 90 6.31 -2.79 -2.48
CA LEU A 90 5.25 -2.90 -3.44
C LEU A 90 5.83 -3.57 -4.63
N GLU A 91 4.98 -4.22 -5.42
CA GLU A 91 5.43 -4.94 -6.58
C GLU A 91 4.66 -4.37 -7.71
N LYS A 92 5.35 -4.11 -8.86
CA LYS A 92 4.66 -3.57 -10.00
C LYS A 92 3.74 -4.60 -10.57
N GLY A 93 2.63 -4.09 -11.05
CA GLY A 93 1.55 -4.90 -11.53
C GLY A 93 0.35 -4.28 -10.95
N GLN A 94 0.27 -2.95 -11.12
CA GLN A 94 -0.77 -2.16 -10.57
C GLN A 94 -1.96 -2.41 -11.41
N SER A 95 -3.13 -2.60 -10.80
CA SER A 95 -4.32 -2.86 -11.54
C SER A 95 -4.82 -1.49 -12.01
N PRO A 96 -5.68 -1.48 -13.03
CA PRO A 96 -6.24 -0.25 -13.57
C PRO A 96 -7.11 0.39 -12.51
N THR A 97 -7.40 1.67 -12.68
CA THR A 97 -8.22 2.38 -11.74
C THR A 97 -9.67 2.17 -12.20
C1 33B B . -10.36 3.66 4.17
C2 33B B . -10.68 3.05 5.54
O2 33B B . -10.47 3.71 6.57
N3 33B B . -11.23 1.77 5.55
C4 33B B . -11.91 1.10 6.76
C5 33B B . -12.05 1.78 8.01
C6 33B B . -12.53 -0.24 6.65
S6 33B B . -12.42 -1.29 5.18
C7 33B B . -12.78 1.23 9.06
C8 33B B . -13.27 -0.74 7.76
C9 33B B . -13.42 0.00 8.93
N10 33B B . -14.36 -0.49 10.01
N11 33B B . -14.04 -0.90 11.16
C12 33B B . -12.64 -1.00 11.69
C13 33B B . -11.98 -2.23 11.67
C14 33B B . -12.01 0.10 12.28
C15 33B B . -10.72 -2.40 12.23
C16 33B B . -10.72 -0.01 12.89
C17 33B B . -10.05 -1.32 12.87
S17 33B B . -9.99 1.45 13.63
N18 33B B . -8.66 -1.50 13.54
C19 33B B . -7.94 -2.69 13.59
O19 33B B . -8.35 -3.75 13.13
C20 33B B . -6.56 -2.62 14.27
O61 33B B . -12.18 -0.38 4.09
O62 33B B . -11.33 -2.18 5.50
O63 33B B . -13.73 -1.94 5.16
O71 33B B . -11.02 2.46 13.53
O72 33B B . -9.69 1.01 14.97
O73 33B B . -8.84 1.68 12.81
HN3 33B B . -11.22 1.26 4.69
H5 33B B . -11.63 2.76 8.20
H7 33B B . -12.90 1.80 9.97
H8 33B B . -13.76 -1.69 7.67
H1 33B B . -10.63 2.97 3.34
H13 33B B . -12.47 -3.08 11.22
H14 33B B . -12.54 1.04 12.31
H15 33B B . -10.31 -3.39 12.16
HN18 33B B . -8.24 -0.71 13.99
H20 33B B . -6.70 -2.45 15.36
H1A 33B B . -10.98 4.57 4.06
H20A 33B B . -6.06 -3.62 14.15
N GLY A 1 11.77 0.78 -19.10
CA GLY A 1 11.25 1.07 -17.75
C GLY A 1 11.11 -0.22 -17.03
N PRO A 2 10.64 -0.14 -15.78
CA PRO A 2 10.45 -1.31 -14.95
C PRO A 2 9.35 -2.17 -15.55
N LYS A 3 9.46 -3.48 -15.40
CA LYS A 3 8.48 -4.40 -15.91
C LYS A 3 7.73 -4.89 -14.72
N PRO A 4 6.51 -5.43 -14.94
CA PRO A 4 5.66 -5.91 -13.86
C PRO A 4 6.37 -7.03 -13.15
N GLY A 5 6.30 -7.04 -11.81
CA GLY A 5 6.89 -8.11 -11.04
C GLY A 5 8.01 -7.55 -10.26
N ASP A 6 8.56 -6.40 -10.68
CA ASP A 6 9.72 -5.84 -10.00
C ASP A 6 9.28 -5.26 -8.67
N ILE A 7 10.01 -5.57 -7.58
CA ILE A 7 9.67 -5.07 -6.26
C ILE A 7 10.48 -3.83 -6.09
N PHE A 8 9.88 -2.80 -5.54
CA PHE A 8 10.57 -1.59 -5.29
C PHE A 8 10.14 -1.15 -3.94
N GLU A 9 11.00 -0.38 -3.24
CA GLU A 9 10.67 0.09 -1.94
C GLU A 9 10.28 1.52 -2.07
N VAL A 10 9.27 1.90 -1.31
CA VAL A 10 8.88 3.26 -1.23
C VAL A 10 8.89 3.55 0.22
N GLU A 11 9.62 4.59 0.61
CA GLU A 11 9.58 5.02 1.98
C GLU A 11 8.59 6.12 1.99
N LEU A 12 7.59 6.02 2.85
CA LEU A 12 6.51 6.94 2.81
C LEU A 12 6.62 7.76 4.03
N ALA A 13 6.73 9.09 3.85
CA ALA A 13 6.65 10.00 4.97
C ALA A 13 5.18 10.23 5.14
N LYS A 14 4.64 9.57 6.14
CA LYS A 14 3.24 9.37 6.31
C LYS A 14 2.83 10.00 7.61
N ASN A 15 3.44 11.16 7.98
CA ASN A 15 3.27 11.74 9.33
C ASN A 15 1.79 11.99 9.58
N ASP A 16 1.40 12.18 10.87
CA ASP A 16 -0.01 12.34 11.23
C ASP A 16 -0.53 13.56 10.55
N ASN A 17 -1.59 13.38 9.80
CA ASN A 17 -2.24 14.40 9.05
C ASN A 17 -3.39 13.62 8.51
N SER A 18 -3.89 13.94 7.32
CA SER A 18 -4.79 13.04 6.66
C SER A 18 -3.90 12.00 6.04
N LEU A 19 -3.97 10.75 6.53
CA LEU A 19 -3.10 9.72 6.00
C LEU A 19 -3.64 9.42 4.63
N GLY A 20 -4.91 9.03 4.60
CA GLY A 20 -5.68 9.09 3.40
C GLY A 20 -5.25 8.02 2.47
N ILE A 21 -5.02 6.83 3.03
CA ILE A 21 -4.75 5.69 2.24
C ILE A 21 -5.67 4.66 2.80
N CYS A 22 -6.22 3.79 1.95
CA CYS A 22 -6.92 2.63 2.44
C CYS A 22 -6.66 1.60 1.40
N VAL A 23 -6.89 0.34 1.74
CA VAL A 23 -6.33 -0.74 1.03
C VAL A 23 -7.34 -1.83 1.08
N THR A 24 -7.12 -2.87 0.28
CA THR A 24 -8.00 -3.99 0.22
C THR A 24 -7.07 -5.16 -0.01
N GLY A 25 -7.59 -6.38 0.15
CA GLY A 25 -6.78 -7.57 -0.02
C GLY A 25 -6.69 -8.22 1.30
N GLY A 26 -5.86 -9.28 1.41
CA GLY A 26 -5.68 -9.94 2.68
C GLY A 26 -6.03 -11.39 2.54
N VAL A 27 -6.98 -11.85 3.36
CA VAL A 27 -7.35 -13.26 3.56
C VAL A 27 -8.10 -13.86 2.36
N ASN A 28 -8.00 -13.23 1.18
CA ASN A 28 -8.83 -13.53 0.01
C ASN A 28 -10.04 -12.68 0.14
N THR A 29 -9.75 -11.39 0.07
CA THR A 29 -10.73 -10.36 -0.03
C THR A 29 -11.03 -10.28 -1.53
N SER A 30 -11.69 -9.21 -1.98
CA SER A 30 -12.11 -8.98 -3.37
C SER A 30 -11.09 -9.48 -4.38
N VAL A 31 -9.78 -9.26 -4.12
CA VAL A 31 -8.77 -9.62 -5.06
C VAL A 31 -8.42 -11.09 -4.85
N ARG A 32 -8.30 -11.85 -5.96
CA ARG A 32 -8.01 -13.29 -5.90
C ARG A 32 -6.58 -13.48 -5.50
N HIS A 33 -5.69 -12.57 -5.96
CA HIS A 33 -4.25 -12.63 -5.65
C HIS A 33 -4.05 -12.44 -4.15
N GLY A 34 -5.09 -11.93 -3.46
CA GLY A 34 -5.09 -11.77 -2.00
C GLY A 34 -4.07 -10.74 -1.56
N GLY A 35 -3.29 -10.17 -2.49
CA GLY A 35 -2.27 -9.19 -2.13
C GLY A 35 -2.97 -7.95 -1.73
N ILE A 36 -2.24 -6.98 -1.17
CA ILE A 36 -2.87 -5.78 -0.70
C ILE A 36 -2.84 -4.83 -1.85
N TYR A 37 -3.96 -4.19 -2.15
CA TYR A 37 -4.01 -3.26 -3.25
C TYR A 37 -4.50 -2.00 -2.66
N VAL A 38 -3.95 -0.86 -3.11
CA VAL A 38 -4.43 0.42 -2.67
C VAL A 38 -5.81 0.60 -3.25
N LYS A 39 -6.75 1.03 -2.41
CA LYS A 39 -8.14 1.06 -2.78
C LYS A 39 -8.50 2.49 -3.00
N ALA A 40 -8.10 3.34 -2.07
CA ALA A 40 -8.50 4.71 -2.10
C ALA A 40 -7.32 5.48 -1.74
N VAL A 41 -7.17 6.65 -2.37
CA VAL A 41 -6.14 7.56 -2.02
C VAL A 41 -6.82 8.89 -1.92
N ILE A 42 -6.58 9.59 -0.80
CA ILE A 42 -7.10 10.93 -0.62
C ILE A 42 -6.25 11.83 -1.51
N PRO A 43 -6.91 12.81 -2.21
CA PRO A 43 -6.22 13.81 -2.98
C PRO A 43 -5.34 14.61 -2.05
N GLN A 44 -4.01 14.44 -2.19
CA GLN A 44 -3.03 15.07 -1.35
C GLN A 44 -3.04 14.49 0.05
N GLY A 45 -3.49 13.21 0.20
CA GLY A 45 -3.17 12.47 1.40
C GLY A 45 -1.73 12.04 1.28
N ALA A 46 -1.24 11.21 2.22
CA ALA A 46 0.18 10.89 2.32
C ALA A 46 0.65 10.22 1.04
N ALA A 47 -0.11 9.21 0.55
CA ALA A 47 0.33 8.43 -0.62
C ALA A 47 0.43 9.32 -1.84
N GLU A 48 -0.62 10.14 -2.10
CA GLU A 48 -0.67 10.93 -3.34
C GLU A 48 0.39 12.02 -3.28
N SER A 49 0.64 12.57 -2.07
CA SER A 49 1.59 13.65 -1.91
C SER A 49 2.98 13.08 -2.18
N ASP A 50 3.21 11.84 -1.70
CA ASP A 50 4.49 11.17 -1.95
C ASP A 50 4.58 10.87 -3.43
N GLY A 51 3.43 10.58 -4.05
CA GLY A 51 3.31 10.50 -5.51
C GLY A 51 3.73 9.14 -5.99
N ARG A 52 4.58 8.46 -5.23
CA ARG A 52 5.13 7.20 -5.68
C ARG A 52 4.03 6.16 -5.69
N ILE A 53 3.17 6.21 -4.67
CA ILE A 53 2.12 5.22 -4.52
C ILE A 53 0.88 5.86 -5.08
N HIS A 54 0.08 5.09 -5.84
CA HIS A 54 -1.15 5.59 -6.39
C HIS A 54 -2.20 4.55 -6.16
N LYS A 55 -3.47 4.88 -6.50
CA LYS A 55 -4.56 3.91 -6.41
C LYS A 55 -4.25 2.86 -7.44
N GLY A 56 -4.44 1.57 -7.13
CA GLY A 56 -4.14 0.54 -8.09
C GLY A 56 -2.80 -0.03 -7.81
N ASP A 57 -2.06 0.54 -6.81
CA ASP A 57 -0.75 0.01 -6.45
C ASP A 57 -0.96 -1.24 -5.69
N ARG A 58 0.02 -2.15 -5.74
CA ARG A 58 -0.07 -3.40 -5.03
C ARG A 58 0.98 -3.33 -3.98
N VAL A 59 0.60 -3.50 -2.72
CA VAL A 59 1.53 -3.47 -1.65
C VAL A 59 1.68 -4.92 -1.25
N LEU A 60 2.91 -5.34 -0.93
CA LEU A 60 3.11 -6.70 -0.48
C LEU A 60 3.40 -6.63 0.99
N ALA A 61 4.42 -5.83 1.35
CA ALA A 61 4.94 -5.89 2.69
C ALA A 61 5.03 -4.51 3.23
N VAL A 62 5.20 -4.48 4.55
CA VAL A 62 5.30 -3.28 5.30
C VAL A 62 6.40 -3.51 6.28
N ASN A 63 7.53 -2.81 6.06
CA ASN A 63 8.70 -2.83 6.94
C ASN A 63 9.16 -4.26 7.23
N GLY A 64 9.15 -5.12 6.20
CA GLY A 64 9.71 -6.44 6.35
C GLY A 64 8.64 -7.37 6.85
N VAL A 65 7.39 -6.91 6.95
CA VAL A 65 6.31 -7.77 7.37
C VAL A 65 5.44 -7.94 6.15
N SER A 66 5.33 -9.18 5.68
CA SER A 66 4.61 -9.49 4.45
C SER A 66 3.11 -9.55 4.71
N LEU A 67 2.68 -9.01 5.89
CA LEU A 67 1.26 -8.93 6.32
C LEU A 67 0.50 -10.18 5.92
N GLU A 68 1.08 -11.36 6.14
CA GLU A 68 0.47 -12.58 5.67
C GLU A 68 -0.67 -12.91 6.56
N GLY A 69 -1.85 -13.08 5.96
CA GLY A 69 -3.00 -13.54 6.70
C GLY A 69 -3.73 -12.36 7.23
N ALA A 70 -3.20 -11.13 7.03
CA ALA A 70 -3.85 -9.95 7.53
C ALA A 70 -5.14 -9.78 6.77
N THR A 71 -6.23 -9.43 7.50
CA THR A 71 -7.48 -9.16 6.83
C THR A 71 -7.36 -7.79 6.19
N HIS A 72 -8.38 -7.39 5.41
CA HIS A 72 -8.35 -6.08 4.76
C HIS A 72 -8.30 -5.03 5.84
N LYS A 73 -9.06 -5.26 6.94
CA LYS A 73 -9.05 -4.38 8.10
C LYS A 73 -7.64 -4.20 8.61
N GLN A 74 -6.85 -5.31 8.84
CA GLN A 74 -5.50 -5.15 9.41
C GLN A 74 -4.63 -4.44 8.43
N ALA A 75 -4.88 -4.59 7.12
CA ALA A 75 -4.06 -3.91 6.11
C ALA A 75 -4.18 -2.40 6.33
N VAL A 76 -5.39 -1.91 6.69
CA VAL A 76 -5.60 -0.51 7.00
C VAL A 76 -4.95 -0.25 8.35
N CYS A 77 -5.27 -1.13 9.37
CA CYS A 77 -4.77 -0.92 10.79
C CYS A 77 -3.26 -0.72 10.76
N THR A 78 -2.61 -1.34 9.75
CA THR A 78 -1.16 -1.41 9.70
C THR A 78 -0.66 -0.01 9.50
N LEU A 79 -1.12 0.67 8.44
CA LEU A 79 -0.66 2.04 8.13
C LEU A 79 -0.89 2.93 9.34
N ARG A 80 -2.14 2.98 9.80
CA ARG A 80 -2.48 3.73 11.03
C ARG A 80 -1.55 3.38 12.22
N ASN A 81 -0.99 2.15 12.25
CA ASN A 81 -0.19 1.68 13.38
C ASN A 81 1.30 1.97 13.12
N THR A 82 1.68 2.32 11.87
CA THR A 82 3.11 2.48 11.57
C THR A 82 3.55 3.85 12.05
N GLY A 83 4.87 4.09 11.96
CA GLY A 83 5.47 5.32 12.41
C GLY A 83 5.29 6.39 11.37
N GLN A 84 6.21 7.38 11.40
CA GLN A 84 6.13 8.56 10.57
C GLN A 84 6.64 8.20 9.23
N VAL A 85 7.74 7.45 9.19
CA VAL A 85 8.30 7.05 7.93
C VAL A 85 8.03 5.61 7.88
N VAL A 86 7.49 5.11 6.77
CA VAL A 86 7.08 3.75 6.68
C VAL A 86 7.85 3.19 5.53
N HIS A 87 8.34 1.95 5.66
CA HIS A 87 9.01 1.26 4.57
C HIS A 87 7.95 0.41 3.95
N LEU A 88 7.64 0.66 2.68
CA LEU A 88 6.59 -0.08 2.03
C LEU A 88 7.24 -0.73 0.86
N LEU A 89 6.81 -1.96 0.57
CA LEU A 89 7.32 -2.67 -0.58
C LEU A 89 6.17 -2.86 -1.45
N LEU A 90 6.36 -2.57 -2.72
CA LEU A 90 5.29 -2.64 -3.66
C LEU A 90 5.82 -3.40 -4.82
N GLU A 91 4.91 -4.07 -5.55
CA GLU A 91 5.30 -4.94 -6.61
C GLU A 91 4.75 -4.33 -7.85
N LYS A 92 5.59 -4.16 -8.88
CA LYS A 92 5.19 -3.57 -10.12
C LYS A 92 4.12 -4.44 -10.75
N GLY A 93 3.11 -3.79 -11.29
CA GLY A 93 1.99 -4.48 -11.87
C GLY A 93 0.83 -3.79 -11.32
N GLN A 94 0.83 -2.47 -11.44
CA GLN A 94 -0.20 -1.68 -10.85
C GLN A 94 -1.27 -1.54 -11.86
N SER A 95 -2.49 -1.29 -11.41
CA SER A 95 -3.54 -0.91 -12.30
C SER A 95 -3.40 0.58 -12.48
N PRO A 96 -4.09 1.14 -13.48
CA PRO A 96 -4.15 2.57 -13.67
C PRO A 96 -4.84 3.22 -12.48
N THR A 97 -4.73 4.54 -12.42
CA THR A 97 -5.19 5.31 -11.33
C THR A 97 -6.57 5.84 -11.76
C1 33B B . -9.58 5.21 3.30
C2 33B B . -8.64 6.37 3.63
O2 33B B . -8.10 6.95 2.70
N3 33B B . -8.36 6.75 4.97
C4 33B B . -9.15 6.45 6.28
C5 33B B . -10.41 5.77 6.28
C6 33B B . -8.64 6.93 7.59
S6 33B B . -7.04 7.75 7.82
C7 33B B . -11.15 5.61 7.45
C8 33B B . -9.45 6.72 8.74
C9 33B B . -10.70 6.10 8.67
N10 33B B . -11.63 6.11 9.85
N11 33B B . -11.57 5.41 10.90
C12 33B B . -10.55 4.36 11.26
C13 33B B . -10.33 3.25 10.43
C14 33B B . -9.94 4.41 12.51
C15 33B B . -9.55 2.17 10.86
C16 33B B . -9.15 3.34 13.01
C17 33B B . -8.96 2.17 12.17
S17 33B B . -8.46 3.49 14.67
N18 33B B . -8.18 0.96 12.71
C19 33B B . -7.97 -0.22 12.07
O19 33B B . -8.31 -0.45 10.90
C20 33B B . -7.27 -1.28 12.91
O61 33B B . -6.78 8.43 6.57
O62 33B B . -7.26 8.62 8.93
O63 33B B . -6.16 6.66 8.11
O71 33B B . -8.47 2.15 15.20
O72 33B B . -7.15 4.02 14.42
O73 33B B . -9.39 4.38 15.34
HN3 33B B . -7.54 7.32 5.09
H5 33B B . -10.88 5.40 5.40
H7 33B B . -12.12 5.14 7.39
H8 33B B . -9.10 7.10 9.70
H1 33B B . -10.64 5.46 3.54
H13 33B B . -10.81 3.19 9.47
H14 33B B . -10.12 5.27 13.14
H15 33B B . -9.45 1.34 10.18
HN18 33B B . -7.82 1.05 13.63
H20 33B B . -6.39 -0.86 13.45
H1A 33B B . -9.57 5.10 2.19
H20A 33B B . -8.00 -1.64 13.68
N GLY A 1 12.55 0.32 -19.05
CA GLY A 1 11.93 0.68 -17.79
C GLY A 1 11.65 -0.57 -17.02
N PRO A 2 11.05 -0.40 -15.85
CA PRO A 2 10.78 -1.50 -14.94
C PRO A 2 9.76 -2.43 -15.57
N LYS A 3 9.90 -3.74 -15.33
CA LYS A 3 8.95 -4.71 -15.82
C LYS A 3 7.83 -4.77 -14.81
N PRO A 4 6.68 -5.34 -15.22
CA PRO A 4 5.64 -5.71 -14.30
C PRO A 4 6.19 -6.78 -13.38
N GLY A 5 5.89 -6.70 -12.09
CA GLY A 5 6.36 -7.70 -11.14
C GLY A 5 7.58 -7.20 -10.45
N ASP A 6 8.09 -6.04 -10.90
CA ASP A 6 9.22 -5.41 -10.23
C ASP A 6 8.77 -4.98 -8.86
N ILE A 7 9.52 -5.42 -7.85
CA ILE A 7 9.27 -5.10 -6.47
C ILE A 7 10.12 -3.88 -6.22
N PHE A 8 9.56 -2.86 -5.57
CA PHE A 8 10.30 -1.67 -5.29
C PHE A 8 9.94 -1.27 -3.89
N GLU A 9 10.86 -0.56 -3.22
CA GLU A 9 10.65 -0.17 -1.86
C GLU A 9 10.28 1.26 -1.91
N VAL A 10 9.28 1.65 -1.13
CA VAL A 10 8.95 3.03 -1.01
C VAL A 10 8.96 3.27 0.45
N GLU A 11 9.65 4.31 0.88
CA GLU A 11 9.53 4.72 2.23
C GLU A 11 8.73 5.96 2.17
N LEU A 12 7.53 5.91 2.74
CA LEU A 12 6.56 6.93 2.55
C LEU A 12 6.61 7.74 3.77
N ALA A 13 6.87 9.04 3.62
CA ALA A 13 6.97 9.90 4.75
C ALA A 13 5.66 10.59 4.86
N LYS A 14 5.25 10.87 6.08
CA LYS A 14 4.01 11.58 6.34
C LYS A 14 4.40 12.99 6.67
N ASN A 15 5.48 13.47 6.03
CA ASN A 15 6.02 14.80 6.28
C ASN A 15 5.03 15.76 5.73
N ASP A 16 4.56 15.48 4.50
CA ASP A 16 3.62 16.35 3.79
C ASP A 16 2.37 16.48 4.61
N ASN A 17 1.56 15.43 4.68
CA ASN A 17 0.36 15.51 5.46
C ASN A 17 0.09 14.15 6.00
N SER A 18 -1.06 14.06 6.72
CA SER A 18 -1.59 12.86 7.33
C SER A 18 -1.57 11.63 6.41
N LEU A 19 -2.00 10.47 6.99
CA LEU A 19 -1.79 9.17 6.39
C LEU A 19 -2.43 9.09 5.04
N GLY A 20 -3.74 9.33 5.02
CA GLY A 20 -4.60 9.31 3.84
C GLY A 20 -4.35 8.15 2.90
N ILE A 21 -4.28 6.90 3.41
CA ILE A 21 -4.24 5.74 2.53
C ILE A 21 -5.18 4.76 3.18
N CYS A 22 -5.76 3.85 2.40
CA CYS A 22 -6.48 2.73 2.95
C CYS A 22 -6.29 1.66 1.93
N VAL A 23 -6.60 0.42 2.30
CA VAL A 23 -6.15 -0.70 1.55
C VAL A 23 -7.24 -1.73 1.61
N THR A 24 -7.11 -2.75 0.76
CA THR A 24 -8.07 -3.79 0.58
C THR A 24 -7.21 -4.98 0.24
N GLY A 25 -7.76 -6.21 0.26
CA GLY A 25 -6.98 -7.39 -0.07
C GLY A 25 -6.97 -8.26 1.11
N GLY A 26 -6.14 -9.34 1.06
CA GLY A 26 -5.95 -10.14 2.23
C GLY A 26 -6.31 -11.56 1.94
N VAL A 27 -7.29 -12.07 2.72
CA VAL A 27 -7.63 -13.49 2.87
C VAL A 27 -8.24 -14.12 1.61
N ASN A 28 -8.06 -13.50 0.42
CA ASN A 28 -8.75 -13.92 -0.82
C ASN A 28 -10.06 -13.21 -0.89
N THR A 29 -9.92 -11.90 -1.07
CA THR A 29 -11.01 -11.03 -1.40
C THR A 29 -11.06 -11.11 -2.93
N SER A 30 -11.78 -10.18 -3.60
CA SER A 30 -11.93 -10.15 -5.06
C SER A 30 -10.60 -10.40 -5.79
N VAL A 31 -9.43 -10.01 -5.20
CA VAL A 31 -8.17 -10.21 -5.86
C VAL A 31 -7.67 -11.62 -5.50
N ARG A 32 -7.40 -12.44 -6.54
CA ARG A 32 -7.05 -13.84 -6.34
C ARG A 32 -5.66 -13.95 -5.78
N HIS A 33 -4.82 -12.91 -6.01
CA HIS A 33 -3.44 -12.88 -5.51
C HIS A 33 -3.48 -12.75 -4.00
N GLY A 34 -4.65 -12.34 -3.46
CA GLY A 34 -4.80 -12.06 -2.02
C GLY A 34 -3.92 -10.89 -1.61
N GLY A 35 -3.29 -10.22 -2.59
CA GLY A 35 -2.38 -9.13 -2.29
C GLY A 35 -3.16 -8.01 -1.74
N ILE A 36 -2.46 -7.09 -1.07
CA ILE A 36 -3.09 -5.95 -0.50
C ILE A 36 -3.03 -4.92 -1.59
N TYR A 37 -4.13 -4.23 -1.87
CA TYR A 37 -4.12 -3.24 -2.92
C TYR A 37 -4.58 -1.99 -2.28
N VAL A 38 -4.05 -0.85 -2.72
CA VAL A 38 -4.48 0.43 -2.25
C VAL A 38 -5.93 0.62 -2.67
N LYS A 39 -6.75 1.09 -1.72
CA LYS A 39 -8.18 1.11 -1.88
C LYS A 39 -8.55 2.52 -2.11
N ALA A 40 -8.05 3.42 -1.26
CA ALA A 40 -8.44 4.79 -1.33
C ALA A 40 -7.22 5.57 -1.08
N VAL A 41 -7.08 6.66 -1.81
CA VAL A 41 -6.03 7.59 -1.57
C VAL A 41 -6.74 8.90 -1.49
N ILE A 42 -6.46 9.71 -0.44
CA ILE A 42 -7.06 11.04 -0.33
C ILE A 42 -6.53 11.82 -1.50
N PRO A 43 -7.37 12.67 -2.11
CA PRO A 43 -6.89 13.69 -3.02
C PRO A 43 -5.96 14.58 -2.24
N GLN A 44 -4.66 14.53 -2.57
CA GLN A 44 -3.60 15.22 -1.85
C GLN A 44 -3.29 14.53 -0.54
N GLY A 45 -3.55 13.19 -0.41
CA GLY A 45 -3.04 12.48 0.76
C GLY A 45 -1.54 12.33 0.58
N ALA A 46 -0.84 11.82 1.63
CA ALA A 46 0.64 11.77 1.62
C ALA A 46 1.10 10.90 0.48
N ALA A 47 0.29 9.88 0.12
CA ALA A 47 0.63 8.95 -0.97
C ALA A 47 0.68 9.75 -2.25
N GLU A 48 -0.37 10.56 -2.51
CA GLU A 48 -0.49 11.30 -3.76
C GLU A 48 0.60 12.34 -3.82
N SER A 49 0.95 12.94 -2.67
CA SER A 49 1.96 13.97 -2.64
C SER A 49 3.29 13.35 -3.00
N ASP A 50 3.54 12.12 -2.51
CA ASP A 50 4.81 11.44 -2.77
C ASP A 50 4.85 11.04 -4.23
N GLY A 51 3.70 10.55 -4.74
CA GLY A 51 3.56 10.29 -6.17
C GLY A 51 3.85 8.84 -6.46
N ARG A 52 4.43 8.11 -5.50
CA ARG A 52 4.84 6.74 -5.77
C ARG A 52 3.68 5.82 -5.56
N ILE A 53 2.89 6.04 -4.50
CA ILE A 53 1.83 5.14 -4.19
C ILE A 53 0.59 5.72 -4.77
N HIS A 54 -0.13 4.92 -5.56
CA HIS A 54 -1.30 5.36 -6.25
C HIS A 54 -2.40 4.48 -5.81
N LYS A 55 -3.63 4.80 -6.26
CA LYS A 55 -4.75 3.89 -6.17
C LYS A 55 -4.43 2.73 -7.09
N GLY A 56 -4.70 1.49 -6.64
CA GLY A 56 -4.51 0.33 -7.49
C GLY A 56 -3.23 -0.33 -7.14
N ASP A 57 -2.32 0.41 -6.41
CA ASP A 57 -0.99 -0.12 -6.11
C ASP A 57 -1.11 -1.29 -5.22
N ARG A 58 -0.17 -2.27 -5.37
CA ARG A 58 -0.25 -3.50 -4.62
C ARG A 58 0.78 -3.41 -3.57
N VAL A 59 0.39 -3.60 -2.32
CA VAL A 59 1.32 -3.59 -1.22
C VAL A 59 1.46 -5.05 -0.84
N LEU A 60 2.66 -5.46 -0.44
CA LEU A 60 2.85 -6.80 0.05
C LEU A 60 3.25 -6.72 1.48
N ALA A 61 4.18 -5.81 1.80
CA ALA A 61 4.63 -5.73 3.18
C ALA A 61 4.56 -4.31 3.63
N VAL A 62 4.55 -4.18 4.96
CA VAL A 62 4.40 -2.91 5.60
C VAL A 62 5.38 -2.91 6.72
N ASN A 63 6.41 -2.11 6.57
CA ASN A 63 7.51 -1.94 7.52
C ASN A 63 8.06 -3.27 7.99
N GLY A 64 8.18 -4.23 7.05
CA GLY A 64 8.81 -5.51 7.35
C GLY A 64 7.80 -6.46 7.93
N VAL A 65 6.52 -6.03 7.98
CA VAL A 65 5.51 -6.86 8.52
C VAL A 65 4.82 -7.44 7.34
N SER A 66 4.78 -8.77 7.27
CA SER A 66 4.08 -9.43 6.22
C SER A 66 2.61 -9.22 6.46
N LEU A 67 1.99 -8.44 5.58
CA LEU A 67 0.56 -8.29 5.56
C LEU A 67 0.03 -9.29 4.57
N GLU A 68 0.91 -10.18 4.10
CA GLU A 68 0.50 -11.23 3.21
C GLU A 68 -0.43 -12.14 3.98
N GLY A 69 -1.57 -12.50 3.38
CA GLY A 69 -2.55 -13.39 4.02
C GLY A 69 -3.39 -12.65 5.05
N ALA A 70 -2.93 -11.45 5.52
CA ALA A 70 -3.62 -10.72 6.59
C ALA A 70 -5.00 -10.33 6.15
N THR A 71 -5.80 -9.80 7.09
CA THR A 71 -7.13 -9.42 6.78
C THR A 71 -7.07 -8.03 6.20
N HIS A 72 -8.15 -7.64 5.48
CA HIS A 72 -8.19 -6.35 4.84
C HIS A 72 -8.16 -5.29 5.90
N LYS A 73 -8.93 -5.51 6.99
CA LYS A 73 -8.95 -4.57 8.10
C LYS A 73 -7.56 -4.42 8.68
N GLN A 74 -6.78 -5.55 8.87
CA GLN A 74 -5.46 -5.47 9.51
C GLN A 74 -4.56 -4.60 8.68
N ALA A 75 -4.70 -4.68 7.35
CA ALA A 75 -3.85 -3.95 6.44
C ALA A 75 -4.02 -2.46 6.71
N VAL A 76 -5.25 -2.04 7.03
CA VAL A 76 -5.51 -0.64 7.31
C VAL A 76 -4.92 -0.34 8.69
N CYS A 77 -5.29 -1.21 9.71
CA CYS A 77 -4.86 -0.97 11.16
C CYS A 77 -3.33 -0.77 11.18
N THR A 78 -2.64 -1.44 10.23
CA THR A 78 -1.19 -1.47 10.24
C THR A 78 -0.69 -0.08 9.97
N LEU A 79 -1.15 0.52 8.87
CA LEU A 79 -0.72 1.87 8.48
C LEU A 79 -1.01 2.83 9.62
N ARG A 80 -2.26 2.87 10.06
CA ARG A 80 -2.66 3.66 11.25
C ARG A 80 -1.71 3.44 12.46
N ASN A 81 -1.08 2.25 12.56
CA ASN A 81 -0.25 1.91 13.71
C ASN A 81 1.22 2.28 13.43
N THR A 82 1.60 2.54 12.16
CA THR A 82 3.03 2.74 11.85
C THR A 82 3.43 4.17 12.18
N GLY A 83 4.77 4.43 12.11
CA GLY A 83 5.33 5.72 12.48
C GLY A 83 5.20 6.68 11.33
N GLN A 84 6.11 7.68 11.30
CA GLN A 84 6.03 8.77 10.35
C GLN A 84 6.59 8.29 9.05
N VAL A 85 7.61 7.43 9.12
CA VAL A 85 8.20 6.90 7.94
C VAL A 85 7.86 5.46 7.98
N VAL A 86 7.27 4.95 6.90
CA VAL A 86 6.85 3.60 6.86
C VAL A 86 7.53 3.06 5.66
N HIS A 87 8.04 1.85 5.76
CA HIS A 87 8.66 1.23 4.61
C HIS A 87 7.60 0.39 4.02
N LEU A 88 7.22 0.67 2.81
CA LEU A 88 6.15 -0.04 2.19
C LEU A 88 6.77 -0.75 1.05
N LEU A 89 6.39 -2.00 0.87
CA LEU A 89 6.96 -2.80 -0.16
C LEU A 89 5.87 -3.04 -1.11
N LEU A 90 6.10 -2.71 -2.38
CA LEU A 90 5.06 -2.78 -3.37
C LEU A 90 5.67 -3.41 -4.56
N GLU A 91 4.84 -3.93 -5.48
CA GLU A 91 5.39 -4.43 -6.70
C GLU A 91 4.50 -4.03 -7.80
N LYS A 92 5.07 -4.02 -8.98
CA LYS A 92 4.39 -3.70 -10.17
C LYS A 92 3.42 -4.80 -10.54
N GLY A 93 2.31 -4.34 -11.10
CA GLY A 93 1.23 -5.19 -11.52
C GLY A 93 0.01 -4.62 -10.90
N GLN A 94 0.00 -3.28 -10.80
CA GLN A 94 -1.05 -2.59 -10.13
C GLN A 94 -2.07 -2.28 -11.16
N SER A 95 -3.32 -2.18 -10.72
CA SER A 95 -4.44 -1.95 -11.59
C SER A 95 -4.49 -0.44 -11.82
N PRO A 96 -5.31 -0.01 -12.79
CA PRO A 96 -5.54 1.41 -13.04
C PRO A 96 -6.25 2.01 -11.84
N THR A 97 -6.35 3.33 -11.81
CA THR A 97 -6.94 4.04 -10.72
C THR A 97 -8.47 3.71 -10.68
C1 33B B . -10.20 4.22 3.95
C2 33B B . -11.01 4.50 5.20
O2 33B B . -11.52 5.60 5.36
N3 33B B . -11.16 3.44 6.09
C4 33B B . -11.88 3.50 7.45
C5 33B B . -12.41 4.74 7.96
C6 33B B . -12.08 2.29 8.26
S6 33B B . -11.47 0.63 7.81
C7 33B B . -13.09 4.78 9.18
C8 33B B . -12.80 2.40 9.48
C9 33B B . -13.30 3.62 9.93
N10 33B B . -14.12 3.70 11.21
N11 33B B . -13.79 3.25 12.35
C12 33B B . -12.51 2.50 12.66
C13 33B B . -12.46 1.11 12.53
C14 33B B . -11.39 3.19 13.13
C15 33B B . -11.31 0.39 12.83
C16 33B B . -10.19 2.51 13.48
C17 33B B . -10.14 1.05 13.30
S17 33B B . -8.83 3.49 14.20
N18 33B B . -8.86 0.26 13.60
C19 33B B . -8.71 -1.11 13.52
O19 33B B . -9.65 -1.90 13.38
C20 33B B . -7.28 -1.64 13.62
O61 33B B . -11.16 0.74 6.40
O62 33B B . -10.34 0.49 8.68
O63 33B B . -12.60 -0.21 8.13
O71 33B B . -7.64 2.75 13.86
O72 33B B . -8.95 4.76 13.54
O73 33B B . -9.16 3.49 15.61
HN3 33B B . -10.79 2.55 5.82
H5 33B B . -12.30 5.68 7.45
H7 33B B . -13.48 5.72 9.53
H8 33B B . -12.97 1.51 10.05
H1 33B B . -10.59 3.29 3.48
H13 33B B . -13.34 0.60 12.18
H14 33B B . -11.43 4.26 13.26
H15 33B B . -11.37 -0.67 12.67
HN18 33B B . -8.05 0.80 13.86
H20 33B B . -6.57 -0.80 13.74
H1A 33B B . -10.34 5.04 3.22
H20A 33B B . -7.18 -2.30 14.50
#